data_4TO5
#
_entry.id   4TO5
#
_cell.length_a   86.459
_cell.length_b   145.121
_cell.length_c   98.233
_cell.angle_alpha   90.000
_cell.angle_beta   114.130
_cell.angle_gamma   90.000
#
_symmetry.space_group_name_H-M   'P 1 21 1'
#
loop_
_entity.id
_entity.type
_entity.pdbx_description
1 polymer 'Deoxynucleoside triphosphate triphosphohydrolase SAMHD1'
2 non-polymer "2'-DEOXYCYTIDINE-5'-TRIPHOSPHATE"
3 non-polymer "GUANOSINE-5'-TRIPHOSPHATE"
4 non-polymer "THYMIDINE-5'-TRIPHOSPHATE"
5 non-polymer 'MAGNESIUM ION'
6 water water
#
_entity_poly.entity_id   1
_entity_poly.type   'polypeptide(L)'
_entity_poly.pdbx_seq_one_letter_code
;DTMKVINDPIHGHIELHPLLVRIIDTPQFQRLRYIKQLGGGYYVFPGASHNRFEHSLGVGYLAGCLVHALGEKQPELQIS
ERDVLCVQIAGLCRNLGHGPFSHMFDGRFIPLARPEVKWTHEQGSVMMFEHLINSNGIKPVMEQYGLIPEEDICFIKEQI
VGPLESPVEDSLWPYKGRPENKSFLYEIVSNKRNGIDVDKWDYFARDCHHLGIQNNFDYKRFIKFARVCEVDNELRICAR
DKEVGNLYDMFHTRNSLHRRAYQHKVGNIIDTMITDAFLKADDYIEITGAGGKKYRISTAIDDMEAYTKLTDNIFLEILY
STDPKLKDAREILKQIEYRNLFKYVGETQPTGQIKIKREDYESLPKEVASAKPKVLLDVKLKAEDFIVDVINMDYGMQEK
NPIDHVSFYCKTAPNRAIRITKNQVSQLLPEKFAEQLIRVYCKKVDRKSLYAARQYFVQWCADRNFTKPQDGDVIAPLIT
PQKKEWNDSTSVQNPTRLREASKSRVQLFKDDPM
;
_entity_poly.pdbx_strand_id   A,C,D,B
#
# COMPACT_ATOMS: atom_id res chain seq x y z
N THR A 2 -18.97 -10.78 24.01
CA THR A 2 -18.08 -9.83 24.72
C THR A 2 -17.26 -8.95 23.75
N MET A 3 -16.07 -9.39 23.31
CA MET A 3 -15.17 -8.52 22.50
C MET A 3 -15.83 -8.18 21.18
N LYS A 4 -15.66 -6.94 20.72
CA LYS A 4 -16.10 -6.58 19.38
C LYS A 4 -14.88 -6.43 18.49
N VAL A 5 -15.00 -6.84 17.24
CA VAL A 5 -13.96 -6.68 16.28
C VAL A 5 -14.36 -5.60 15.29
N ILE A 6 -13.43 -4.73 14.96
CA ILE A 6 -13.69 -3.68 13.98
C ILE A 6 -12.61 -3.69 12.93
N ASN A 7 -12.98 -3.53 11.67
CA ASN A 7 -11.97 -3.38 10.62
C ASN A 7 -11.60 -1.94 10.37
N ASP A 8 -10.38 -1.61 10.75
CA ASP A 8 -9.82 -0.27 10.53
C ASP A 8 -8.83 -0.37 9.41
N PRO A 9 -8.92 0.53 8.42
CA PRO A 9 -8.04 0.42 7.28
C PRO A 9 -6.55 0.63 7.64
N ILE A 10 -6.27 1.33 8.72
CA ILE A 10 -4.91 1.52 9.14
C ILE A 10 -4.37 0.33 9.90
N HIS A 11 -5.12 -0.16 10.87
CA HIS A 11 -4.61 -1.19 11.77
C HIS A 11 -5.11 -2.59 11.43
N GLY A 12 -6.10 -2.70 10.57
CA GLY A 12 -6.75 -3.98 10.28
C GLY A 12 -7.76 -4.29 11.34
N HIS A 13 -7.91 -5.56 11.66
CA HIS A 13 -8.96 -6.00 12.59
C HIS A 13 -8.55 -5.87 14.03
N ILE A 14 -9.22 -5.00 14.78
CA ILE A 14 -8.82 -4.76 16.15
C ILE A 14 -9.95 -5.19 17.07
N GLU A 15 -9.58 -5.73 18.23
CA GLU A 15 -10.56 -6.16 19.22
C GLU A 15 -10.81 -5.07 20.21
N LEU A 16 -12.07 -4.89 20.57
CA LEU A 16 -12.45 -3.92 21.59
C LEU A 16 -13.16 -4.57 22.75
N HIS A 17 -12.67 -4.28 23.95
CA HIS A 17 -13.28 -4.80 25.17
C HIS A 17 -14.69 -4.20 25.35
N PRO A 18 -15.63 -4.98 25.93
CA PRO A 18 -17.02 -4.55 26.03
C PRO A 18 -17.23 -3.22 26.71
N LEU A 19 -16.46 -2.96 27.75
CA LEU A 19 -16.45 -1.68 28.39
C LEU A 19 -16.15 -0.54 27.41
N LEU A 20 -15.17 -0.75 26.55
CA LEU A 20 -14.80 0.26 25.57
C LEU A 20 -15.93 0.48 24.57
N VAL A 21 -16.58 -0.61 24.19
CA VAL A 21 -17.75 -0.54 23.31
C VAL A 21 -18.86 0.30 23.93
N ARG A 22 -19.09 0.09 25.22
CA ARG A 22 -20.14 0.84 25.90
C ARG A 22 -19.85 2.33 25.90
N ILE A 23 -18.57 2.68 26.06
CA ILE A 23 -18.16 4.08 26.03
C ILE A 23 -18.38 4.67 24.64
N ILE A 24 -18.05 3.88 23.64
CA ILE A 24 -18.12 4.30 22.25
C ILE A 24 -19.54 4.53 21.82
N ASP A 25 -20.46 3.69 22.29
CA ASP A 25 -21.85 3.75 21.82
C ASP A 25 -22.69 4.74 22.62
N THR A 26 -22.24 6.00 22.61
CA THR A 26 -22.89 7.10 23.32
C THR A 26 -22.91 8.34 22.42
N PRO A 27 -23.84 9.25 22.65
CA PRO A 27 -23.87 10.46 21.82
C PRO A 27 -22.60 11.26 21.92
N GLN A 28 -21.95 11.20 23.09
CA GLN A 28 -20.76 12.00 23.33
C GLN A 28 -19.59 11.53 22.49
N PHE A 29 -19.52 10.22 22.28
CA PHE A 29 -18.46 9.68 21.49
C PHE A 29 -18.77 9.71 20.02
N GLN A 30 -20.00 9.37 19.70
CA GLN A 30 -20.43 9.28 18.29
C GLN A 30 -20.37 10.61 17.57
N ARG A 31 -20.48 11.66 18.37
CA ARG A 31 -20.30 13.02 17.91
C ARG A 31 -19.02 13.21 17.09
N LEU A 32 -17.97 12.50 17.47
CA LEU A 32 -16.72 12.54 16.73
C LEU A 32 -16.79 12.08 15.27
N ARG A 33 -17.85 11.39 14.89
CA ARG A 33 -18.07 11.08 13.47
C ARG A 33 -18.30 12.34 12.62
N TYR A 34 -18.65 13.46 13.24
CA TYR A 34 -19.12 14.61 12.51
C TYR A 34 -18.19 15.74 12.69
N ILE A 35 -16.94 15.39 12.98
CA ILE A 35 -15.88 16.39 13.07
C ILE A 35 -14.68 15.93 12.30
N LYS A 36 -14.38 16.65 11.21
CA LYS A 36 -13.21 16.34 10.37
C LYS A 36 -11.90 16.47 11.14
N GLN A 37 -11.03 15.48 10.94
CA GLN A 37 -9.74 15.42 11.59
C GLN A 37 -8.89 16.65 11.24
N LEU A 38 -8.89 17.00 9.95
CA LEU A 38 -8.07 18.09 9.46
C LEU A 38 -8.84 19.35 9.08
N GLY A 39 -10.10 19.45 9.47
CA GLY A 39 -10.92 20.64 9.17
C GLY A 39 -10.91 21.10 7.71
N GLY A 40 -10.42 22.31 7.48
CA GLY A 40 -10.34 22.88 6.13
C GLY A 40 -9.45 22.15 5.16
N GLY A 41 -8.60 21.28 5.67
CA GLY A 41 -7.69 20.51 4.84
C GLY A 41 -8.38 19.70 3.77
N TYR A 42 -9.60 19.27 4.06
CA TYR A 42 -10.37 18.48 3.13
C TYR A 42 -10.68 19.29 1.89
N TYR A 43 -10.74 20.60 2.07
CA TYR A 43 -11.00 21.48 0.95
C TYR A 43 -9.75 21.71 0.10
N VAL A 44 -8.62 21.14 0.54
CA VAL A 44 -7.39 21.13 -0.26
C VAL A 44 -6.98 19.70 -0.64
N PHE A 45 -7.06 18.76 0.30
CA PHE A 45 -6.81 17.34 0.04
C PHE A 45 -8.16 16.57 0.06
N PRO A 46 -8.68 16.18 -1.10
CA PRO A 46 -9.93 15.53 -1.14
C PRO A 46 -9.95 14.13 -0.55
N GLY A 47 -8.79 13.55 -0.31
CA GLY A 47 -8.71 12.28 0.41
C GLY A 47 -9.02 12.40 1.90
N ALA A 48 -8.87 13.62 2.44
CA ALA A 48 -8.95 13.85 3.88
C ALA A 48 -10.38 14.09 4.38
N SER A 49 -11.19 13.08 4.13
CA SER A 49 -12.56 13.00 4.58
C SER A 49 -12.69 12.45 6.02
N HIS A 50 -11.60 11.93 6.55
CA HIS A 50 -11.66 11.26 7.84
C HIS A 50 -11.99 12.19 9.02
N ASN A 51 -12.66 11.60 10.01
CA ASN A 51 -13.12 12.30 11.17
C ASN A 51 -12.43 11.83 12.43
N ARG A 52 -12.64 12.57 13.49
CA ARG A 52 -12.04 12.28 14.76
C ARG A 52 -12.34 10.88 15.29
N PHE A 53 -13.52 10.40 14.94
CA PHE A 53 -14.04 9.12 15.45
C PHE A 53 -13.08 7.97 15.19
N GLU A 54 -12.73 7.77 13.92
CA GLU A 54 -11.88 6.65 13.54
C GLU A 54 -10.45 6.82 14.06
N HIS A 55 -9.97 8.05 14.12
CA HIS A 55 -8.67 8.33 14.69
C HIS A 55 -8.68 7.93 16.17
N SER A 56 -9.78 8.24 16.87
CA SER A 56 -9.87 7.90 18.29
C SER A 56 -9.78 6.39 18.55
N LEU A 57 -10.48 5.62 17.73
CA LEU A 57 -10.34 4.19 17.82
C LEU A 57 -8.87 3.76 17.67
N GLY A 58 -8.19 4.32 16.69
CA GLY A 58 -6.82 3.97 16.44
C GLY A 58 -5.91 4.28 17.62
N VAL A 59 -6.13 5.44 18.26
CA VAL A 59 -5.28 5.85 19.39
C VAL A 59 -5.50 4.87 20.53
N GLY A 60 -6.77 4.56 20.80
CA GLY A 60 -7.11 3.63 21.86
C GLY A 60 -6.52 2.25 21.62
N TYR A 61 -6.56 1.79 20.37
CA TYR A 61 -6.00 0.49 20.05
C TYR A 61 -4.47 0.50 20.24
N LEU A 62 -3.80 1.55 19.77
CA LEU A 62 -2.33 1.62 19.91
C LEU A 62 -1.91 1.75 21.35
N ALA A 63 -2.70 2.48 22.13
CA ALA A 63 -2.41 2.58 23.56
C ALA A 63 -2.40 1.21 24.19
N GLY A 64 -3.36 0.40 23.79
CA GLY A 64 -3.41 -0.97 24.23
C GLY A 64 -2.28 -1.82 23.77
N CYS A 65 -1.91 -1.67 22.51
CA CYS A 65 -0.74 -2.39 21.98
C CYS A 65 0.50 -2.16 22.81
N LEU A 66 0.74 -0.89 23.15
CA LEU A 66 1.97 -0.55 23.83
C LEU A 66 1.98 -1.10 25.24
N VAL A 67 0.89 -0.87 25.96
CA VAL A 67 0.86 -1.32 27.33
C VAL A 67 0.93 -2.85 27.37
N HIS A 68 0.25 -3.53 26.44
CA HIS A 68 0.31 -5.01 26.39
C HIS A 68 1.72 -5.48 26.18
N ALA A 69 2.39 -4.88 25.21
CA ALA A 69 3.79 -5.24 24.91
C ALA A 69 4.72 -5.12 26.10
N LEU A 70 4.60 -4.02 26.83
CA LEU A 70 5.42 -3.80 28.01
C LEU A 70 5.15 -4.85 29.08
N GLY A 71 3.87 -5.18 29.28
CA GLY A 71 3.44 -6.20 30.25
C GLY A 71 3.96 -7.57 29.95
N GLU A 72 3.91 -7.97 28.67
CA GLU A 72 4.44 -9.28 28.27
C GLU A 72 5.91 -9.36 28.51
N LYS A 73 6.61 -8.31 28.10
CA LYS A 73 8.08 -8.26 28.16
C LYS A 73 8.60 -8.16 29.56
N GLN A 74 7.88 -7.46 30.43
CA GLN A 74 8.35 -7.18 31.77
C GLN A 74 7.23 -7.40 32.79
N PRO A 75 6.94 -8.67 33.12
CA PRO A 75 5.94 -9.03 34.11
C PRO A 75 6.16 -8.31 35.43
N GLU A 76 7.41 -8.06 35.77
CA GLU A 76 7.77 -7.42 37.02
C GLU A 76 7.14 -6.03 37.20
N LEU A 77 6.74 -5.41 36.10
CA LEU A 77 6.07 -4.13 36.17
C LEU A 77 4.69 -4.23 36.87
N GLN A 78 4.15 -5.43 36.99
CA GLN A 78 2.87 -5.66 37.64
C GLN A 78 1.73 -4.96 36.93
N ILE A 79 1.80 -4.87 35.61
CA ILE A 79 0.75 -4.20 34.88
C ILE A 79 -0.51 -5.08 34.96
N SER A 80 -1.63 -4.51 35.36
CA SER A 80 -2.88 -5.26 35.50
C SER A 80 -3.84 -5.01 34.34
N GLU A 81 -4.81 -5.91 34.17
CA GLU A 81 -5.81 -5.70 33.12
C GLU A 81 -6.56 -4.40 33.37
N ARG A 82 -6.77 -4.09 34.65
CA ARG A 82 -7.31 -2.80 35.06
C ARG A 82 -6.52 -1.63 34.49
N ASP A 83 -5.19 -1.71 34.61
CA ASP A 83 -4.29 -0.71 34.03
C ASP A 83 -4.45 -0.59 32.50
N VAL A 84 -4.48 -1.74 31.84
CA VAL A 84 -4.61 -1.77 30.39
C VAL A 84 -5.90 -1.09 29.93
N LEU A 85 -7.01 -1.40 30.57
CA LEU A 85 -8.27 -0.78 30.20
C LEU A 85 -8.28 0.73 30.40
N CYS A 86 -7.72 1.18 31.51
CA CYS A 86 -7.66 2.61 31.79
C CYS A 86 -6.86 3.37 30.74
N VAL A 87 -5.77 2.75 30.29
CA VAL A 87 -4.94 3.37 29.26
C VAL A 87 -5.69 3.41 27.92
N GLN A 88 -6.36 2.32 27.58
CA GLN A 88 -7.19 2.31 26.37
C GLN A 88 -8.32 3.35 26.38
N ILE A 89 -8.95 3.51 27.53
CA ILE A 89 -10.01 4.51 27.63
C ILE A 89 -9.48 5.93 27.44
N ALA A 90 -8.36 6.21 28.09
CA ALA A 90 -7.70 7.51 27.90
C ALA A 90 -7.33 7.74 26.43
N GLY A 91 -6.77 6.73 25.79
CA GLY A 91 -6.48 6.80 24.36
C GLY A 91 -7.70 7.12 23.49
N LEU A 92 -8.82 6.39 23.75
CA LEU A 92 -10.09 6.61 23.05
C LEU A 92 -10.63 8.00 23.23
N CYS A 93 -10.49 8.50 24.44
CA CYS A 93 -11.21 9.69 24.83
C CYS A 93 -10.41 10.97 24.78
N ARG A 94 -9.13 10.90 24.43
CA ARG A 94 -8.31 12.11 24.42
C ARG A 94 -8.73 13.11 23.31
N ASN A 95 -9.51 12.66 22.33
CA ASN A 95 -10.02 13.57 21.29
C ASN A 95 -11.49 14.03 21.51
N LEU A 96 -12.09 13.67 22.64
CA LEU A 96 -13.49 13.98 22.89
C LEU A 96 -13.81 15.47 22.88
N GLY A 97 -12.84 16.30 23.24
CA GLY A 97 -13.06 17.73 23.43
C GLY A 97 -12.96 18.59 22.19
N HIS A 98 -12.60 17.99 21.06
CA HIS A 98 -12.50 18.73 19.82
C HIS A 98 -13.85 19.28 19.38
N GLY A 99 -13.81 20.43 18.74
CA GLY A 99 -14.98 21.13 18.26
C GLY A 99 -14.96 21.18 16.76
N PRO A 100 -15.91 21.91 16.17
CA PRO A 100 -16.10 21.91 14.73
C PRO A 100 -14.79 22.17 14.03
N PHE A 101 -14.47 21.35 13.03
CA PHE A 101 -13.24 21.49 12.26
C PHE A 101 -11.96 21.38 13.07
N SER A 102 -12.03 20.66 14.19
CA SER A 102 -10.88 20.37 15.00
C SER A 102 -10.08 21.61 15.38
N HIS A 103 -8.83 21.71 14.92
CA HIS A 103 -7.90 22.73 15.45
C HIS A 103 -8.34 24.14 15.15
N MET A 104 -9.15 24.31 14.12
CA MET A 104 -9.73 25.62 13.82
C MET A 104 -10.45 26.18 15.03
N PHE A 105 -11.17 25.31 15.73
CA PHE A 105 -12.07 25.75 16.79
C PHE A 105 -11.30 26.25 17.99
N ASP A 106 -10.40 25.41 18.48
CA ASP A 106 -9.58 25.81 19.61
C ASP A 106 -8.46 26.77 19.19
N GLY A 107 -7.93 26.62 17.98
CA GLY A 107 -6.81 27.42 17.51
C GLY A 107 -7.16 28.81 17.00
N ARG A 108 -8.33 28.96 16.38
CA ARG A 108 -8.71 30.25 15.79
C ARG A 108 -9.97 30.85 16.41
N PHE A 109 -11.08 30.07 16.45
CA PHE A 109 -12.38 30.64 16.80
C PHE A 109 -12.52 31.07 18.26
N ILE A 110 -12.27 30.15 19.18
CA ILE A 110 -12.44 30.44 20.58
C ILE A 110 -11.53 31.57 21.06
N PRO A 111 -10.22 31.57 20.68
CA PRO A 111 -9.35 32.66 21.10
C PRO A 111 -9.85 34.02 20.68
N LEU A 112 -10.46 34.12 19.50
CA LEU A 112 -11.06 35.38 19.06
C LEU A 112 -12.44 35.64 19.68
N ALA A 113 -13.29 34.61 19.78
CA ALA A 113 -14.63 34.79 20.33
C ALA A 113 -14.60 35.02 21.85
N ARG A 114 -13.71 34.31 22.55
CA ARG A 114 -13.61 34.40 24.00
C ARG A 114 -12.17 34.49 24.47
N PRO A 115 -11.56 35.67 24.23
CA PRO A 115 -10.15 35.94 24.55
C PRO A 115 -9.82 35.81 26.02
N GLU A 116 -10.74 36.18 26.90
CA GLU A 116 -10.48 36.11 28.36
C GLU A 116 -10.25 34.69 28.81
N VAL A 117 -11.01 33.77 28.25
CA VAL A 117 -10.99 32.39 28.63
C VAL A 117 -9.77 31.75 27.99
N LYS A 118 -9.14 30.80 28.67
CA LYS A 118 -8.18 29.91 27.99
C LYS A 118 -8.74 28.52 27.94
N TRP A 119 -8.88 28.01 26.72
CA TRP A 119 -9.56 26.75 26.48
C TRP A 119 -8.74 25.93 25.53
N THR A 120 -8.76 24.64 25.75
CA THR A 120 -8.05 23.73 24.90
C THR A 120 -8.95 22.55 24.70
N HIS A 121 -8.77 21.87 23.59
CA HIS A 121 -9.47 20.63 23.36
C HIS A 121 -9.21 19.60 24.50
N GLU A 122 -8.02 19.60 25.07
CA GLU A 122 -7.70 18.68 26.16
C GLU A 122 -8.62 18.90 27.35
N GLN A 123 -8.86 20.15 27.70
CA GLN A 123 -9.76 20.46 28.81
C GLN A 123 -11.16 20.00 28.46
N GLY A 124 -11.53 20.23 27.21
CA GLY A 124 -12.82 19.79 26.71
C GLY A 124 -12.99 18.29 26.79
N SER A 125 -11.92 17.56 26.48
CA SER A 125 -11.96 16.12 26.50
C SER A 125 -12.29 15.62 27.92
N VAL A 126 -11.67 16.21 28.92
CA VAL A 126 -11.92 15.83 30.30
C VAL A 126 -13.36 16.12 30.71
N MET A 127 -13.85 17.29 30.34
CA MET A 127 -15.22 17.64 30.68
C MET A 127 -16.22 16.76 29.97
N MET A 128 -15.97 16.50 28.70
CA MET A 128 -16.83 15.62 27.92
C MET A 128 -16.83 14.24 28.48
N PHE A 129 -15.66 13.78 28.87
CA PHE A 129 -15.53 12.46 29.45
C PHE A 129 -16.40 12.33 30.70
N GLU A 130 -16.38 13.34 31.57
CA GLU A 130 -17.20 13.33 32.81
C GLU A 130 -18.65 13.27 32.44
N HIS A 131 -19.03 14.07 31.45
CA HIS A 131 -20.42 14.11 31.03
C HIS A 131 -20.84 12.77 30.43
N LEU A 132 -19.95 12.18 29.65
CA LEU A 132 -20.22 10.89 29.05
C LEU A 132 -20.46 9.85 30.13
N ILE A 133 -19.58 9.80 31.12
CA ILE A 133 -19.68 8.81 32.20
C ILE A 133 -20.98 8.98 32.95
N ASN A 134 -21.28 10.21 33.32
CA ASN A 134 -22.46 10.48 34.16
C ASN A 134 -23.77 10.33 33.41
N SER A 135 -23.81 10.78 32.16
CA SER A 135 -25.03 10.68 31.33
C SER A 135 -25.42 9.26 30.98
N ASN A 136 -24.47 8.34 30.97
CA ASN A 136 -24.74 7.03 30.45
C ASN A 136 -24.54 5.91 31.47
N GLY A 137 -24.46 6.25 32.75
CA GLY A 137 -24.33 5.24 33.80
C GLY A 137 -23.14 4.30 33.65
N ILE A 138 -22.00 4.84 33.24
CA ILE A 138 -20.80 4.01 32.97
C ILE A 138 -20.12 3.47 34.23
N LYS A 139 -20.15 4.23 35.33
CA LYS A 139 -19.44 3.82 36.55
C LYS A 139 -19.79 2.41 37.02
N PRO A 140 -21.10 2.05 37.06
CA PRO A 140 -21.48 0.68 37.41
C PRO A 140 -20.87 -0.36 36.48
N VAL A 141 -20.81 -0.03 35.20
CA VAL A 141 -20.21 -0.93 34.23
C VAL A 141 -18.70 -1.06 34.47
N MET A 142 -18.03 0.04 34.82
CA MET A 142 -16.61 -0.01 35.16
C MET A 142 -16.33 -0.94 36.32
N GLU A 143 -17.17 -0.88 37.35
CA GLU A 143 -16.98 -1.70 38.51
C GLU A 143 -17.21 -3.16 38.14
N GLN A 144 -18.19 -3.41 37.29
CA GLN A 144 -18.47 -4.75 36.80
C GLN A 144 -17.23 -5.39 36.18
N TYR A 145 -16.39 -4.60 35.54
CA TYR A 145 -15.19 -5.14 34.92
C TYR A 145 -13.93 -4.90 35.76
N GLY A 146 -14.12 -4.57 37.04
CA GLY A 146 -13.02 -4.53 38.00
C GLY A 146 -12.30 -3.21 38.15
N LEU A 147 -12.80 -2.16 37.52
CA LEU A 147 -12.22 -0.85 37.69
C LEU A 147 -12.74 -0.24 38.97
N ILE A 148 -11.94 0.67 39.53
CA ILE A 148 -12.32 1.44 40.74
C ILE A 148 -12.51 2.89 40.32
N PRO A 149 -13.76 3.30 40.06
CA PRO A 149 -14.02 4.61 39.47
C PRO A 149 -13.30 5.81 40.09
N GLU A 150 -13.22 5.90 41.41
CA GLU A 150 -12.61 7.08 42.02
C GLU A 150 -11.19 7.25 41.54
N GLU A 151 -10.39 6.20 41.72
CA GLU A 151 -9.00 6.21 41.32
C GLU A 151 -8.83 6.26 39.81
N ASP A 152 -9.62 5.44 39.12
CA ASP A 152 -9.38 5.20 37.70
C ASP A 152 -9.87 6.35 36.83
N ILE A 153 -10.95 6.99 37.22
CA ILE A 153 -11.44 8.14 36.47
C ILE A 153 -10.44 9.25 36.64
N CYS A 154 -9.91 9.41 37.84
CA CYS A 154 -8.83 10.36 38.04
C CYS A 154 -7.65 10.06 37.12
N PHE A 155 -7.24 8.80 37.11
CA PHE A 155 -6.09 8.34 36.31
C PHE A 155 -6.28 8.67 34.83
N ILE A 156 -7.48 8.38 34.34
CA ILE A 156 -7.80 8.61 32.95
C ILE A 156 -7.73 10.09 32.61
N LYS A 157 -8.31 10.94 33.45
CA LYS A 157 -8.30 12.38 33.22
C LYS A 157 -6.88 12.90 33.26
N GLU A 158 -6.07 12.37 34.16
CA GLU A 158 -4.68 12.78 34.27
C GLU A 158 -3.87 12.43 33.03
N GLN A 159 -4.15 11.27 32.44
CA GLN A 159 -3.47 10.86 31.23
C GLN A 159 -3.75 11.83 30.09
N ILE A 160 -4.94 12.39 30.08
CA ILE A 160 -5.36 13.26 28.99
C ILE A 160 -4.85 14.65 29.18
N VAL A 161 -4.94 15.16 30.40
CA VAL A 161 -4.70 16.58 30.63
C VAL A 161 -3.50 16.89 31.55
N GLY A 162 -2.87 15.86 32.09
CA GLY A 162 -1.81 16.04 33.07
C GLY A 162 -2.38 16.18 34.47
N PRO A 163 -1.55 16.57 35.45
CA PRO A 163 -2.02 16.71 36.81
C PRO A 163 -3.18 17.67 36.91
N LEU A 164 -4.15 17.30 37.74
CA LEU A 164 -5.29 18.16 37.98
C LEU A 164 -4.92 19.29 38.95
N GLU A 165 -3.94 19.08 39.83
CA GLU A 165 -3.14 20.21 40.39
C GLU A 165 -2.26 20.89 39.32
N SER A 171 5.13 18.60 44.65
CA SER A 171 5.67 17.34 44.16
C SER A 171 5.92 16.39 45.36
N LEU A 172 6.83 15.43 45.22
CA LEU A 172 7.55 15.21 43.99
C LEU A 172 6.61 14.63 42.94
N TRP A 173 5.79 13.67 43.36
CA TRP A 173 4.82 12.99 42.48
C TRP A 173 3.45 13.67 42.48
N PRO A 174 3.08 14.30 41.36
CA PRO A 174 1.86 15.13 41.29
C PRO A 174 0.60 14.37 40.88
N TYR A 175 0.71 13.07 40.63
CA TYR A 175 -0.40 12.31 40.13
C TYR A 175 -1.04 11.54 41.28
N LYS A 176 -2.37 11.46 41.21
CA LYS A 176 -3.13 10.74 42.19
C LYS A 176 -3.71 9.43 41.65
N GLY A 177 -3.87 9.32 40.34
CA GLY A 177 -4.51 8.15 39.74
C GLY A 177 -3.69 6.88 39.85
N ARG A 178 -2.37 7.04 39.80
CA ARG A 178 -1.45 5.92 39.98
C ARG A 178 -0.20 6.41 40.68
N PRO A 179 0.52 5.50 41.36
CA PRO A 179 1.74 5.88 42.08
C PRO A 179 2.98 5.90 41.20
N GLU A 180 4.10 6.33 41.77
CA GLU A 180 5.36 6.48 41.07
C GLU A 180 5.85 5.23 40.33
N ASN A 181 5.62 4.07 40.91
CA ASN A 181 6.02 2.80 40.30
C ASN A 181 5.33 2.54 38.96
N LYS A 182 4.16 3.15 38.75
CA LYS A 182 3.45 3.04 37.49
C LYS A 182 3.60 4.29 36.62
N SER A 183 4.64 5.07 36.87
CA SER A 183 4.86 6.35 36.18
C SER A 183 4.89 6.24 34.65
N PHE A 184 5.47 5.17 34.17
CA PHE A 184 5.56 4.90 32.74
C PHE A 184 4.21 4.89 32.03
N LEU A 185 3.14 4.53 32.74
CA LEU A 185 1.82 4.54 32.13
C LEU A 185 1.38 5.91 31.62
N TYR A 186 1.87 6.97 32.27
CA TYR A 186 1.51 8.33 31.87
C TYR A 186 2.24 8.81 30.62
N GLU A 187 3.12 7.98 30.07
CA GLU A 187 3.85 8.34 28.86
C GLU A 187 3.23 7.81 27.58
N ILE A 188 2.12 7.08 27.69
CA ILE A 188 1.56 6.36 26.54
C ILE A 188 0.61 7.18 25.67
N VAL A 189 -0.40 7.77 26.29
CA VAL A 189 -1.45 8.42 25.51
C VAL A 189 -1.11 9.84 25.14
N SER A 190 -0.63 10.57 26.12
CA SER A 190 -0.27 11.94 25.92
C SER A 190 0.99 12.27 26.70
N ASN A 191 2.11 12.27 26.00
CA ASN A 191 3.41 12.32 26.63
C ASN A 191 3.88 13.74 26.83
N LYS A 192 3.74 14.26 28.05
CA LYS A 192 4.07 15.66 28.32
C LYS A 192 5.56 15.91 28.36
N ARG A 193 6.34 14.86 28.61
CA ARG A 193 7.78 14.96 28.72
C ARG A 193 8.45 15.25 27.37
N ASN A 194 8.07 14.53 26.33
CA ASN A 194 8.71 14.69 25.01
C ASN A 194 7.81 14.57 23.78
N GLY A 195 6.52 14.35 24.00
CA GLY A 195 5.52 14.26 22.93
C GLY A 195 5.48 12.97 22.13
N ILE A 196 6.23 11.96 22.56
CA ILE A 196 6.28 10.70 21.83
C ILE A 196 5.23 9.82 22.39
N ASP A 197 4.11 9.75 21.68
CA ASP A 197 2.94 9.02 22.16
C ASP A 197 2.13 8.44 21.02
N VAL A 198 1.15 7.63 21.38
CA VAL A 198 0.38 6.86 20.40
C VAL A 198 -0.59 7.69 19.58
N ASP A 199 -0.91 8.89 20.05
CA ASP A 199 -1.74 9.78 19.26
C ASP A 199 -1.08 10.11 17.92
N LYS A 200 0.20 10.51 17.98
CA LYS A 200 1.00 10.83 16.80
C LYS A 200 1.11 9.65 15.90
N TRP A 201 1.35 8.49 16.48
CA TRP A 201 1.54 7.28 15.70
C TRP A 201 0.33 6.98 14.84
N ASP A 202 -0.88 7.09 15.43
CA ASP A 202 -2.02 6.89 14.63
C ASP A 202 -2.17 7.97 13.58
N TYR A 203 -2.10 9.25 13.96
CA TYR A 203 -2.42 10.27 12.95
C TYR A 203 -1.42 10.29 11.80
N PHE A 204 -0.15 9.96 12.05
CA PHE A 204 0.83 9.88 10.95
C PHE A 204 0.37 8.88 9.91
N ALA A 205 0.07 7.67 10.35
CA ALA A 205 -0.34 6.61 9.43
C ALA A 205 -1.68 6.97 8.79
N ARG A 206 -2.63 7.43 9.62
CA ARG A 206 -3.98 7.66 9.12
C ARG A 206 -4.02 8.83 8.14
N ASP A 207 -3.41 9.94 8.54
CA ASP A 207 -3.45 11.12 7.70
C ASP A 207 -2.72 10.82 6.36
N CYS A 208 -1.61 10.09 6.41
CA CYS A 208 -0.87 9.80 5.17
C CYS A 208 -1.67 8.93 4.22
N HIS A 209 -2.29 7.89 4.75
CA HIS A 209 -3.26 7.08 4.00
C HIS A 209 -4.35 7.93 3.29
N HIS A 210 -4.92 8.89 4.00
CA HIS A 210 -5.97 9.70 3.44
C HIS A 210 -5.46 10.86 2.60
N LEU A 211 -4.34 11.46 3.00
CA LEU A 211 -3.76 12.63 2.28
C LEU A 211 -3.16 12.23 0.95
N GLY A 212 -2.62 11.02 0.91
CA GLY A 212 -2.02 10.51 -0.30
C GLY A 212 -0.53 10.79 -0.28
N ILE A 213 0.09 10.75 0.90
CA ILE A 213 1.52 10.92 1.00
C ILE A 213 2.09 9.66 1.69
N GLN A 214 3.16 9.09 1.12
CA GLN A 214 3.71 7.80 1.59
C GLN A 214 4.43 7.85 2.94
N ASN A 215 4.90 9.03 3.36
CA ASN A 215 5.58 9.14 4.68
C ASN A 215 4.81 8.62 5.90
N ASN A 216 5.47 7.85 6.77
CA ASN A 216 4.95 7.61 8.12
C ASN A 216 6.05 7.04 8.99
N PHE A 217 5.73 6.87 10.26
CA PHE A 217 6.66 6.42 11.29
C PHE A 217 6.31 5.00 11.66
N ASP A 218 7.33 4.15 11.76
CA ASP A 218 7.12 2.76 12.06
C ASP A 218 6.98 2.55 13.57
N TYR A 219 5.74 2.65 14.05
CA TYR A 219 5.49 2.52 15.47
C TYR A 219 5.60 1.08 15.90
N LYS A 220 5.24 0.16 15.01
CA LYS A 220 5.29 -1.24 15.35
C LYS A 220 6.72 -1.68 15.68
N ARG A 221 7.69 -1.19 14.90
CA ARG A 221 9.10 -1.42 15.21
C ARG A 221 9.44 -0.85 16.55
N PHE A 222 9.04 0.41 16.75
CA PHE A 222 9.38 1.09 17.97
C PHE A 222 8.85 0.40 19.23
N ILE A 223 7.62 -0.07 19.16
CA ILE A 223 7.04 -0.83 20.25
C ILE A 223 7.87 -2.07 20.58
N LYS A 224 8.31 -2.81 19.57
CA LYS A 224 9.14 -3.97 19.85
C LYS A 224 10.42 -3.65 20.59
N PHE A 225 10.98 -2.47 20.41
CA PHE A 225 12.24 -2.13 21.12
C PHE A 225 12.03 -1.23 22.32
N ALA A 226 10.79 -1.05 22.76
CA ALA A 226 10.56 -0.19 23.92
C ALA A 226 10.68 -0.99 25.21
N ARG A 227 11.13 -0.36 26.28
CA ARG A 227 11.35 -1.01 27.57
C ARG A 227 11.12 -0.01 28.69
N VAL A 228 10.88 -0.49 29.90
CA VAL A 228 10.78 0.39 31.05
C VAL A 228 12.04 0.25 31.87
N CYS A 229 12.64 1.38 32.20
CA CYS A 229 13.82 1.44 33.06
C CYS A 229 13.65 2.53 34.11
N GLU A 230 14.39 2.43 35.20
CA GLU A 230 14.42 3.48 36.21
C GLU A 230 15.28 4.65 35.72
N VAL A 231 14.70 5.84 35.79
CA VAL A 231 15.40 7.08 35.47
C VAL A 231 15.06 8.07 36.59
N ASP A 232 16.10 8.56 37.26
CA ASP A 232 15.92 9.53 38.35
C ASP A 232 14.81 9.11 39.30
N ASN A 233 14.86 7.87 39.77
CA ASN A 233 13.84 7.33 40.69
C ASN A 233 12.41 7.29 40.17
N GLU A 234 12.27 7.26 38.85
CA GLU A 234 11.00 7.11 38.19
C GLU A 234 11.12 5.99 37.18
N LEU A 235 10.07 5.20 37.03
CA LEU A 235 10.04 4.19 35.97
C LEU A 235 9.52 4.81 34.68
N ARG A 236 10.36 4.81 33.65
CA ARG A 236 10.03 5.44 32.38
C ARG A 236 10.22 4.51 31.22
N ILE A 237 9.51 4.81 30.15
CA ILE A 237 9.66 4.07 28.92
C ILE A 237 10.94 4.53 28.26
N CYS A 238 11.78 3.56 27.89
CA CYS A 238 13.05 3.85 27.21
C CYS A 238 13.11 3.17 25.87
N ALA A 239 13.78 3.82 24.93
CA ALA A 239 13.94 3.31 23.58
C ALA A 239 15.30 2.71 23.44
N ARG A 240 15.43 1.72 22.57
CA ARG A 240 16.76 1.17 22.24
C ARG A 240 17.58 2.28 21.63
N ASP A 241 18.85 2.34 21.98
CA ASP A 241 19.77 3.33 21.40
C ASP A 241 19.70 3.48 19.89
N LYS A 242 19.66 2.35 19.17
CA LYS A 242 19.66 2.37 17.71
C LYS A 242 18.44 3.08 17.12
N GLU A 243 17.39 3.28 17.93
CA GLU A 243 16.17 3.92 17.43
C GLU A 243 16.25 5.43 17.41
N VAL A 244 17.37 5.99 17.86
CA VAL A 244 17.48 7.45 17.99
C VAL A 244 17.31 8.17 16.66
N GLY A 245 17.91 7.61 15.62
CA GLY A 245 17.77 8.16 14.29
C GLY A 245 16.35 8.17 13.82
N ASN A 246 15.64 7.09 14.12
CA ASN A 246 14.22 6.98 13.77
C ASN A 246 13.37 7.98 14.50
N LEU A 247 13.74 8.30 15.73
CA LEU A 247 13.03 9.33 16.48
C LEU A 247 13.22 10.73 15.91
N TYR A 248 14.44 11.06 15.52
CA TYR A 248 14.67 12.32 14.86
C TYR A 248 13.82 12.38 13.57
N ASP A 249 13.81 11.27 12.83
CA ASP A 249 13.04 11.16 11.61
C ASP A 249 11.53 11.33 11.88
N MET A 250 11.06 10.79 13.01
CA MET A 250 9.70 10.93 13.38
C MET A 250 9.31 12.40 13.41
N PHE A 251 10.13 13.22 14.05
CA PHE A 251 9.78 14.63 14.21
C PHE A 251 9.95 15.37 12.91
N HIS A 252 10.87 14.91 12.10
CA HIS A 252 11.02 15.46 10.77
C HIS A 252 9.75 15.21 9.98
N THR A 253 9.23 13.99 10.08
CA THR A 253 7.98 13.67 9.39
C THR A 253 6.85 14.57 9.85
N ARG A 254 6.74 14.74 11.15
CA ARG A 254 5.73 15.64 11.71
C ARG A 254 5.84 17.05 11.10
N ASN A 255 7.06 17.56 11.02
CA ASN A 255 7.29 18.87 10.45
C ASN A 255 6.92 18.94 8.97
N SER A 256 7.22 17.87 8.23
CA SER A 256 6.83 17.76 6.82
C SER A 256 5.36 17.82 6.61
N LEU A 257 4.65 17.06 7.44
CA LEU A 257 3.21 16.99 7.37
C LEU A 257 2.62 18.35 7.69
N HIS A 258 3.18 19.05 8.67
CA HIS A 258 2.63 20.36 9.00
C HIS A 258 2.85 21.33 7.86
N ARG A 259 4.05 21.33 7.31
CA ARG A 259 4.37 22.27 6.23
C ARG A 259 3.52 21.99 4.99
N ARG A 260 3.46 20.75 4.56
CA ARG A 260 2.72 20.38 3.35
C ARG A 260 1.16 20.32 3.52
N ALA A 261 0.67 19.93 4.69
CA ALA A 261 -0.77 19.69 4.84
C ALA A 261 -1.42 20.50 5.94
N TYR A 262 -1.04 20.28 7.18
CA TYR A 262 -1.77 20.89 8.28
C TYR A 262 -1.73 22.42 8.26
N GLN A 263 -0.63 22.99 7.74
CA GLN A 263 -0.49 24.44 7.60
C GLN A 263 -0.53 24.85 6.15
N HIS A 264 -1.14 24.06 5.29
CA HIS A 264 -1.23 24.45 3.91
C HIS A 264 -1.86 25.85 3.82
N LYS A 265 -1.26 26.71 3.01
CA LYS A 265 -1.66 28.12 2.91
C LYS A 265 -3.16 28.30 2.66
N VAL A 266 -3.69 27.47 1.77
CA VAL A 266 -5.10 27.55 1.41
C VAL A 266 -6.01 26.85 2.44
N GLY A 267 -5.57 25.74 3.01
CA GLY A 267 -6.31 25.09 4.07
C GLY A 267 -6.51 26.02 5.24
N ASN A 268 -5.47 26.77 5.57
CA ASN A 268 -5.53 27.74 6.65
C ASN A 268 -6.46 28.90 6.34
N ILE A 269 -6.46 29.38 5.11
CA ILE A 269 -7.27 30.53 4.78
C ILE A 269 -8.74 30.12 4.80
N ILE A 270 -9.02 28.87 4.43
CA ILE A 270 -10.38 28.37 4.48
C ILE A 270 -10.83 28.28 5.94
N ASP A 271 -9.97 27.78 6.80
CA ASP A 271 -10.24 27.75 8.22
C ASP A 271 -10.51 29.17 8.74
N THR A 272 -9.76 30.12 8.22
CA THR A 272 -9.91 31.51 8.65
C THR A 272 -11.26 32.04 8.23
N MET A 273 -11.66 31.73 7.01
CA MET A 273 -12.95 32.23 6.53
C MET A 273 -14.12 31.62 7.31
N ILE A 274 -14.00 30.35 7.62
CA ILE A 274 -15.03 29.66 8.37
C ILE A 274 -15.13 30.29 9.75
N THR A 275 -13.99 30.53 10.36
CA THR A 275 -13.95 31.18 11.66
C THR A 275 -14.67 32.55 11.61
N ASP A 276 -14.40 33.30 10.56
CA ASP A 276 -14.99 34.63 10.37
C ASP A 276 -16.50 34.53 10.28
N ALA A 277 -16.97 33.52 9.54
CA ALA A 277 -18.41 33.25 9.40
C ALA A 277 -19.04 32.88 10.73
N PHE A 278 -18.33 32.06 11.49
CA PHE A 278 -18.81 31.66 12.81
C PHE A 278 -18.96 32.87 13.74
N LEU A 279 -17.99 33.76 13.71
CA LEU A 279 -18.04 34.96 14.53
C LEU A 279 -19.25 35.79 14.16
N LYS A 280 -19.51 35.92 12.87
CA LYS A 280 -20.65 36.68 12.38
C LYS A 280 -22.00 36.01 12.72
N ALA A 281 -22.02 34.69 12.82
CA ALA A 281 -23.23 33.97 13.18
C ALA A 281 -23.41 33.78 14.70
N ASP A 282 -22.41 34.13 15.50
CA ASP A 282 -22.39 33.70 16.92
C ASP A 282 -23.57 34.21 17.72
N ASP A 283 -24.00 35.43 17.42
CA ASP A 283 -25.14 36.05 18.07
C ASP A 283 -26.48 35.40 17.75
N TYR A 284 -26.60 34.82 16.57
CA TYR A 284 -27.91 34.37 16.10
C TYR A 284 -28.15 32.86 16.14
N ILE A 285 -27.12 32.05 16.31
CA ILE A 285 -27.32 30.63 16.40
C ILE A 285 -27.56 30.34 17.86
N GLU A 286 -28.53 29.48 18.11
CA GLU A 286 -28.76 28.99 19.47
C GLU A 286 -28.67 27.48 19.55
N ILE A 287 -27.98 26.99 20.58
CA ILE A 287 -27.80 25.57 20.83
C ILE A 287 -28.33 25.27 22.21
N THR A 288 -29.24 24.32 22.27
CA THR A 288 -29.94 24.03 23.51
C THR A 288 -29.13 23.07 24.35
N GLY A 289 -28.89 23.45 25.60
CA GLY A 289 -28.13 22.63 26.54
C GLY A 289 -28.98 22.10 27.67
N ALA A 290 -28.33 21.87 28.81
CA ALA A 290 -29.00 21.34 29.97
C ALA A 290 -30.10 22.30 30.45
N GLY A 291 -31.24 21.72 30.78
CA GLY A 291 -32.37 22.47 31.28
C GLY A 291 -33.06 23.30 30.22
N GLY A 292 -32.84 23.01 28.94
CA GLY A 292 -33.45 23.78 27.84
C GLY A 292 -32.83 25.16 27.63
N LYS A 293 -31.74 25.41 28.36
CA LYS A 293 -31.07 26.71 28.33
C LYS A 293 -30.35 26.84 26.98
N LYS A 294 -30.28 28.03 26.44
CA LYS A 294 -29.69 28.25 25.12
C LYS A 294 -28.29 28.82 25.20
N TYR A 295 -27.42 28.34 24.32
CA TYR A 295 -26.04 28.77 24.28
C TYR A 295 -25.67 29.18 22.87
N ARG A 296 -24.53 29.84 22.76
CA ARG A 296 -24.01 30.25 21.47
C ARG A 296 -22.85 29.36 21.12
N ILE A 297 -22.49 29.35 19.85
CA ILE A 297 -21.31 28.60 19.40
C ILE A 297 -20.14 28.81 20.38
N SER A 298 -19.93 30.07 20.76
CA SER A 298 -18.84 30.43 21.64
C SER A 298 -19.03 30.07 23.11
N THR A 299 -20.27 29.81 23.55
CA THR A 299 -20.54 29.44 24.96
C THR A 299 -20.97 27.99 25.17
N ALA A 300 -21.14 27.23 24.09
CA ALA A 300 -21.47 25.81 24.20
C ALA A 300 -20.40 25.02 24.94
N ILE A 301 -19.15 25.49 24.91
CA ILE A 301 -18.09 24.89 25.70
C ILE A 301 -18.34 24.94 27.21
N ASP A 302 -19.26 25.79 27.65
CA ASP A 302 -19.63 25.86 29.07
C ASP A 302 -20.55 24.74 29.50
N ASP A 303 -21.35 24.21 28.58
CA ASP A 303 -22.30 23.14 28.88
C ASP A 303 -22.09 21.93 27.95
N MET A 304 -21.71 20.81 28.52
CA MET A 304 -21.38 19.64 27.73
C MET A 304 -22.57 19.09 26.96
N GLU A 305 -23.77 19.21 27.52
CA GLU A 305 -24.96 18.79 26.78
C GLU A 305 -25.11 19.58 25.47
N ALA A 306 -24.82 20.88 25.52
CA ALA A 306 -24.86 21.72 24.33
C ALA A 306 -23.67 21.41 23.44
N TYR A 307 -22.51 21.23 24.04
CA TYR A 307 -21.29 20.97 23.26
C TYR A 307 -21.41 19.63 22.50
N THR A 308 -22.17 18.70 23.09
CA THR A 308 -22.48 17.42 22.44
C THR A 308 -23.13 17.63 21.08
N LYS A 309 -23.87 18.71 20.94
CA LYS A 309 -24.54 19.00 19.69
C LYS A 309 -23.81 19.95 18.77
N LEU A 310 -22.54 20.21 19.07
CA LEU A 310 -21.73 21.20 18.33
C LEU A 310 -20.68 20.52 17.49
N THR A 311 -20.96 20.43 16.19
CA THR A 311 -20.11 19.72 15.23
C THR A 311 -20.00 20.50 13.91
N ASP A 312 -19.44 19.85 12.89
CA ASP A 312 -19.27 20.49 11.59
C ASP A 312 -20.62 20.87 10.98
N ASN A 313 -21.68 20.20 11.45
CA ASN A 313 -23.05 20.56 11.10
C ASN A 313 -23.36 22.05 11.11
N ILE A 314 -22.75 22.78 12.05
CA ILE A 314 -22.98 24.24 12.16
C ILE A 314 -22.62 24.98 10.89
N PHE A 315 -21.57 24.52 10.25
CA PHE A 315 -21.20 25.04 8.96
C PHE A 315 -22.41 25.01 8.01
N LEU A 316 -23.05 23.84 7.92
CA LEU A 316 -24.17 23.68 7.00
C LEU A 316 -25.45 24.37 7.48
N GLU A 317 -25.67 24.38 8.79
CA GLU A 317 -26.75 25.18 9.33
C GLU A 317 -26.68 26.63 8.82
N ILE A 318 -25.49 27.23 8.89
CA ILE A 318 -25.29 28.61 8.44
C ILE A 318 -25.45 28.71 6.94
N LEU A 319 -24.83 27.79 6.21
CA LEU A 319 -24.86 27.83 4.76
C LEU A 319 -26.29 27.73 4.23
N TYR A 320 -27.08 26.86 4.84
CA TYR A 320 -28.45 26.65 4.38
C TYR A 320 -29.46 27.59 4.99
N SER A 321 -29.05 28.44 5.92
CA SER A 321 -29.97 29.35 6.61
C SER A 321 -30.64 30.33 5.65
N THR A 322 -31.84 30.77 6.04
CA THR A 322 -32.57 31.81 5.32
C THR A 322 -32.78 33.07 6.15
N ASP A 323 -32.57 33.00 7.46
CA ASP A 323 -32.69 34.18 8.28
C ASP A 323 -31.72 35.28 7.80
N PRO A 324 -32.25 36.49 7.60
CA PRO A 324 -31.44 37.63 7.19
C PRO A 324 -30.34 38.03 8.16
N LYS A 325 -30.50 37.77 9.45
CA LYS A 325 -29.44 38.08 10.43
C LYS A 325 -28.18 37.27 10.13
N LEU A 326 -28.36 36.11 9.52
CA LEU A 326 -27.23 35.23 9.15
C LEU A 326 -26.70 35.47 7.75
N LYS A 327 -27.20 36.50 7.09
CA LYS A 327 -26.79 36.80 5.74
C LYS A 327 -25.28 36.96 5.58
N ASP A 328 -24.65 37.70 6.48
CA ASP A 328 -23.22 38.01 6.37
C ASP A 328 -22.40 36.76 6.54
N ALA A 329 -22.78 35.95 7.52
CA ALA A 329 -22.09 34.70 7.78
C ALA A 329 -22.26 33.74 6.59
N ARG A 330 -23.50 33.61 6.15
CA ARG A 330 -23.87 32.76 5.03
C ARG A 330 -23.12 33.17 3.76
N GLU A 331 -22.95 34.48 3.55
CA GLU A 331 -22.27 34.97 2.35
C GLU A 331 -20.81 34.53 2.30
N ILE A 332 -20.18 34.50 3.46
CA ILE A 332 -18.78 34.11 3.52
C ILE A 332 -18.65 32.65 3.12
N LEU A 333 -19.52 31.80 3.66
CA LEU A 333 -19.49 30.38 3.31
C LEU A 333 -19.81 30.14 1.84
N LYS A 334 -20.69 30.96 1.29
CA LYS A 334 -20.98 30.84 -0.13
C LYS A 334 -19.75 31.16 -0.96
N GLN A 335 -18.95 32.13 -0.51
CA GLN A 335 -17.70 32.46 -1.24
C GLN A 335 -16.74 31.32 -1.23
N ILE A 336 -16.70 30.58 -0.12
CA ILE A 336 -15.92 29.37 -0.09
C ILE A 336 -16.34 28.36 -1.17
N GLU A 337 -17.65 28.11 -1.31
CA GLU A 337 -18.15 27.20 -2.34
C GLU A 337 -17.79 27.61 -3.77
N TYR A 338 -17.80 28.91 -4.02
CA TYR A 338 -17.42 29.44 -5.32
C TYR A 338 -15.90 29.53 -5.45
N ARG A 339 -15.18 29.20 -4.40
CA ARG A 339 -13.72 29.26 -4.41
C ARG A 339 -13.27 30.72 -4.58
N ASN A 340 -14.07 31.66 -4.11
CA ASN A 340 -13.67 33.04 -4.09
C ASN A 340 -13.08 33.30 -2.70
N LEU A 341 -11.87 32.79 -2.51
CA LEU A 341 -11.17 32.88 -1.23
C LEU A 341 -10.34 34.17 -1.14
N PHE A 342 -10.01 34.56 0.09
CA PHE A 342 -9.03 35.62 0.29
C PHE A 342 -7.75 35.16 -0.37
N LYS A 343 -6.99 36.08 -0.97
CA LYS A 343 -5.84 35.69 -1.77
C LYS A 343 -4.54 35.67 -0.99
N TYR A 344 -3.79 34.60 -1.18
CA TYR A 344 -2.46 34.47 -0.64
C TYR A 344 -1.52 35.46 -1.30
N VAL A 345 -0.86 36.29 -0.50
CA VAL A 345 0.10 37.25 -1.02
C VAL A 345 1.53 36.70 -0.96
N GLY A 346 1.90 36.14 0.19
CA GLY A 346 3.20 35.54 0.32
C GLY A 346 3.51 35.05 1.72
N GLU A 347 4.74 34.55 1.88
CA GLU A 347 5.22 34.03 3.15
C GLU A 347 6.63 34.55 3.40
N THR A 348 6.94 34.85 4.66
CA THR A 348 8.29 35.28 5.05
C THR A 348 8.56 34.75 6.46
N GLN A 349 9.79 34.96 6.95
CA GLN A 349 10.18 34.55 8.32
C GLN A 349 10.99 35.64 9.01
N PRO A 350 10.88 35.71 10.35
CA PRO A 350 11.77 36.60 11.11
C PRO A 350 13.22 36.17 11.01
N THR A 351 14.11 37.13 11.07
CA THR A 351 15.55 36.87 11.02
C THR A 351 16.11 36.96 12.42
N GLY A 352 16.97 36.03 12.77
CA GLY A 352 17.73 36.10 14.03
C GLY A 352 16.96 36.21 15.32
N GLN A 353 17.27 37.21 16.14
CA GLN A 353 16.74 37.31 17.54
C GLN A 353 15.19 37.34 17.66
N ILE A 354 14.55 38.04 16.72
CA ILE A 354 13.15 38.41 16.82
C ILE A 354 12.22 37.21 16.80
N LYS A 355 11.28 37.27 17.71
CA LYS A 355 10.17 36.36 17.76
C LYS A 355 8.90 37.21 17.86
N ILE A 356 7.78 36.73 17.32
CA ILE A 356 6.54 37.52 17.39
C ILE A 356 5.60 37.00 18.44
N LYS A 357 5.20 37.89 19.33
CA LYS A 357 4.36 37.53 20.48
C LYS A 357 2.91 37.51 20.03
N ARG A 358 2.11 36.69 20.68
CA ARG A 358 0.66 36.58 20.31
C ARG A 358 -0.05 37.94 20.46
N GLU A 359 0.31 38.71 21.48
CA GLU A 359 -0.30 40.03 21.70
C GLU A 359 -0.02 40.98 20.55
N ASP A 360 1.11 40.81 19.89
CA ASP A 360 1.46 41.64 18.74
C ASP A 360 0.56 41.34 17.52
N TYR A 361 -0.14 40.20 17.52
CA TYR A 361 -0.85 39.70 16.34
C TYR A 361 -1.84 40.73 15.76
N GLU A 362 -2.55 41.44 16.64
CA GLU A 362 -3.51 42.44 16.17
C GLU A 362 -2.91 43.55 15.34
N SER A 363 -1.72 43.96 15.74
CA SER A 363 -1.07 45.09 15.07
C SER A 363 -0.58 44.80 13.65
N LEU A 364 -0.27 43.54 13.36
CA LEU A 364 0.47 43.21 12.14
C LEU A 364 -0.19 43.66 10.84
N PRO A 365 -1.51 43.55 10.74
CA PRO A 365 -2.14 44.02 9.48
C PRO A 365 -1.95 45.53 9.30
N LYS A 366 -2.04 46.27 10.41
CA LYS A 366 -1.77 47.69 10.41
C LYS A 366 -0.38 47.98 9.89
N GLU A 367 0.61 47.22 10.37
CA GLU A 367 1.99 47.43 9.92
C GLU A 367 2.13 47.27 8.43
N VAL A 368 1.48 46.27 7.85
CA VAL A 368 1.63 46.00 6.43
C VAL A 368 1.03 47.14 5.62
N ALA A 369 -0.12 47.62 6.07
CA ALA A 369 -0.79 48.73 5.41
C ALA A 369 0.01 50.02 5.51
N SER A 370 0.79 50.14 6.59
CA SER A 370 1.66 51.30 6.83
C SER A 370 2.96 51.34 6.02
N ALA A 371 3.32 50.23 5.38
CA ALA A 371 4.53 50.19 4.57
C ALA A 371 4.30 51.17 3.41
N LYS A 372 5.36 51.83 2.98
CA LYS A 372 5.29 52.78 1.87
C LYS A 372 6.22 52.31 0.77
N PRO A 373 5.73 51.39 -0.08
CA PRO A 373 6.55 50.96 -1.20
C PRO A 373 6.71 52.09 -2.20
N LYS A 374 7.90 52.24 -2.77
CA LYS A 374 8.16 53.33 -3.70
C LYS A 374 7.78 52.87 -5.11
N VAL A 375 6.49 52.65 -5.32
CA VAL A 375 5.98 52.22 -6.63
C VAL A 375 4.61 52.86 -6.84
N LEU A 376 4.30 53.19 -8.09
CA LEU A 376 3.02 53.79 -8.40
C LEU A 376 1.90 52.76 -8.30
N LEU A 377 0.87 53.09 -7.53
CA LEU A 377 -0.27 52.21 -7.31
C LEU A 377 -1.58 52.87 -7.69
N ASP A 378 -2.39 52.16 -8.44
CA ASP A 378 -3.76 52.55 -8.79
C ASP A 378 -4.66 52.59 -7.56
N VAL A 379 -4.52 51.59 -6.69
CA VAL A 379 -5.39 51.46 -5.51
C VAL A 379 -4.56 51.50 -4.23
N LYS A 380 -5.17 51.96 -3.14
CA LYS A 380 -4.49 52.03 -1.84
C LYS A 380 -5.23 51.12 -0.86
N LEU A 381 -4.50 50.26 -0.16
CA LEU A 381 -5.11 49.25 0.72
C LEU A 381 -5.02 49.64 2.19
N LYS A 382 -5.94 49.11 2.99
CA LYS A 382 -6.05 49.44 4.41
C LYS A 382 -5.82 48.23 5.28
N ALA A 383 -5.60 48.45 6.58
CA ALA A 383 -5.33 47.35 7.52
C ALA A 383 -6.37 46.23 7.41
N GLU A 384 -7.64 46.62 7.36
CA GLU A 384 -8.77 45.67 7.29
C GLU A 384 -8.78 44.79 6.05
N ASP A 385 -8.06 45.20 5.01
CA ASP A 385 -7.88 44.41 3.79
C ASP A 385 -6.83 43.29 3.91
N PHE A 386 -6.03 43.29 4.98
CA PHE A 386 -4.98 42.29 5.16
C PHE A 386 -5.30 41.28 6.26
N ILE A 387 -4.84 40.05 6.04
CA ILE A 387 -4.83 39.02 7.06
C ILE A 387 -3.39 38.57 7.23
N VAL A 388 -2.94 38.50 8.48
CA VAL A 388 -1.62 38.01 8.78
C VAL A 388 -1.70 36.80 9.69
N ASP A 389 -1.15 35.68 9.24
CA ASP A 389 -1.27 34.43 9.95
C ASP A 389 0.13 34.06 10.39
N VAL A 390 0.34 33.94 11.69
CA VAL A 390 1.65 33.60 12.24
C VAL A 390 1.62 32.16 12.68
N ILE A 391 2.54 31.37 12.16
CA ILE A 391 2.58 29.95 12.48
C ILE A 391 3.90 29.63 13.18
N ASN A 392 3.78 29.06 14.37
CA ASN A 392 4.93 28.57 15.10
C ASN A 392 5.19 27.13 14.69
N MET A 393 6.32 26.89 14.03
CA MET A 393 6.72 25.55 13.66
C MET A 393 7.81 25.09 14.59
N ASP A 394 7.62 23.97 15.28
CA ASP A 394 8.64 23.42 16.15
C ASP A 394 8.58 21.90 16.24
N TYR A 395 9.46 21.31 17.04
CA TYR A 395 9.44 19.86 17.30
C TYR A 395 8.60 19.45 18.55
N GLY A 396 7.60 20.26 18.85
CA GLY A 396 6.69 20.00 19.97
C GLY A 396 7.09 20.54 21.33
N MET A 397 8.26 21.16 21.43
CA MET A 397 8.79 21.58 22.71
C MET A 397 9.38 22.97 22.62
N GLN A 398 8.69 23.86 21.91
CA GLN A 398 9.21 25.19 21.61
C GLN A 398 10.66 25.10 21.12
N GLU A 399 11.59 25.76 21.80
N GLU A 399 11.59 25.76 21.80
CA GLU A 399 12.99 25.84 21.36
CA GLU A 399 12.98 25.85 21.37
C GLU A 399 13.75 24.55 21.60
C GLU A 399 13.75 24.55 21.60
N LYS A 400 13.24 23.73 22.51
CA LYS A 400 13.94 22.53 22.93
C LYS A 400 13.87 21.38 21.93
N ASN A 401 14.88 20.52 22.04
CA ASN A 401 14.98 19.30 21.27
C ASN A 401 14.42 18.15 22.07
N PRO A 402 13.31 17.54 21.59
CA PRO A 402 12.58 16.53 22.38
C PRO A 402 13.43 15.30 22.64
N ILE A 403 14.43 15.07 21.76
CA ILE A 403 15.29 13.88 21.91
C ILE A 403 16.19 13.99 23.13
N ASP A 404 16.45 15.22 23.57
CA ASP A 404 17.18 15.44 24.82
C ASP A 404 16.40 14.99 26.02
N HIS A 405 15.09 14.80 25.85
CA HIS A 405 14.24 14.35 26.94
C HIS A 405 13.73 12.94 26.72
N VAL A 406 14.46 12.16 25.93
CA VAL A 406 14.20 10.74 25.76
C VAL A 406 15.29 9.92 26.43
N SER A 407 14.88 8.80 27.03
CA SER A 407 15.81 7.88 27.68
C SER A 407 16.01 6.66 26.82
N PHE A 408 17.27 6.22 26.68
CA PHE A 408 17.58 5.06 25.86
C PHE A 408 18.20 3.96 26.69
N TYR A 409 18.29 2.77 26.10
CA TYR A 409 19.04 1.68 26.69
C TYR A 409 19.79 0.97 25.60
N CYS A 410 20.83 0.25 25.98
CA CYS A 410 21.66 -0.45 25.00
C CYS A 410 21.54 -1.97 25.18
N LYS A 411 21.86 -2.71 24.11
CA LYS A 411 21.67 -4.16 24.07
C LYS A 411 22.46 -4.86 25.19
N THR A 412 23.67 -4.36 25.48
CA THR A 412 24.54 -4.97 26.51
C THR A 412 24.12 -4.68 27.96
N ALA A 413 23.26 -3.69 28.19
CA ALA A 413 22.71 -3.44 29.55
C ALA A 413 21.29 -2.88 29.51
N PRO A 414 20.30 -3.77 29.26
CA PRO A 414 18.91 -3.38 29.02
C PRO A 414 18.25 -2.64 30.17
N ASN A 415 18.76 -2.80 31.38
CA ASN A 415 18.16 -2.11 32.52
C ASN A 415 18.79 -0.78 32.84
N ARG A 416 19.87 -0.42 32.14
CA ARG A 416 20.55 0.82 32.40
C ARG A 416 20.18 1.93 31.40
N ALA A 417 19.44 2.93 31.89
CA ALA A 417 19.00 4.05 31.06
C ALA A 417 20.15 5.00 30.75
N ILE A 418 20.15 5.56 29.55
CA ILE A 418 21.18 6.53 29.14
C ILE A 418 20.58 7.69 28.35
N ARG A 419 21.40 8.71 28.14
CA ARG A 419 21.03 9.85 27.31
C ARG A 419 21.88 9.83 26.08
N ILE A 420 21.38 10.39 25.00
CA ILE A 420 22.13 10.49 23.75
C ILE A 420 21.94 11.90 23.23
N THR A 421 23.05 12.60 23.02
CA THR A 421 23.06 13.99 22.58
C THR A 421 22.98 14.03 21.07
N LYS A 422 22.57 15.18 20.53
CA LYS A 422 22.48 15.37 19.09
C LYS A 422 23.85 15.15 18.39
N ASN A 423 24.90 15.62 19.03
CA ASN A 423 26.22 15.45 18.49
C ASN A 423 26.67 14.01 18.33
N GLN A 424 26.19 13.15 19.23
CA GLN A 424 26.48 11.73 19.14
C GLN A 424 25.77 11.08 17.95
N VAL A 425 24.75 11.71 17.42
CA VAL A 425 24.01 11.12 16.33
C VAL A 425 24.51 11.60 14.96
N SER A 426 24.48 12.90 14.71
CA SER A 426 24.71 13.41 13.34
C SER A 426 24.82 14.95 13.26
N GLN A 427 25.63 15.43 12.32
CA GLN A 427 25.72 16.84 11.97
C GLN A 427 24.68 17.27 10.93
N LEU A 428 23.97 16.30 10.35
CA LEU A 428 22.97 16.61 9.36
C LEU A 428 21.62 16.93 10.00
N LEU A 429 21.57 16.93 11.33
CA LEU A 429 20.36 17.26 12.04
C LEU A 429 20.17 18.77 12.15
N PRO A 430 18.96 19.22 12.46
CA PRO A 430 18.70 20.66 12.58
C PRO A 430 19.52 21.32 13.70
N GLU A 431 19.95 22.56 13.52
CA GLU A 431 20.63 23.29 14.60
C GLU A 431 19.64 24.08 15.47
N LYS A 432 18.44 24.34 14.94
CA LYS A 432 17.33 24.92 15.72
C LYS A 432 16.12 24.02 15.63
N PHE A 433 15.20 24.13 16.60
CA PHE A 433 14.00 23.28 16.68
C PHE A 433 12.69 24.04 16.73
N ALA A 434 12.75 25.33 16.46
CA ALA A 434 11.58 26.20 16.40
C ALA A 434 11.83 27.32 15.40
N GLU A 435 10.76 27.76 14.75
CA GLU A 435 10.79 28.90 13.83
C GLU A 435 9.38 29.40 13.61
N GLN A 436 9.24 30.52 12.93
CA GLN A 436 7.96 31.13 12.70
C GLN A 436 7.78 31.39 11.21
N LEU A 437 6.56 31.13 10.72
CA LEU A 437 6.18 31.42 9.34
C LEU A 437 5.12 32.46 9.39
N ILE A 438 5.20 33.41 8.47
CA ILE A 438 4.27 34.50 8.42
C ILE A 438 3.69 34.51 7.04
N ARG A 439 2.37 34.25 6.96
CA ARG A 439 1.62 34.28 5.72
C ARG A 439 0.72 35.47 5.71
N VAL A 440 0.66 36.12 4.55
CA VAL A 440 -0.12 37.31 4.39
C VAL A 440 -1.10 37.03 3.29
N TYR A 441 -2.35 37.40 3.55
CA TYR A 441 -3.40 37.31 2.56
C TYR A 441 -4.09 38.67 2.39
N CYS A 442 -4.73 38.85 1.25
CA CYS A 442 -5.50 40.07 0.97
C CYS A 442 -7.00 39.73 0.76
N LYS A 443 -7.88 40.47 1.42
CA LYS A 443 -9.31 40.30 1.24
C LYS A 443 -9.84 40.85 -0.09
N LYS A 444 -9.11 41.76 -0.72
CA LYS A 444 -9.50 42.31 -2.02
C LYS A 444 -8.82 41.42 -3.05
N VAL A 445 -9.61 40.81 -3.91
CA VAL A 445 -9.10 39.74 -4.76
C VAL A 445 -8.78 40.18 -6.19
N ASP A 446 -9.12 41.42 -6.55
CA ASP A 446 -8.96 41.88 -7.93
C ASP A 446 -7.50 42.02 -8.29
N ARG A 447 -7.21 41.98 -9.59
CA ARG A 447 -5.80 41.97 -10.07
C ARG A 447 -4.99 43.16 -9.58
N LYS A 448 -5.55 44.34 -9.68
CA LYS A 448 -4.86 45.54 -9.25
C LYS A 448 -4.66 45.58 -7.74
N SER A 449 -5.65 45.19 -6.97
CA SER A 449 -5.49 45.08 -5.53
C SER A 449 -4.39 44.10 -5.15
N LEU A 450 -4.38 42.95 -5.83
CA LEU A 450 -3.43 41.90 -5.54
C LEU A 450 -1.99 42.37 -5.79
N TYR A 451 -1.80 43.06 -6.91
CA TYR A 451 -0.50 43.64 -7.25
C TYR A 451 -0.03 44.60 -6.17
N ALA A 452 -0.94 45.44 -5.70
CA ALA A 452 -0.63 46.40 -4.66
C ALA A 452 -0.23 45.68 -3.38
N ALA A 453 -1.01 44.66 -3.04
CA ALA A 453 -0.77 43.92 -1.80
C ALA A 453 0.61 43.30 -1.78
N ARG A 454 1.07 42.84 -2.94
CA ARG A 454 2.40 42.28 -3.05
C ARG A 454 3.48 43.31 -2.76
N GLN A 455 3.26 44.55 -3.19
CA GLN A 455 4.22 45.61 -2.97
C GLN A 455 4.28 45.97 -1.50
N TYR A 456 3.13 46.14 -0.87
CA TYR A 456 3.10 46.38 0.57
C TYR A 456 3.87 45.28 1.30
N PHE A 457 3.58 44.04 0.92
CA PHE A 457 4.06 42.87 1.63
C PHE A 457 5.56 42.78 1.59
N VAL A 458 6.09 42.88 0.39
CA VAL A 458 7.53 42.75 0.22
C VAL A 458 8.26 43.92 0.85
N GLN A 459 7.69 45.12 0.73
CA GLN A 459 8.24 46.30 1.37
C GLN A 459 8.28 46.08 2.87
N TRP A 460 7.18 45.60 3.41
CA TRP A 460 7.09 45.32 4.83
C TRP A 460 8.18 44.34 5.29
N CYS A 461 8.42 43.29 4.50
CA CYS A 461 9.44 42.30 4.82
C CYS A 461 10.79 42.97 4.90
N ALA A 462 11.09 43.80 3.90
CA ALA A 462 12.33 44.56 3.86
C ALA A 462 12.42 45.49 5.04
N ASP A 463 11.39 46.28 5.27
CA ASP A 463 11.38 47.20 6.42
C ASP A 463 11.68 46.48 7.71
N ARG A 464 11.22 45.26 7.86
CA ARG A 464 11.41 44.57 9.13
C ARG A 464 12.56 43.60 9.13
N ASN A 465 13.27 43.55 8.02
CA ASN A 465 14.43 42.69 7.90
C ASN A 465 14.05 41.22 8.04
N PHE A 466 12.87 40.89 7.52
CA PHE A 466 12.45 39.50 7.43
C PHE A 466 13.12 38.88 6.22
N THR A 467 12.97 37.57 6.06
CA THR A 467 13.61 36.88 4.95
C THR A 467 12.96 37.25 3.63
N LYS A 468 13.74 37.22 2.56
CA LYS A 468 13.23 37.53 1.24
C LYS A 468 12.25 36.45 0.79
N PRO A 469 10.99 36.81 0.51
CA PRO A 469 10.06 35.84 -0.04
C PRO A 469 10.61 35.18 -1.30
N GLN A 470 10.28 33.90 -1.47
CA GLN A 470 10.89 33.09 -2.53
C GLN A 470 10.59 33.60 -3.92
N ASP A 471 9.41 34.17 -4.11
CA ASP A 471 9.02 34.76 -5.39
C ASP A 471 9.17 36.29 -5.45
N GLY A 472 9.93 36.82 -4.49
CA GLY A 472 10.04 38.27 -4.30
C GLY A 472 10.44 39.07 -5.52
N ASP A 473 11.43 38.56 -6.26
CA ASP A 473 11.90 39.23 -7.46
C ASP A 473 10.88 39.24 -8.58
N VAL A 474 9.93 38.32 -8.54
CA VAL A 474 8.88 38.24 -9.54
C VAL A 474 7.68 39.10 -9.17
N ILE A 475 7.23 38.97 -7.93
CA ILE A 475 6.04 39.71 -7.49
C ILE A 475 6.31 41.19 -7.20
N ALA A 476 7.56 41.54 -6.88
CA ALA A 476 7.92 42.91 -6.52
C ALA A 476 9.34 43.24 -6.99
N PRO A 477 9.54 43.25 -8.31
CA PRO A 477 10.86 43.45 -8.88
C PRO A 477 11.47 44.82 -8.56
N LEU A 478 10.62 45.80 -8.30
CA LEU A 478 11.08 47.14 -8.03
C LEU A 478 11.49 47.29 -6.58
N ILE A 479 10.96 46.45 -5.70
CA ILE A 479 11.22 46.57 -4.26
C ILE A 479 12.47 45.82 -3.83
N THR A 480 12.65 44.61 -4.35
CA THR A 480 13.72 43.71 -3.87
C THR A 480 15.15 44.26 -4.05
N PRO A 481 15.41 45.02 -5.12
CA PRO A 481 16.74 45.62 -5.28
C PRO A 481 17.17 46.56 -4.15
N GLN A 482 16.23 47.26 -3.52
CA GLN A 482 16.57 48.22 -2.47
C GLN A 482 17.30 47.56 -1.32
N LYS A 483 16.95 46.32 -1.00
CA LYS A 483 17.53 45.63 0.14
C LYS A 483 18.81 44.92 -0.30
N LYS A 484 19.93 45.37 0.23
CA LYS A 484 21.25 44.90 -0.24
C LYS A 484 21.51 43.47 0.21
N GLU A 485 21.06 43.16 1.42
CA GLU A 485 21.16 41.82 2.03
C GLU A 485 20.60 40.75 1.10
N TRP A 486 19.44 41.05 0.55
CA TRP A 486 18.76 40.17 -0.37
C TRP A 486 19.53 40.07 -1.67
N THR B 2 6.00 -4.38 -32.22
CA THR B 2 5.07 -3.59 -31.34
C THR B 2 5.56 -3.41 -29.90
N MET B 3 4.88 -2.49 -29.21
CA MET B 3 5.21 -2.16 -27.82
C MET B 3 5.02 -3.36 -26.92
N LYS B 4 5.90 -3.59 -25.98
CA LYS B 4 5.69 -4.64 -25.00
C LYS B 4 5.22 -3.99 -23.72
N VAL B 5 4.30 -4.65 -23.04
CA VAL B 5 3.82 -4.17 -21.76
C VAL B 5 4.35 -5.09 -20.69
N ILE B 6 4.79 -4.51 -19.61
CA ILE B 6 5.34 -5.31 -18.56
C ILE B 6 4.85 -4.81 -17.22
N ASN B 7 4.59 -5.75 -16.32
CA ASN B 7 4.08 -5.37 -15.01
C ASN B 7 5.17 -5.25 -13.98
N ASP B 8 5.37 -4.01 -13.54
CA ASP B 8 6.31 -3.70 -12.50
C ASP B 8 5.55 -3.33 -11.25
N PRO B 9 5.89 -3.94 -10.12
CA PRO B 9 5.14 -3.66 -8.90
C PRO B 9 5.21 -2.21 -8.46
N ILE B 10 6.24 -1.49 -8.83
CA ILE B 10 6.39 -0.11 -8.43
C ILE B 10 5.62 0.82 -9.34
N HIS B 11 5.72 0.62 -10.65
CA HIS B 11 5.13 1.55 -11.58
C HIS B 11 3.82 1.03 -12.21
N GLY B 12 3.52 -0.25 -12.03
CA GLY B 12 2.39 -0.87 -12.66
C GLY B 12 2.77 -1.27 -14.08
N HIS B 13 1.81 -1.18 -14.98
CA HIS B 13 2.00 -1.64 -16.35
C HIS B 13 2.67 -0.60 -17.20
N ILE B 14 3.89 -0.87 -17.66
CA ILE B 14 4.63 0.11 -18.43
C ILE B 14 4.84 -0.40 -19.84
N GLU B 15 4.83 0.50 -20.82
CA GLU B 15 5.07 0.14 -22.21
C GLU B 15 6.54 0.28 -22.56
N LEU B 16 7.05 -0.67 -23.33
CA LEU B 16 8.43 -0.61 -23.82
C LEU B 16 8.49 -0.65 -25.34
N HIS B 17 9.17 0.34 -25.90
CA HIS B 17 9.35 0.39 -27.34
C HIS B 17 10.21 -0.83 -27.81
N PRO B 18 9.93 -1.34 -29.03
CA PRO B 18 10.59 -2.55 -29.52
C PRO B 18 12.10 -2.50 -29.49
N LEU B 19 12.66 -1.35 -29.84
CA LEU B 19 14.10 -1.15 -29.72
C LEU B 19 14.61 -1.43 -28.32
N LEU B 20 13.90 -0.94 -27.32
CA LEU B 20 14.30 -1.13 -25.94
C LEU B 20 14.23 -2.61 -25.58
N VAL B 21 13.21 -3.29 -26.10
CA VAL B 21 13.06 -4.73 -25.89
C VAL B 21 14.27 -5.47 -26.47
N ARG B 22 14.70 -5.07 -27.64
CA ARG B 22 15.84 -5.73 -28.26
C ARG B 22 17.09 -5.57 -27.43
N ILE B 23 17.26 -4.40 -26.84
CA ILE B 23 18.42 -4.14 -25.98
C ILE B 23 18.35 -5.00 -24.73
N ILE B 24 17.15 -5.12 -24.20
CA ILE B 24 16.91 -5.86 -22.98
C ILE B 24 17.16 -7.34 -23.16
N ASP B 25 16.80 -7.86 -24.32
CA ASP B 25 16.87 -9.29 -24.52
C ASP B 25 18.23 -9.73 -25.03
N THR B 26 19.27 -9.43 -24.25
CA THR B 26 20.66 -9.77 -24.55
C THR B 26 21.35 -10.28 -23.31
N PRO B 27 22.42 -11.06 -23.46
CA PRO B 27 23.13 -11.54 -22.28
C PRO B 27 23.65 -10.42 -21.43
N GLN B 28 23.98 -9.29 -22.06
CA GLN B 28 24.62 -8.20 -21.33
C GLN B 28 23.64 -7.53 -20.40
N PHE B 29 22.38 -7.47 -20.81
CA PHE B 29 21.35 -6.86 -20.00
C PHE B 29 20.76 -7.83 -19.01
N GLN B 30 20.53 -9.05 -19.47
CA GLN B 30 19.92 -10.07 -18.64
C GLN B 30 20.75 -10.47 -17.46
N ARG B 31 22.05 -10.26 -17.61
CA ARG B 31 23.02 -10.41 -16.55
C ARG B 31 22.60 -9.69 -15.28
N LEU B 32 21.97 -8.52 -15.45
CA LEU B 32 21.46 -7.75 -14.29
C LEU B 32 20.40 -8.47 -13.44
N ARG B 33 19.80 -9.54 -13.95
CA ARG B 33 18.94 -10.38 -13.11
C ARG B 33 19.68 -11.11 -11.99
N TYR B 34 21.01 -11.22 -12.12
CA TYR B 34 21.80 -12.04 -11.20
C TYR B 34 22.68 -11.18 -10.36
N ILE B 35 22.29 -9.91 -10.19
CA ILE B 35 23.03 -9.02 -9.32
C ILE B 35 22.08 -8.30 -8.41
N LYS B 36 22.19 -8.57 -7.13
CA LYS B 36 21.39 -7.91 -6.12
C LYS B 36 21.59 -6.42 -6.08
N GLN B 37 20.49 -5.68 -6.02
CA GLN B 37 20.50 -4.24 -5.97
C GLN B 37 21.27 -3.78 -4.74
N LEU B 38 20.99 -4.39 -3.60
CA LEU B 38 21.59 -3.94 -2.34
C LEU B 38 22.70 -4.87 -1.79
N GLY B 39 23.19 -5.81 -2.60
CA GLY B 39 24.21 -6.76 -2.19
C GLY B 39 23.93 -7.44 -0.86
N GLY B 40 24.80 -7.23 0.10
CA GLY B 40 24.71 -7.84 1.41
C GLY B 40 23.55 -7.39 2.25
N GLY B 41 22.87 -6.31 1.85
CA GLY B 41 21.63 -5.89 2.48
C GLY B 41 20.50 -6.94 2.56
N TYR B 42 20.45 -7.86 1.60
CA TYR B 42 19.51 -8.94 1.62
C TYR B 42 19.72 -9.85 2.81
N TYR B 43 20.94 -9.92 3.27
CA TYR B 43 21.28 -10.74 4.41
C TYR B 43 20.97 -10.02 5.72
N VAL B 44 20.46 -8.79 5.62
CA VAL B 44 19.83 -8.09 6.76
C VAL B 44 18.29 -7.85 6.58
N PHE B 45 17.88 -7.45 5.38
CA PHE B 45 16.49 -7.24 5.05
C PHE B 45 16.09 -8.34 4.09
N PRO B 46 15.28 -9.28 4.56
CA PRO B 46 14.92 -10.41 3.72
C PRO B 46 13.96 -10.04 2.60
N GLY B 47 13.36 -8.85 2.65
CA GLY B 47 12.57 -8.37 1.52
C GLY B 47 13.37 -7.98 0.30
N ALA B 48 14.68 -7.67 0.52
CA ALA B 48 15.55 -7.03 -0.49
C ALA B 48 16.21 -8.03 -1.41
N SER B 49 15.37 -8.79 -2.09
CA SER B 49 15.74 -9.80 -3.04
C SER B 49 15.92 -9.21 -4.43
N HIS B 50 15.54 -7.96 -4.59
CA HIS B 50 15.51 -7.38 -5.91
C HIS B 50 16.90 -7.18 -6.52
N ASN B 51 16.94 -7.29 -7.85
CA ASN B 51 18.13 -7.21 -8.62
C ASN B 51 18.17 -5.97 -9.49
N ARG B 52 19.36 -5.67 -10.00
CA ARG B 52 19.57 -4.51 -10.82
C ARG B 52 18.65 -4.47 -12.03
N PHE B 53 18.24 -5.64 -12.52
CA PHE B 53 17.43 -5.76 -13.72
C PHE B 53 16.15 -4.95 -13.64
N GLU B 54 15.34 -5.24 -12.63
CA GLU B 54 14.02 -4.59 -12.48
C GLU B 54 14.17 -3.09 -12.16
N HIS B 55 15.21 -2.73 -11.41
CA HIS B 55 15.49 -1.35 -11.14
C HIS B 55 15.79 -0.63 -12.46
N SER B 56 16.58 -1.28 -13.34
CA SER B 56 16.91 -0.66 -14.61
C SER B 56 15.70 -0.37 -15.48
N LEU B 57 14.76 -1.31 -15.51
CA LEU B 57 13.46 -1.07 -16.20
C LEU B 57 12.74 0.15 -15.65
N GLY B 58 12.70 0.25 -14.34
CA GLY B 58 12.10 1.40 -13.70
C GLY B 58 12.74 2.72 -14.07
N VAL B 59 14.10 2.76 -14.10
CA VAL B 59 14.82 3.98 -14.39
C VAL B 59 14.54 4.40 -15.81
N GLY B 60 14.61 3.43 -16.72
CA GLY B 60 14.31 3.70 -18.12
C GLY B 60 12.89 4.23 -18.30
N TYR B 61 11.93 3.65 -17.58
CA TYR B 61 10.57 4.08 -17.73
C TYR B 61 10.40 5.50 -17.21
N LEU B 62 10.97 5.79 -16.04
CA LEU B 62 10.84 7.14 -15.48
C LEU B 62 11.57 8.19 -16.33
N ALA B 63 12.70 7.82 -16.91
CA ALA B 63 13.36 8.72 -17.83
C ALA B 63 12.43 9.10 -18.97
N GLY B 64 11.74 8.11 -19.50
CA GLY B 64 10.70 8.34 -20.51
C GLY B 64 9.55 9.20 -20.05
N CYS B 65 9.06 8.95 -18.85
CA CYS B 65 7.99 9.77 -18.31
C CYS B 65 8.36 11.24 -18.27
N LEU B 66 9.58 11.52 -17.81
CA LEU B 66 9.97 12.90 -17.61
C LEU B 66 10.09 13.60 -18.94
N VAL B 67 10.79 12.95 -19.85
CA VAL B 67 11.02 13.58 -21.12
C VAL B 67 9.69 13.77 -21.84
N HIS B 68 8.80 12.78 -21.77
CA HIS B 68 7.44 12.91 -22.39
C HIS B 68 6.64 14.06 -21.83
N ALA B 69 6.65 14.18 -20.50
CA ALA B 69 5.98 15.30 -19.82
C ALA B 69 6.47 16.66 -20.28
N LEU B 70 7.79 16.82 -20.38
CA LEU B 70 8.38 18.08 -20.79
C LEU B 70 8.01 18.42 -22.22
N GLY B 71 8.03 17.42 -23.09
CA GLY B 71 7.62 17.58 -24.49
C GLY B 71 6.18 17.99 -24.67
N GLU B 72 5.27 17.36 -23.91
CA GLU B 72 3.85 17.68 -24.01
C GLU B 72 3.61 19.12 -23.54
N LYS B 73 4.22 19.49 -22.42
CA LYS B 73 4.06 20.82 -21.83
C LYS B 73 4.71 21.92 -22.64
N GLN B 74 5.85 21.65 -23.28
CA GLN B 74 6.61 22.67 -23.96
C GLN B 74 7.07 22.18 -25.35
N PRO B 75 6.16 22.16 -26.33
CA PRO B 75 6.46 21.76 -27.69
C PRO B 75 7.63 22.51 -28.27
N GLU B 76 7.78 23.77 -27.84
CA GLU B 76 8.85 24.64 -28.31
C GLU B 76 10.24 24.10 -28.04
N LEU B 77 10.36 23.18 -27.09
CA LEU B 77 11.62 22.51 -26.87
C LEU B 77 12.10 21.62 -28.04
N GLN B 78 11.20 21.29 -28.95
CA GLN B 78 11.53 20.49 -30.13
C GLN B 78 12.01 19.11 -29.75
N ILE B 79 11.47 18.55 -28.68
CA ILE B 79 11.88 17.21 -28.28
C ILE B 79 11.35 16.21 -29.30
N SER B 80 12.21 15.35 -29.84
CA SER B 80 11.82 14.37 -30.86
C SER B 80 11.69 12.97 -30.28
N GLU B 81 10.98 12.10 -30.99
CA GLU B 81 10.88 10.72 -30.54
C GLU B 81 12.26 10.09 -30.46
N ARG B 82 13.12 10.48 -31.38
CA ARG B 82 14.54 10.11 -31.34
C ARG B 82 15.19 10.46 -29.98
N ASP B 83 14.95 11.69 -29.53
CA ASP B 83 15.42 12.14 -28.22
C ASP B 83 14.88 11.28 -27.07
N VAL B 84 13.58 11.01 -27.14
CA VAL B 84 12.92 10.22 -26.09
C VAL B 84 13.51 8.81 -25.97
N LEU B 85 13.71 8.15 -27.10
CA LEU B 85 14.32 6.84 -27.09
C LEU B 85 15.75 6.82 -26.55
N CYS B 86 16.56 7.82 -26.93
CA CYS B 86 17.93 7.91 -26.44
C CYS B 86 18.00 8.07 -24.92
N VAL B 87 17.06 8.85 -24.38
CA VAL B 87 17.00 9.07 -22.96
C VAL B 87 16.56 7.79 -22.24
N GLN B 88 15.56 7.12 -22.78
CA GLN B 88 15.17 5.83 -22.22
C GLN B 88 16.29 4.78 -22.22
N ILE B 89 17.05 4.72 -23.31
CA ILE B 89 18.14 3.75 -23.39
C ILE B 89 19.20 4.04 -22.34
N ALA B 90 19.54 5.32 -22.20
CA ALA B 90 20.50 5.71 -21.19
C ALA B 90 19.99 5.31 -19.79
N GLY B 91 18.72 5.55 -19.54
CA GLY B 91 18.10 5.17 -18.27
C GLY B 91 18.20 3.69 -18.00
N LEU B 92 17.86 2.91 -19.03
CA LEU B 92 17.95 1.44 -18.94
C LEU B 92 19.36 0.95 -18.65
N CYS B 93 20.31 1.60 -19.29
CA CYS B 93 21.65 1.07 -19.35
C CYS B 93 22.63 1.68 -18.36
N ARG B 94 22.20 2.64 -17.57
CA ARG B 94 23.11 3.26 -16.61
C ARG B 94 23.56 2.31 -15.47
N ASN B 95 22.90 1.20 -15.29
CA ASN B 95 23.31 0.22 -14.30
C ASN B 95 24.06 -0.98 -14.89
N LEU B 96 24.32 -0.97 -16.19
CA LEU B 96 24.92 -2.13 -16.84
C LEU B 96 26.27 -2.53 -16.27
N GLY B 97 27.02 -1.56 -15.73
CA GLY B 97 28.41 -1.77 -15.31
C GLY B 97 28.60 -2.32 -13.90
N HIS B 98 27.49 -2.50 -13.18
CA HIS B 98 27.55 -3.03 -11.83
C HIS B 98 27.99 -4.49 -11.83
N GLY B 99 28.69 -4.83 -10.77
CA GLY B 99 29.34 -6.14 -10.66
C GLY B 99 28.71 -6.88 -9.53
N PRO B 100 29.22 -8.07 -9.21
CA PRO B 100 28.68 -8.86 -8.12
C PRO B 100 28.40 -8.02 -6.88
N PHE B 101 27.21 -8.13 -6.35
CA PHE B 101 26.78 -7.42 -5.15
C PHE B 101 26.84 -5.89 -5.26
N SER B 102 26.71 -5.38 -6.48
CA SER B 102 26.60 -3.95 -6.71
C SER B 102 27.73 -3.17 -6.07
N HIS B 103 27.42 -2.30 -5.12
CA HIS B 103 28.41 -1.31 -4.65
C HIS B 103 29.60 -1.94 -3.95
N MET B 104 29.41 -3.14 -3.45
CA MET B 104 30.50 -3.90 -2.88
C MET B 104 31.65 -4.02 -3.86
N PHE B 105 31.31 -4.29 -5.11
CA PHE B 105 32.31 -4.61 -6.10
C PHE B 105 33.17 -3.39 -6.45
N ASP B 106 32.52 -2.30 -6.80
CA ASP B 106 33.26 -1.07 -7.11
C ASP B 106 33.72 -0.34 -5.86
N GLY B 107 32.95 -0.44 -4.78
CA GLY B 107 33.28 0.27 -3.55
C GLY B 107 34.31 -0.40 -2.66
N ARG B 108 34.36 -1.72 -2.63
CA ARG B 108 35.27 -2.44 -1.74
C ARG B 108 36.26 -3.31 -2.48
N PHE B 109 35.80 -4.18 -3.38
CA PHE B 109 36.66 -5.22 -3.94
C PHE B 109 37.74 -4.69 -4.88
N ILE B 110 37.31 -3.96 -5.90
CA ILE B 110 38.23 -3.49 -6.90
C ILE B 110 39.30 -2.56 -6.33
N PRO B 111 38.90 -1.61 -5.46
CA PRO B 111 39.88 -0.73 -4.88
C PRO B 111 41.00 -1.48 -4.13
N LEU B 112 40.64 -2.57 -3.46
CA LEU B 112 41.65 -3.39 -2.79
C LEU B 112 42.38 -4.31 -3.74
N ALA B 113 41.67 -4.92 -4.68
CA ALA B 113 42.28 -5.87 -5.62
C ALA B 113 43.19 -5.15 -6.62
N ARG B 114 42.75 -3.99 -7.10
CA ARG B 114 43.47 -3.25 -8.14
C ARG B 114 43.52 -1.77 -7.82
N PRO B 115 44.36 -1.42 -6.83
CA PRO B 115 44.50 -0.04 -6.34
C PRO B 115 44.99 0.93 -7.40
N GLU B 116 45.83 0.48 -8.30
CA GLU B 116 46.38 1.37 -9.35
C GLU B 116 45.31 1.88 -10.30
N VAL B 117 44.37 1.00 -10.62
CA VAL B 117 43.28 1.29 -11.55
C VAL B 117 42.28 2.18 -10.86
N LYS B 118 41.70 3.11 -11.61
CA LYS B 118 40.53 3.80 -11.13
C LYS B 118 39.32 3.32 -11.94
N TRP B 119 38.34 2.73 -11.26
CA TRP B 119 37.21 2.08 -11.93
C TRP B 119 35.94 2.44 -11.20
N THR B 120 34.88 2.59 -11.98
CA THR B 120 33.56 2.91 -11.43
C THR B 120 32.56 2.12 -12.22
N HIS B 121 31.44 1.82 -11.61
CA HIS B 121 30.38 1.16 -12.33
C HIS B 121 29.95 1.98 -13.55
N GLU B 122 30.01 3.31 -13.46
CA GLU B 122 29.62 4.16 -14.58
C GLU B 122 30.47 3.87 -15.82
N GLN B 123 31.78 3.76 -15.62
CA GLN B 123 32.68 3.45 -16.72
C GLN B 123 32.35 2.08 -17.25
N GLY B 124 32.07 1.15 -16.35
CA GLY B 124 31.65 -0.17 -16.75
C GLY B 124 30.38 -0.18 -17.58
N SER B 125 29.42 0.67 -17.22
CA SER B 125 28.17 0.76 -17.93
C SER B 125 28.42 1.17 -19.40
N VAL B 126 29.29 2.14 -19.62
CA VAL B 126 29.58 2.60 -20.98
C VAL B 126 30.28 1.50 -21.79
N MET B 127 31.22 0.80 -21.17
CA MET B 127 31.93 -0.27 -21.85
C MET B 127 30.99 -1.42 -22.16
N MET B 128 30.15 -1.78 -21.19
CA MET B 128 29.18 -2.85 -21.39
C MET B 128 28.21 -2.50 -22.47
N PHE B 129 27.77 -1.25 -22.48
CA PHE B 129 26.85 -0.80 -23.49
C PHE B 129 27.43 -0.96 -24.89
N GLU B 130 28.70 -0.59 -25.06
CA GLU B 130 29.42 -0.71 -26.34
C GLU B 130 29.46 -2.18 -26.75
N HIS B 131 29.81 -3.03 -25.80
CA HIS B 131 29.86 -4.45 -26.05
C HIS B 131 28.47 -4.99 -26.41
N LEU B 132 27.44 -4.54 -25.70
CA LEU B 132 26.10 -4.97 -25.97
C LEU B 132 25.72 -4.61 -27.40
N ILE B 133 25.97 -3.38 -27.78
CA ILE B 133 25.59 -2.91 -29.11
C ILE B 133 26.29 -3.72 -30.19
N ASN B 134 27.59 -3.90 -30.05
CA ASN B 134 28.40 -4.55 -31.06
C ASN B 134 28.17 -6.03 -31.13
N SER B 135 28.02 -6.69 -30.00
CA SER B 135 27.77 -8.13 -29.96
C SER B 135 26.44 -8.56 -30.55
N ASN B 136 25.44 -7.67 -30.54
CA ASN B 136 24.08 -8.08 -30.85
C ASN B 136 23.51 -7.37 -32.06
N GLY B 137 24.34 -6.70 -32.83
CA GLY B 137 23.88 -6.05 -34.05
C GLY B 137 22.78 -5.01 -33.86
N ILE B 138 22.89 -4.23 -32.81
CA ILE B 138 21.85 -3.25 -32.48
C ILE B 138 21.83 -2.05 -33.42
N LYS B 139 22.98 -1.63 -33.90
CA LYS B 139 23.05 -0.40 -34.71
C LYS B 139 22.06 -0.39 -35.88
N PRO B 140 21.97 -1.48 -36.66
CA PRO B 140 20.99 -1.57 -37.74
C PRO B 140 19.58 -1.36 -37.23
N VAL B 141 19.30 -1.92 -36.07
CA VAL B 141 17.96 -1.79 -35.48
C VAL B 141 17.71 -0.33 -35.04
N MET B 142 18.73 0.33 -34.53
CA MET B 142 18.63 1.77 -34.20
C MET B 142 18.29 2.63 -35.41
N GLU B 143 18.95 2.37 -36.55
CA GLU B 143 18.68 3.19 -37.74
C GLU B 143 17.27 2.86 -38.23
N GLN B 144 16.84 1.60 -38.11
CA GLN B 144 15.48 1.22 -38.48
C GLN B 144 14.43 2.07 -37.77
N TYR B 145 14.70 2.46 -36.53
CA TYR B 145 13.75 3.28 -35.77
C TYR B 145 14.11 4.75 -35.76
N GLY B 146 15.00 5.16 -36.66
CA GLY B 146 15.26 6.58 -36.91
C GLY B 146 16.40 7.19 -36.10
N LEU B 147 17.10 6.37 -35.34
CA LEU B 147 18.25 6.89 -34.60
C LEU B 147 19.46 6.99 -35.52
N ILE B 148 20.39 7.87 -35.17
CA ILE B 148 21.65 8.04 -35.89
C ILE B 148 22.76 7.59 -34.98
N PRO B 149 23.22 6.34 -35.13
CA PRO B 149 24.15 5.72 -34.20
C PRO B 149 25.37 6.56 -33.80
N GLU B 150 26.01 7.25 -34.72
CA GLU B 150 27.23 8.00 -34.36
C GLU B 150 26.92 9.02 -33.28
N GLU B 151 25.95 9.88 -33.55
CA GLU B 151 25.55 10.95 -32.62
C GLU B 151 24.87 10.39 -31.37
N ASP B 152 23.99 9.42 -31.58
CA ASP B 152 23.10 8.96 -30.51
C ASP B 152 23.80 8.03 -29.52
N ILE B 153 24.71 7.20 -29.99
CA ILE B 153 25.48 6.36 -29.09
C ILE B 153 26.37 7.27 -28.25
N CYS B 154 26.95 8.29 -28.86
CA CYS B 154 27.70 9.26 -28.11
C CYS B 154 26.85 9.91 -27.03
N PHE B 155 25.66 10.34 -27.43
CA PHE B 155 24.70 10.99 -26.51
C PHE B 155 24.37 10.11 -25.32
N ILE B 156 24.10 8.85 -25.61
CA ILE B 156 23.73 7.91 -24.57
C ILE B 156 24.88 7.73 -23.58
N LYS B 157 26.10 7.55 -24.08
CA LYS B 157 27.27 7.38 -23.22
C LYS B 157 27.54 8.62 -22.39
N GLU B 158 27.34 9.78 -22.98
CA GLU B 158 27.51 11.02 -22.26
C GLU B 158 26.50 11.18 -21.11
N GLN B 159 25.26 10.73 -21.32
CA GLN B 159 24.23 10.79 -20.29
C GLN B 159 24.63 9.95 -19.09
N ILE B 160 25.32 8.85 -19.34
CA ILE B 160 25.69 7.92 -18.29
C ILE B 160 26.92 8.37 -17.54
N VAL B 161 27.91 8.83 -18.26
CA VAL B 161 29.22 9.06 -17.67
C VAL B 161 29.72 10.51 -17.72
N GLY B 162 28.95 11.41 -18.34
CA GLY B 162 29.38 12.81 -18.56
C GLY B 162 30.20 12.93 -19.82
N PRO B 163 30.83 14.10 -20.04
CA PRO B 163 31.64 14.32 -21.24
C PRO B 163 32.74 13.29 -21.40
N LEU B 164 32.98 12.86 -22.63
CA LEU B 164 34.02 11.90 -22.96
C LEU B 164 35.32 12.66 -23.35
N LEU B 172 32.72 26.41 -22.33
CA LEU B 172 32.43 25.82 -23.63
C LEU B 172 31.51 24.61 -23.47
N TRP B 173 30.60 24.39 -24.43
CA TRP B 173 29.68 23.26 -24.33
C TRP B 173 30.48 22.00 -24.58
N PRO B 174 30.59 21.11 -23.57
CA PRO B 174 31.48 19.94 -23.68
C PRO B 174 30.86 18.67 -24.28
N TYR B 175 29.60 18.75 -24.65
CA TYR B 175 28.90 17.56 -25.11
C TYR B 175 28.84 17.56 -26.61
N LYS B 176 28.98 16.37 -27.18
CA LYS B 176 28.91 16.19 -28.60
C LYS B 176 27.62 15.51 -29.05
N GLY B 177 26.97 14.77 -28.15
CA GLY B 177 25.78 14.01 -28.53
C GLY B 177 24.58 14.88 -28.84
N ARG B 178 24.47 16.00 -28.14
CA ARG B 178 23.41 16.97 -28.42
C ARG B 178 23.93 18.38 -28.17
N PRO B 179 23.32 19.38 -28.81
CA PRO B 179 23.73 20.77 -28.63
C PRO B 179 23.12 21.47 -27.42
N GLU B 180 23.57 22.69 -27.17
CA GLU B 180 23.20 23.47 -25.97
C GLU B 180 21.71 23.64 -25.77
N ASN B 181 20.98 23.78 -26.86
CA ASN B 181 19.53 23.94 -26.81
C ASN B 181 18.83 22.70 -26.23
N LYS B 182 19.47 21.54 -26.31
CA LYS B 182 18.95 20.32 -25.70
C LYS B 182 19.64 19.97 -24.38
N SER B 183 20.26 20.95 -23.73
CA SER B 183 21.06 20.69 -22.52
C SER B 183 20.28 20.05 -21.38
N PHE B 184 19.01 20.43 -21.25
CA PHE B 184 18.11 19.86 -20.24
C PHE B 184 18.01 18.33 -20.29
N LEU B 185 18.21 17.74 -21.46
CA LEU B 185 18.17 16.27 -21.59
C LEU B 185 19.23 15.55 -20.77
N TYR B 186 20.37 16.21 -20.56
CA TYR B 186 21.45 15.63 -19.77
C TYR B 186 21.18 15.66 -18.26
N GLU B 187 20.07 16.26 -17.84
CA GLU B 187 19.73 16.33 -16.42
C GLU B 187 18.78 15.21 -15.98
N ILE B 188 18.36 14.33 -16.88
CA ILE B 188 17.31 13.36 -16.57
C ILE B 188 17.84 12.07 -15.94
N VAL B 189 18.78 11.41 -16.59
CA VAL B 189 19.18 10.05 -16.17
C VAL B 189 20.18 10.09 -15.04
N SER B 190 21.20 10.93 -15.22
CA SER B 190 22.30 11.05 -14.28
C SER B 190 22.72 12.49 -14.18
N ASN B 191 22.19 13.15 -13.16
CA ASN B 191 22.30 14.59 -13.06
C ASN B 191 23.57 14.96 -12.33
N LYS B 192 24.58 15.38 -13.07
CA LYS B 192 25.88 15.74 -12.45
C LYS B 192 25.83 17.07 -11.72
N ARG B 193 24.90 17.94 -12.08
CA ARG B 193 24.79 19.25 -11.48
C ARG B 193 24.32 19.22 -10.02
N ASN B 194 23.29 18.43 -9.72
CA ASN B 194 22.73 18.39 -8.36
C ASN B 194 22.22 17.03 -7.88
N GLY B 195 22.35 16.01 -8.72
CA GLY B 195 21.97 14.64 -8.36
C GLY B 195 20.49 14.34 -8.36
N ILE B 196 19.67 15.27 -8.81
CA ILE B 196 18.24 15.05 -8.87
C ILE B 196 17.92 14.41 -10.19
N ASP B 197 17.72 13.09 -10.18
CA ASP B 197 17.49 12.32 -11.39
C ASP B 197 16.60 11.14 -11.14
N VAL B 198 16.19 10.51 -12.24
CA VAL B 198 15.21 9.44 -12.18
C VAL B 198 15.73 8.15 -11.56
N ASP B 199 17.03 7.99 -11.48
CA ASP B 199 17.61 6.81 -10.86
C ASP B 199 17.18 6.74 -9.40
N LYS B 200 17.34 7.85 -8.72
CA LYS B 200 16.97 7.98 -7.32
C LYS B 200 15.48 7.72 -7.14
N TRP B 201 14.69 8.30 -8.02
CA TRP B 201 13.26 8.21 -7.89
C TRP B 201 12.80 6.76 -7.93
N ASP B 202 13.37 5.98 -8.85
CA ASP B 202 13.05 4.58 -8.85
C ASP B 202 13.55 3.86 -7.60
N TYR B 203 14.82 4.02 -7.25
CA TYR B 203 15.33 3.21 -6.13
C TYR B 203 14.69 3.57 -4.78
N PHE B 204 14.30 4.82 -4.57
CA PHE B 204 13.56 5.18 -3.36
C PHE B 204 12.29 4.35 -3.23
N ALA B 205 11.49 4.37 -4.28
CA ALA B 205 10.22 3.65 -4.26
C ALA B 205 10.47 2.15 -4.21
N ARG B 206 11.40 1.67 -5.03
CA ARG B 206 11.61 0.23 -5.14
C ARG B 206 12.19 -0.35 -3.87
N ASP B 207 13.22 0.29 -3.37
CA ASP B 207 13.89 -0.23 -2.19
C ASP B 207 12.92 -0.19 -1.01
N CYS B 208 12.12 0.85 -0.90
CA CYS B 208 11.20 0.94 0.22
C CYS B 208 10.10 -0.14 0.18
N HIS B 209 9.53 -0.35 -0.98
CA HIS B 209 8.66 -1.49 -1.21
C HIS B 209 9.27 -2.83 -0.75
N HIS B 210 10.54 -3.08 -1.08
CA HIS B 210 11.19 -4.36 -0.76
C HIS B 210 11.74 -4.39 0.66
N LEU B 211 12.23 -3.27 1.13
CA LEU B 211 12.82 -3.22 2.46
C LEU B 211 11.76 -3.32 3.54
N GLY B 212 10.62 -2.73 3.26
CA GLY B 212 9.56 -2.68 4.24
C GLY B 212 9.63 -1.40 5.04
N ILE B 213 9.98 -0.31 4.38
CA ILE B 213 9.93 1.00 5.03
C ILE B 213 9.09 1.94 4.19
N GLN B 214 8.17 2.64 4.85
CA GLN B 214 7.14 3.46 4.18
C GLN B 214 7.74 4.85 4.08
N ASN B 215 8.81 4.99 3.31
CA ASN B 215 9.51 6.24 3.11
C ASN B 215 9.64 6.44 1.63
N ASN B 216 9.71 7.69 1.19
CA ASN B 216 9.69 7.87 -0.24
C ASN B 216 9.55 9.28 -0.70
N PHE B 217 9.79 9.47 -2.01
CA PHE B 217 9.68 10.77 -2.64
C PHE B 217 8.66 10.72 -3.74
N ASP B 218 7.79 11.71 -3.73
CA ASP B 218 6.77 11.78 -4.75
C ASP B 218 7.30 12.37 -6.04
N TYR B 219 7.73 11.51 -6.95
CA TYR B 219 8.28 11.94 -8.21
C TYR B 219 7.20 12.33 -9.16
N LYS B 220 6.05 11.67 -9.07
CA LYS B 220 4.94 12.01 -9.96
C LYS B 220 4.48 13.44 -9.80
N ARG B 221 4.40 13.88 -8.54
CA ARG B 221 4.09 15.28 -8.26
C ARG B 221 5.15 16.18 -8.85
N PHE B 222 6.41 15.82 -8.60
CA PHE B 222 7.50 16.62 -9.09
C PHE B 222 7.50 16.78 -10.61
N ILE B 223 7.27 15.69 -11.33
CA ILE B 223 7.24 15.74 -12.78
C ILE B 223 6.17 16.72 -13.25
N LYS B 224 5.00 16.69 -12.63
CA LYS B 224 3.95 17.60 -13.02
C LYS B 224 4.33 19.06 -12.86
N PHE B 225 5.20 19.40 -11.91
CA PHE B 225 5.60 20.80 -11.75
C PHE B 225 6.99 21.12 -12.33
N ALA B 226 7.56 20.21 -13.11
CA ALA B 226 8.87 20.50 -13.70
C ALA B 226 8.71 21.27 -15.01
N ARG B 227 9.65 22.16 -15.31
CA ARG B 227 9.62 22.99 -16.52
C ARG B 227 11.05 23.23 -17.00
N VAL B 228 11.21 23.59 -18.27
CA VAL B 228 12.52 23.99 -18.78
C VAL B 228 12.55 25.50 -18.93
N CYS B 229 13.59 26.11 -18.35
CA CYS B 229 13.83 27.56 -18.46
C CYS B 229 15.29 27.82 -18.79
N GLU B 230 15.58 29.00 -19.34
CA GLU B 230 16.94 29.40 -19.63
C GLU B 230 17.61 29.84 -18.35
N VAL B 231 18.79 29.28 -18.09
CA VAL B 231 19.61 29.67 -16.94
C VAL B 231 21.02 29.84 -17.47
N ASP B 232 21.57 31.05 -17.31
CA ASP B 232 22.80 31.43 -17.99
C ASP B 232 22.32 31.41 -19.43
N ASN B 233 23.05 30.76 -20.32
CA ASN B 233 22.56 30.56 -21.68
C ASN B 233 22.36 29.10 -21.89
N GLU B 234 21.79 28.42 -20.89
CA GLU B 234 21.55 27.00 -20.98
C GLU B 234 20.10 26.75 -20.66
N LEU B 235 19.51 25.82 -21.39
CA LEU B 235 18.18 25.36 -21.07
C LEU B 235 18.26 24.28 -20.01
N ARG B 236 17.66 24.55 -18.85
CA ARG B 236 17.70 23.61 -17.74
C ARG B 236 16.32 23.31 -17.19
N ILE B 237 16.22 22.14 -16.55
CA ILE B 237 14.99 21.75 -15.90
C ILE B 237 14.87 22.54 -14.62
N CYS B 238 13.72 23.18 -14.42
CA CYS B 238 13.45 23.96 -13.23
C CYS B 238 12.24 23.41 -12.51
N ALA B 239 12.27 23.53 -11.19
CA ALA B 239 11.18 23.10 -10.33
C ALA B 239 10.37 24.28 -9.88
N ARG B 240 9.08 24.06 -9.63
CA ARG B 240 8.22 25.10 -9.05
C ARG B 240 8.76 25.46 -7.70
N ASP B 241 8.75 26.74 -7.37
CA ASP B 241 9.22 27.22 -6.07
C ASP B 241 8.70 26.44 -4.88
N LYS B 242 7.41 26.13 -4.90
CA LYS B 242 6.77 25.44 -3.78
C LYS B 242 7.33 24.03 -3.55
N GLU B 243 8.04 23.48 -4.52
CA GLU B 243 8.59 22.14 -4.36
C GLU B 243 9.89 22.09 -3.59
N VAL B 244 10.39 23.25 -3.17
CA VAL B 244 11.72 23.31 -2.55
C VAL B 244 11.79 22.47 -1.27
N GLY B 245 10.73 22.54 -0.46
CA GLY B 245 10.67 21.77 0.75
C GLY B 245 10.73 20.29 0.45
N ASN B 246 10.03 19.88 -0.60
CA ASN B 246 10.02 18.49 -0.99
C ASN B 246 11.38 18.03 -1.43
N LEU B 247 12.13 18.91 -2.06
CA LEU B 247 13.49 18.57 -2.47
C LEU B 247 14.42 18.37 -1.30
N TYR B 248 14.31 19.23 -0.30
CA TYR B 248 15.10 19.06 0.91
C TYR B 248 14.72 17.70 1.55
N ASP B 249 13.41 17.42 1.56
CA ASP B 249 12.90 16.18 2.10
C ASP B 249 13.44 14.97 1.33
N MET B 250 13.54 15.11 0.01
CA MET B 250 14.06 14.05 -0.84
C MET B 250 15.45 13.63 -0.36
N PHE B 251 16.31 14.62 -0.11
CA PHE B 251 17.68 14.30 0.31
C PHE B 251 17.72 13.80 1.75
N HIS B 252 16.79 14.29 2.57
CA HIS B 252 16.65 13.74 3.89
C HIS B 252 16.29 12.25 3.83
N THR B 253 15.38 11.90 2.94
CA THR B 253 15.00 10.51 2.76
C THR B 253 16.17 9.66 2.31
N ARG B 254 16.89 10.15 1.34
CA ARG B 254 18.14 9.48 0.90
C ARG B 254 19.10 9.20 2.07
N ASN B 255 19.30 10.21 2.91
CA ASN B 255 20.15 10.04 4.05
C ASN B 255 19.66 9.00 5.03
N SER B 256 18.34 8.99 5.23
CA SER B 256 17.63 8.01 6.09
C SER B 256 17.78 6.59 5.60
N LEU B 257 17.59 6.42 4.30
CA LEU B 257 17.78 5.13 3.68
C LEU B 257 19.22 4.63 3.80
N HIS B 258 20.20 5.54 3.63
CA HIS B 258 21.59 5.13 3.74
C HIS B 258 21.94 4.74 5.16
N ARG B 259 21.49 5.54 6.12
CA ARG B 259 21.74 5.23 7.52
C ARG B 259 21.12 3.89 7.92
N ARG B 260 19.80 3.72 7.66
CA ARG B 260 19.09 2.54 8.11
C ARG B 260 19.36 1.29 7.28
N ALA B 261 19.55 1.43 5.98
CA ALA B 261 19.66 0.25 5.13
C ALA B 261 20.98 0.11 4.36
N TYR B 262 21.28 1.04 3.47
CA TYR B 262 22.46 0.86 2.59
C TYR B 262 23.83 0.82 3.30
N GLN B 263 23.93 1.49 4.44
CA GLN B 263 25.09 1.41 5.27
C GLN B 263 24.86 0.66 6.55
N HIS B 264 23.91 -0.21 6.57
CA HIS B 264 23.61 -0.95 7.80
C HIS B 264 24.91 -1.63 8.23
N LYS B 265 25.20 -1.54 9.52
CA LYS B 265 26.44 -2.03 10.07
C LYS B 265 26.74 -3.46 9.70
N VAL B 266 25.72 -4.29 9.75
CA VAL B 266 25.86 -5.71 9.45
C VAL B 266 25.86 -5.97 7.95
N GLY B 267 25.08 -5.22 7.21
CA GLY B 267 25.06 -5.37 5.76
C GLY B 267 26.41 -5.08 5.21
N ASN B 268 27.05 -4.05 5.76
CA ASN B 268 28.44 -3.67 5.37
C ASN B 268 29.43 -4.71 5.73
N ILE B 269 29.31 -5.31 6.90
CA ILE B 269 30.29 -6.30 7.31
C ILE B 269 30.21 -7.57 6.48
N ILE B 270 29.01 -7.88 6.04
CA ILE B 270 28.80 -9.03 5.18
C ILE B 270 29.46 -8.74 3.85
N ASP B 271 29.24 -7.54 3.35
CA ASP B 271 29.89 -7.14 2.12
C ASP B 271 31.43 -7.23 2.26
N THR B 272 31.91 -6.85 3.44
CA THR B 272 33.31 -6.88 3.68
C THR B 272 33.84 -8.31 3.69
N MET B 273 33.07 -9.23 4.28
CA MET B 273 33.51 -10.63 4.34
C MET B 273 33.53 -11.26 2.96
N ILE B 274 32.55 -10.89 2.16
CA ILE B 274 32.46 -11.41 0.82
C ILE B 274 33.63 -10.92 0.01
N THR B 275 33.92 -9.64 0.16
CA THR B 275 35.10 -9.05 -0.49
C THR B 275 36.41 -9.76 -0.11
N ASP B 276 36.54 -10.06 1.17
CA ASP B 276 37.67 -10.80 1.64
C ASP B 276 37.80 -12.17 1.01
N ALA B 277 36.68 -12.86 0.92
CA ALA B 277 36.64 -14.17 0.27
C ALA B 277 37.04 -14.07 -1.20
N PHE B 278 36.56 -13.03 -1.87
CA PHE B 278 36.86 -12.83 -3.28
C PHE B 278 38.32 -12.62 -3.49
N LEU B 279 38.92 -11.83 -2.59
CA LEU B 279 40.38 -11.60 -2.66
C LEU B 279 41.13 -12.89 -2.51
N LYS B 280 40.71 -13.72 -1.57
CA LYS B 280 41.33 -15.04 -1.39
C LYS B 280 41.14 -16.02 -2.57
N ALA B 281 40.03 -15.90 -3.28
CA ALA B 281 39.74 -16.76 -4.41
C ALA B 281 40.32 -16.19 -5.73
N ASP B 282 40.84 -14.96 -5.73
CA ASP B 282 41.08 -14.26 -6.98
C ASP B 282 42.05 -15.00 -7.89
N ASP B 283 43.04 -15.62 -7.26
CA ASP B 283 44.06 -16.34 -7.99
C ASP B 283 43.52 -17.57 -8.66
N TYR B 284 42.57 -18.23 -8.03
CA TYR B 284 42.21 -19.59 -8.44
C TYR B 284 40.97 -19.67 -9.30
N ILE B 285 40.20 -18.59 -9.40
CA ILE B 285 39.02 -18.58 -10.27
C ILE B 285 39.44 -18.07 -11.65
N GLU B 286 38.98 -18.74 -12.71
CA GLU B 286 39.23 -18.27 -14.06
C GLU B 286 37.93 -18.05 -14.80
N ILE B 287 37.85 -16.92 -15.51
CA ILE B 287 36.67 -16.54 -16.27
C ILE B 287 37.14 -16.34 -17.70
N THR B 288 36.50 -17.04 -18.63
CA THR B 288 36.90 -17.01 -20.03
C THR B 288 36.29 -15.83 -20.73
N GLY B 289 37.14 -15.05 -21.39
CA GLY B 289 36.72 -13.87 -22.12
C GLY B 289 36.93 -14.02 -23.62
N ALA B 290 37.12 -12.89 -24.29
CA ALA B 290 37.29 -12.87 -25.73
C ALA B 290 38.56 -13.65 -26.14
N GLY B 291 38.41 -14.45 -27.19
CA GLY B 291 39.51 -15.25 -27.71
C GLY B 291 39.88 -16.42 -26.82
N GLY B 292 38.99 -16.84 -25.92
CA GLY B 292 39.27 -17.98 -25.01
C GLY B 292 40.27 -17.62 -23.91
N LYS B 293 40.59 -16.35 -23.83
CA LYS B 293 41.58 -15.88 -22.89
C LYS B 293 40.98 -15.90 -21.50
N LYS B 294 41.78 -16.18 -20.47
CA LYS B 294 41.28 -16.31 -19.11
C LYS B 294 41.56 -15.08 -18.27
N TYR B 295 40.60 -14.72 -17.45
CA TYR B 295 40.74 -13.57 -16.57
C TYR B 295 40.40 -13.95 -15.15
N ARG B 296 40.74 -13.06 -14.23
CA ARG B 296 40.44 -13.24 -12.83
C ARG B 296 39.28 -12.30 -12.44
N ILE B 297 38.63 -12.60 -11.32
CA ILE B 297 37.55 -11.73 -10.81
C ILE B 297 37.98 -10.27 -10.93
N SER B 298 39.23 -10.00 -10.54
CA SER B 298 39.78 -8.65 -10.55
C SER B 298 40.17 -8.10 -11.93
N THR B 299 40.35 -8.96 -12.93
CA THR B 299 40.68 -8.50 -14.28
C THR B 299 39.56 -8.67 -15.33
N ALA B 300 38.44 -9.27 -14.95
CA ALA B 300 37.29 -9.40 -15.85
C ALA B 300 36.73 -8.05 -16.30
N ILE B 301 36.92 -7.02 -15.49
CA ILE B 301 36.56 -5.65 -15.91
C ILE B 301 37.35 -5.16 -17.14
N ASP B 302 38.46 -5.82 -17.47
CA ASP B 302 39.19 -5.47 -18.68
C ASP B 302 38.58 -6.01 -19.97
N ASP B 303 37.84 -7.10 -19.87
CA ASP B 303 37.20 -7.70 -21.04
C ASP B 303 35.70 -7.91 -20.80
N MET B 304 34.88 -7.21 -21.59
CA MET B 304 33.44 -7.21 -21.39
C MET B 304 32.82 -8.60 -21.59
N GLU B 305 33.37 -9.39 -22.50
CA GLU B 305 32.90 -10.76 -22.69
C GLU B 305 33.06 -11.58 -21.41
N ALA B 306 34.16 -11.39 -20.71
CA ALA B 306 34.34 -12.00 -19.40
C ALA B 306 33.48 -11.36 -18.33
N TYR B 307 33.38 -10.04 -18.35
CA TYR B 307 32.60 -9.32 -17.34
C TYR B 307 31.07 -9.68 -17.42
N THR B 308 30.62 -9.99 -18.63
CA THR B 308 29.30 -10.47 -18.83
C THR B 308 29.01 -11.68 -18.00
N LYS B 309 30.00 -12.52 -17.76
CA LYS B 309 29.82 -13.74 -16.99
C LYS B 309 30.09 -13.58 -15.52
N LEU B 310 30.20 -12.34 -15.06
CA LEU B 310 30.62 -12.07 -13.68
C LEU B 310 29.50 -11.47 -12.88
N THR B 311 28.88 -12.33 -12.05
CA THR B 311 27.66 -11.98 -11.31
C THR B 311 27.71 -12.57 -9.89
N ASP B 312 26.57 -12.51 -9.16
CA ASP B 312 26.53 -12.99 -7.79
C ASP B 312 26.76 -14.50 -7.75
N ASN B 313 26.61 -15.16 -8.90
CA ASN B 313 27.02 -16.56 -9.07
C ASN B 313 28.35 -16.93 -8.47
N ILE B 314 29.34 -16.01 -8.60
CA ILE B 314 30.71 -16.25 -8.16
C ILE B 314 30.76 -16.55 -6.66
N PHE B 315 29.88 -15.91 -5.92
CA PHE B 315 29.67 -16.24 -4.51
C PHE B 315 29.38 -17.74 -4.31
N LEU B 316 28.43 -18.26 -5.08
CA LEU B 316 28.09 -19.66 -4.95
C LEU B 316 29.13 -20.59 -5.55
N GLU B 317 29.75 -20.19 -6.64
CA GLU B 317 30.88 -20.98 -7.18
C GLU B 317 31.94 -21.25 -6.10
N ILE B 318 32.32 -20.23 -5.35
CA ILE B 318 33.26 -20.37 -4.25
C ILE B 318 32.67 -21.22 -3.13
N LEU B 319 31.42 -20.95 -2.75
CA LEU B 319 30.79 -21.66 -1.64
C LEU B 319 30.68 -23.14 -1.90
N TYR B 320 30.36 -23.49 -3.14
CA TYR B 320 30.17 -24.88 -3.49
C TYR B 320 31.44 -25.56 -3.95
N SER B 321 32.55 -24.84 -4.06
CA SER B 321 33.81 -25.40 -4.55
C SER B 321 34.33 -26.50 -3.64
N THR B 322 35.11 -27.41 -4.22
CA THR B 322 35.79 -28.44 -3.45
C THR B 322 37.32 -28.32 -3.59
N ASP B 323 37.81 -27.53 -4.53
CA ASP B 323 39.25 -27.37 -4.65
C ASP B 323 39.85 -26.82 -3.36
N PRO B 324 40.92 -27.46 -2.87
CA PRO B 324 41.57 -27.04 -1.64
C PRO B 324 42.18 -25.65 -1.71
N LYS B 325 42.55 -25.18 -2.89
CA LYS B 325 43.08 -23.82 -3.02
C LYS B 325 42.05 -22.77 -2.65
N LEU B 326 40.76 -23.13 -2.82
CA LEU B 326 39.64 -22.25 -2.47
C LEU B 326 39.13 -22.45 -1.05
N LYS B 327 39.81 -23.27 -0.27
CA LYS B 327 39.40 -23.56 1.09
C LYS B 327 39.23 -22.29 1.93
N ASP B 328 40.21 -21.39 1.89
CA ASP B 328 40.19 -20.19 2.75
C ASP B 328 39.04 -19.27 2.37
N ALA B 329 38.83 -19.11 1.08
CA ALA B 329 37.75 -18.29 0.58
C ALA B 329 36.39 -18.92 0.96
N ARG B 330 36.27 -20.22 0.71
CA ARG B 330 35.08 -20.98 0.99
C ARG B 330 34.75 -20.94 2.48
N GLU B 331 35.75 -21.01 3.33
CA GLU B 331 35.53 -20.97 4.78
C GLU B 331 34.90 -19.69 5.25
N ILE B 332 35.30 -18.57 4.64
CA ILE B 332 34.76 -17.29 5.03
C ILE B 332 33.27 -17.26 4.69
N LEU B 333 32.92 -17.71 3.49
CA LEU B 333 31.52 -17.75 3.08
C LEU B 333 30.71 -18.69 3.95
N LYS B 334 31.32 -19.79 4.37
CA LYS B 334 30.63 -20.69 5.27
C LYS B 334 30.32 -19.99 6.59
N GLN B 335 31.23 -19.15 7.05
CA GLN B 335 30.98 -18.45 8.31
C GLN B 335 29.80 -17.49 8.19
N ILE B 336 29.65 -16.91 7.01
CA ILE B 336 28.50 -16.10 6.75
C ILE B 336 27.17 -16.91 6.93
N GLU B 337 27.11 -18.10 6.35
CA GLU B 337 25.94 -18.97 6.47
C GLU B 337 25.61 -19.33 7.91
N TYR B 338 26.63 -19.55 8.71
CA TYR B 338 26.42 -19.85 10.11
C TYR B 338 26.18 -18.60 10.93
N ARG B 339 26.26 -17.44 10.29
CA ARG B 339 26.08 -16.16 10.98
C ARG B 339 27.21 -15.93 11.99
N ASN B 340 28.39 -16.49 11.73
CA ASN B 340 29.56 -16.21 12.57
C ASN B 340 30.32 -15.07 11.91
N LEU B 341 29.77 -13.87 12.04
CA LEU B 341 30.30 -12.67 11.36
C LEU B 341 31.39 -11.99 12.19
N PHE B 342 32.21 -11.15 11.57
CA PHE B 342 33.10 -10.26 12.30
C PHE B 342 32.21 -9.40 13.17
N LYS B 343 32.64 -9.10 14.39
CA LYS B 343 31.77 -8.41 15.32
C LYS B 343 31.90 -6.90 15.29
N TYR B 344 30.75 -6.24 15.27
CA TYR B 344 30.65 -4.80 15.36
C TYR B 344 31.08 -4.38 16.73
N VAL B 345 32.05 -3.46 16.78
CA VAL B 345 32.48 -2.93 18.03
C VAL B 345 31.77 -1.62 18.35
N GLY B 346 31.73 -0.72 17.38
CA GLY B 346 31.06 0.55 17.61
C GLY B 346 31.20 1.51 16.46
N GLU B 347 30.63 2.70 16.65
CA GLU B 347 30.64 3.76 15.66
C GLU B 347 31.00 5.09 16.33
N THR B 348 31.78 5.93 15.66
CA THR B 348 32.08 7.29 16.16
C THR B 348 32.14 8.21 14.96
N GLN B 349 32.31 9.51 15.23
CA GLN B 349 32.53 10.51 14.19
C GLN B 349 33.69 11.48 14.52
N PRO B 350 34.37 12.03 13.49
CA PRO B 350 35.32 13.11 13.70
C PRO B 350 34.68 14.39 14.22
N THR B 351 35.43 15.16 15.01
CA THR B 351 34.94 16.40 15.61
C THR B 351 35.44 17.65 14.87
N GLY B 352 34.54 18.60 14.67
CA GLY B 352 34.88 19.89 14.06
C GLY B 352 35.55 19.84 12.69
N GLN B 353 36.73 20.46 12.63
CA GLN B 353 37.52 20.56 11.41
C GLN B 353 37.90 19.22 10.78
N ILE B 354 38.18 18.23 11.60
CA ILE B 354 38.84 16.99 11.13
C ILE B 354 38.09 16.22 10.03
N LYS B 355 38.79 15.80 8.97
CA LYS B 355 38.29 14.89 7.96
C LYS B 355 39.28 13.78 7.74
N ILE B 356 38.84 12.58 7.35
CA ILE B 356 39.76 11.48 7.11
C ILE B 356 39.97 11.18 5.65
N LYS B 357 41.26 11.18 5.25
CA LYS B 357 41.66 11.04 3.86
C LYS B 357 41.73 9.57 3.53
N ARG B 358 41.52 9.28 2.27
CA ARG B 358 41.52 7.91 1.78
C ARG B 358 42.85 7.23 2.00
N GLU B 359 43.93 7.98 1.83
CA GLU B 359 45.30 7.45 2.06
C GLU B 359 45.51 7.03 3.53
N ASP B 360 44.82 7.71 4.44
CA ASP B 360 44.91 7.39 5.85
C ASP B 360 44.21 6.09 6.23
N TYR B 361 43.32 5.57 5.38
CA TYR B 361 42.47 4.44 5.76
C TYR B 361 43.26 3.21 6.21
N GLU B 362 44.37 2.91 5.52
CA GLU B 362 45.12 1.68 5.88
C GLU B 362 45.76 1.73 7.25
N SER B 363 46.13 2.92 7.68
CA SER B 363 46.76 3.08 8.99
C SER B 363 45.81 2.87 10.16
N LEU B 364 44.50 3.07 9.94
CA LEU B 364 43.51 3.16 11.04
C LEU B 364 43.42 1.94 11.95
N PRO B 365 43.46 0.73 11.37
CA PRO B 365 43.48 -0.44 12.24
C PRO B 365 44.69 -0.46 13.17
N LYS B 366 45.87 -0.07 12.63
CA LYS B 366 47.08 0.05 13.42
C LYS B 366 46.92 1.02 14.58
N GLU B 367 46.35 2.19 14.31
CA GLU B 367 46.09 3.14 15.38
C GLU B 367 45.22 2.56 16.50
N VAL B 368 44.15 1.82 16.16
CA VAL B 368 43.24 1.29 17.16
C VAL B 368 43.96 0.27 18.02
N ALA B 369 44.77 -0.58 17.40
CA ALA B 369 45.56 -1.57 18.13
C ALA B 369 46.63 -0.91 19.02
N SER B 370 47.10 0.27 18.61
CA SER B 370 48.07 1.04 19.38
C SER B 370 47.51 1.79 20.59
N ALA B 371 46.18 1.89 20.72
CA ALA B 371 45.57 2.58 21.85
C ALA B 371 45.92 1.77 23.09
N LYS B 372 46.14 2.46 24.20
CA LYS B 372 46.50 1.80 25.47
C LYS B 372 45.42 2.11 26.50
N PRO B 373 44.31 1.37 26.46
CA PRO B 373 43.29 1.59 27.48
C PRO B 373 43.79 1.17 28.85
N LYS B 374 43.47 1.95 29.88
CA LYS B 374 43.96 1.65 31.22
C LYS B 374 42.94 0.71 31.86
N VAL B 375 42.87 -0.52 31.34
CA VAL B 375 42.01 -1.59 31.90
C VAL B 375 42.68 -2.94 31.75
N LEU B 376 42.48 -3.84 32.71
CA LEU B 376 43.10 -5.15 32.67
C LEU B 376 42.44 -6.01 31.62
N LEU B 377 43.25 -6.59 30.73
CA LEU B 377 42.75 -7.40 29.64
C LEU B 377 43.37 -8.80 29.66
N ASP B 378 42.51 -9.81 29.50
CA ASP B 378 42.91 -11.22 29.37
C ASP B 378 43.70 -11.43 28.06
N VAL B 379 43.25 -10.80 26.98
CA VAL B 379 43.82 -10.99 25.64
C VAL B 379 44.31 -9.68 25.04
N LYS B 380 45.30 -9.74 24.15
CA LYS B 380 45.84 -8.54 23.49
C LYS B 380 45.61 -8.66 21.99
N LEU B 381 45.05 -7.61 21.38
CA LEU B 381 44.67 -7.63 19.96
C LEU B 381 45.64 -6.88 19.07
N LYS B 382 45.67 -7.27 17.80
CA LYS B 382 46.62 -6.72 16.82
C LYS B 382 45.91 -5.99 15.70
N ALA B 383 46.64 -5.20 14.93
CA ALA B 383 46.06 -4.43 13.83
C ALA B 383 45.19 -5.29 12.92
N GLU B 384 45.71 -6.46 12.55
CA GLU B 384 45.02 -7.39 11.65
C GLU B 384 43.67 -7.92 12.18
N ASP B 385 43.46 -7.81 13.48
CA ASP B 385 42.20 -8.21 14.12
C ASP B 385 41.12 -7.16 13.96
N PHE B 386 41.47 -5.96 13.53
CA PHE B 386 40.51 -4.86 13.40
C PHE B 386 40.16 -4.51 11.97
N ILE B 387 38.90 -4.12 11.78
CA ILE B 387 38.42 -3.56 10.52
C ILE B 387 37.88 -2.19 10.84
N VAL B 388 38.28 -1.19 10.06
CA VAL B 388 37.80 0.17 10.20
C VAL B 388 37.16 0.63 8.91
N ASP B 389 35.88 0.97 8.97
CA ASP B 389 35.07 1.26 7.79
C ASP B 389 34.70 2.72 7.90
N VAL B 390 35.16 3.54 6.94
CA VAL B 390 34.90 4.97 6.94
C VAL B 390 33.81 5.22 5.94
N ILE B 391 32.71 5.83 6.37
CA ILE B 391 31.61 6.08 5.48
C ILE B 391 31.42 7.59 5.35
N ASN B 392 31.48 8.08 4.13
CA ASN B 392 31.18 9.48 3.84
C ASN B 392 29.69 9.63 3.58
N MET B 393 29.00 10.30 4.48
CA MET B 393 27.57 10.58 4.34
C MET B 393 27.40 12.01 3.93
N ASP B 394 26.74 12.24 2.79
CA ASP B 394 26.47 13.59 2.36
C ASP B 394 25.20 13.68 1.56
N TYR B 395 24.88 14.88 1.08
CA TYR B 395 23.69 15.09 0.23
C TYR B 395 24.03 14.97 -1.29
N GLY B 396 25.04 14.17 -1.61
CA GLY B 396 25.45 13.94 -3.00
C GLY B 396 26.47 14.90 -3.60
N MET B 397 26.84 15.94 -2.86
CA MET B 397 27.72 16.98 -3.39
C MET B 397 28.79 17.37 -2.40
N GLN B 398 29.36 16.37 -1.76
CA GLN B 398 30.32 16.59 -0.67
C GLN B 398 29.77 17.63 0.30
N GLU B 399 30.50 18.73 0.52
CA GLU B 399 30.16 19.75 1.52
C GLU B 399 28.99 20.62 1.09
N LYS B 400 28.75 20.66 -0.21
CA LYS B 400 27.77 21.55 -0.79
C LYS B 400 26.31 21.07 -0.61
N ASN B 401 25.42 22.07 -0.63
CA ASN B 401 24.01 21.88 -0.56
C ASN B 401 23.50 21.81 -1.99
N PRO B 402 22.97 20.63 -2.39
CA PRO B 402 22.52 20.47 -3.78
C PRO B 402 21.41 21.42 -4.18
N ILE B 403 20.62 21.88 -3.21
CA ILE B 403 19.50 22.79 -3.50
C ILE B 403 19.99 24.17 -3.95
N ASP B 404 21.20 24.54 -3.57
CA ASP B 404 21.82 25.75 -4.11
C ASP B 404 22.12 25.63 -5.60
N HIS B 405 22.09 24.41 -6.13
CA HIS B 405 22.30 24.18 -7.54
C HIS B 405 21.07 23.72 -8.27
N VAL B 406 19.91 24.06 -7.73
CA VAL B 406 18.62 23.85 -8.36
C VAL B 406 18.02 25.21 -8.76
N SER B 407 17.40 25.21 -9.92
CA SER B 407 16.72 26.38 -10.44
C SER B 407 15.22 26.21 -10.28
N PHE B 408 14.56 27.29 -9.84
CA PHE B 408 13.14 27.27 -9.63
C PHE B 408 12.43 28.28 -10.50
N TYR B 409 11.12 28.16 -10.57
CA TYR B 409 10.29 29.17 -11.21
C TYR B 409 9.06 29.38 -10.37
N CYS B 410 8.42 30.52 -10.57
N CYS B 410 8.41 30.52 -10.58
CA CYS B 410 7.23 30.85 -9.80
CA CYS B 410 7.23 30.87 -9.82
C CYS B 410 6.00 30.94 -10.71
C CYS B 410 6.00 30.94 -10.72
N LYS B 411 4.82 30.78 -10.10
CA LYS B 411 3.56 30.70 -10.83
C LYS B 411 3.30 31.96 -11.66
N THR B 412 3.66 33.12 -11.12
CA THR B 412 3.47 34.39 -11.81
C THR B 412 4.43 34.66 -12.99
N ALA B 413 5.55 33.95 -13.08
CA ALA B 413 6.46 34.08 -14.23
C ALA B 413 7.17 32.77 -14.56
N PRO B 414 6.44 31.85 -15.20
CA PRO B 414 6.93 30.48 -15.44
C PRO B 414 8.20 30.36 -16.26
N ASN B 415 8.52 31.36 -17.07
CA ASN B 415 9.72 31.31 -17.86
C ASN B 415 10.94 31.96 -17.21
N ARG B 416 10.76 32.56 -16.04
CA ARG B 416 11.85 33.21 -15.32
C ARG B 416 12.44 32.36 -14.20
N ALA B 417 13.66 31.86 -14.42
CA ALA B 417 14.33 31.01 -13.45
C ALA B 417 14.84 31.81 -12.25
N ILE B 418 14.79 31.21 -11.07
CA ILE B 418 15.29 31.85 -9.84
C ILE B 418 16.05 30.87 -8.96
N ARG B 419 16.71 31.42 -7.96
CA ARG B 419 17.41 30.65 -6.96
C ARG B 419 16.70 30.84 -5.65
N ILE B 420 16.80 29.85 -4.78
CA ILE B 420 16.20 29.92 -3.45
C ILE B 420 17.21 29.42 -2.47
N THR B 421 17.50 30.25 -1.48
CA THR B 421 18.51 29.94 -0.49
C THR B 421 17.87 29.18 0.65
N LYS B 422 18.70 28.49 1.41
CA LYS B 422 18.27 27.71 2.57
C LYS B 422 17.53 28.61 3.58
N ASN B 423 18.03 29.81 3.78
CA ASN B 423 17.43 30.75 4.72
C ASN B 423 16.02 31.17 4.35
N GLN B 424 15.76 31.25 3.05
CA GLN B 424 14.41 31.52 2.56
C GLN B 424 13.43 30.36 2.85
N VAL B 425 13.94 29.16 3.10
CA VAL B 425 13.09 28.01 3.32
C VAL B 425 12.82 27.73 4.80
N SER B 426 13.85 27.51 5.60
CA SER B 426 13.64 27.09 6.98
C SER B 426 14.92 27.09 7.81
N GLN B 427 14.80 27.37 9.10
CA GLN B 427 15.89 27.23 10.04
C GLN B 427 15.95 25.82 10.63
N LEU B 428 14.99 24.96 10.30
CA LEU B 428 15.01 23.57 10.78
C LEU B 428 15.83 22.66 9.86
N LEU B 429 16.41 23.22 8.81
CA LEU B 429 17.21 22.44 7.87
C LEU B 429 18.62 22.23 8.42
N PRO B 430 19.34 21.25 7.87
CA PRO B 430 20.69 20.97 8.33
C PRO B 430 21.65 22.16 8.14
N GLU B 431 22.60 22.35 9.04
CA GLU B 431 23.64 23.39 8.83
C GLU B 431 24.86 22.86 8.11
N LYS B 432 25.05 21.53 8.12
CA LYS B 432 26.08 20.88 7.33
C LYS B 432 25.43 19.82 6.43
N PHE B 433 26.11 19.47 5.35
CA PHE B 433 25.61 18.52 4.35
C PHE B 433 26.53 17.34 4.08
N ALA B 434 27.57 17.19 4.90
CA ALA B 434 28.54 16.10 4.81
C ALA B 434 29.08 15.78 6.20
N GLU B 435 29.36 14.51 6.39
CA GLU B 435 29.91 14.01 7.64
C GLU B 435 30.49 12.64 7.39
N GLN B 436 31.18 12.11 8.37
CA GLN B 436 31.83 10.84 8.25
C GLN B 436 31.43 9.99 9.42
N LEU B 437 31.20 8.72 9.13
CA LEU B 437 30.92 7.73 10.15
C LEU B 437 32.05 6.75 10.12
N ILE B 438 32.46 6.32 11.30
CA ILE B 438 33.55 5.39 11.42
C ILE B 438 33.07 4.22 12.21
N ARG B 439 33.04 3.06 11.56
CA ARG B 439 32.63 1.82 12.22
C ARG B 439 33.85 0.95 12.40
N VAL B 440 33.91 0.30 13.55
CA VAL B 440 35.01 -0.57 13.87
C VAL B 440 34.44 -1.95 14.15
N TYR B 441 35.06 -2.95 13.57
CA TYR B 441 34.71 -4.32 13.81
C TYR B 441 35.94 -5.11 14.27
N CYS B 442 35.70 -6.25 14.90
CA CYS B 442 36.79 -7.14 15.31
C CYS B 442 36.64 -8.51 14.68
N LYS B 443 37.72 -9.03 14.12
CA LYS B 443 37.74 -10.38 13.54
C LYS B 443 37.73 -11.52 14.57
N LYS B 444 38.13 -11.25 15.81
CA LYS B 444 38.08 -12.26 16.87
C LYS B 444 36.72 -12.09 17.53
N VAL B 445 35.92 -13.16 17.54
CA VAL B 445 34.50 -13.04 17.92
C VAL B 445 34.20 -13.50 19.34
N ASP B 446 35.17 -14.05 20.04
CA ASP B 446 34.92 -14.56 21.38
C ASP B 446 34.63 -13.42 22.35
N ARG B 447 33.98 -13.75 23.45
CA ARG B 447 33.52 -12.75 24.40
C ARG B 447 34.64 -11.90 24.96
N LYS B 448 35.72 -12.54 25.35
CA LYS B 448 36.85 -11.81 25.92
C LYS B 448 37.51 -10.93 24.88
N SER B 449 37.68 -11.42 23.65
CA SER B 449 38.23 -10.59 22.56
C SER B 449 37.35 -9.38 22.28
N LEU B 450 36.05 -9.59 22.29
CA LEU B 450 35.09 -8.50 22.07
C LEU B 450 35.22 -7.40 23.08
N TYR B 451 35.26 -7.82 24.34
CA TYR B 451 35.37 -6.89 25.46
C TYR B 451 36.61 -6.05 25.29
N ALA B 452 37.70 -6.70 24.92
CA ALA B 452 38.97 -6.01 24.72
C ALA B 452 38.88 -5.00 23.59
N ALA B 453 38.29 -5.44 22.49
CA ALA B 453 38.16 -4.58 21.34
C ALA B 453 37.38 -3.30 21.66
N ARG B 454 36.38 -3.41 22.53
CA ARG B 454 35.60 -2.26 22.94
C ARG B 454 36.45 -1.26 23.68
N GLN B 455 37.37 -1.76 24.49
CA GLN B 455 38.23 -0.88 25.27
C GLN B 455 39.20 -0.15 24.35
N TYR B 456 39.82 -0.87 23.42
CA TYR B 456 40.69 -0.24 22.42
C TYR B 456 39.95 0.83 21.65
N PHE B 457 38.74 0.50 21.24
CA PHE B 457 37.93 1.37 20.40
C PHE B 457 37.59 2.68 21.07
N VAL B 458 37.04 2.58 22.27
CA VAL B 458 36.60 3.76 22.97
C VAL B 458 37.80 4.62 23.35
N GLN B 459 38.90 3.97 23.74
CA GLN B 459 40.13 4.67 24.09
C GLN B 459 40.60 5.41 22.88
N TRP B 460 40.58 4.75 21.74
CA TRP B 460 40.98 5.37 20.50
C TRP B 460 40.15 6.60 20.16
N CYS B 461 38.86 6.52 20.35
CA CYS B 461 37.99 7.65 20.12
C CYS B 461 38.40 8.84 20.98
N ALA B 462 38.62 8.55 22.26
CA ALA B 462 39.03 9.56 23.21
C ALA B 462 40.38 10.15 22.80
N ASP B 463 41.35 9.28 22.52
CA ASP B 463 42.67 9.71 22.10
C ASP B 463 42.58 10.65 20.90
N ARG B 464 41.65 10.40 19.99
CA ARG B 464 41.57 11.18 18.76
C ARG B 464 40.57 12.32 18.85
N ASN B 465 39.91 12.45 20.00
CA ASN B 465 38.92 13.48 20.17
C ASN B 465 37.73 13.33 19.21
N PHE B 466 37.39 12.07 18.93
CA PHE B 466 36.19 11.75 18.18
C PHE B 466 34.99 11.81 19.11
N THR B 467 33.79 11.68 18.56
CA THR B 467 32.56 11.79 19.36
C THR B 467 32.40 10.57 20.25
N LYS B 468 31.76 10.76 21.39
CA LYS B 468 31.54 9.67 22.30
C LYS B 468 30.53 8.68 21.70
N PRO B 469 30.93 7.40 21.53
CA PRO B 469 29.98 6.40 21.06
C PRO B 469 28.74 6.33 21.92
N GLN B 470 27.60 6.05 21.30
CA GLN B 470 26.30 6.12 21.96
C GLN B 470 26.19 5.18 23.16
N ASP B 471 26.79 4.01 23.04
CA ASP B 471 26.79 3.02 24.12
C ASP B 471 28.08 3.04 24.96
N GLY B 472 28.87 4.12 24.83
CA GLY B 472 30.22 4.18 25.40
C GLY B 472 30.28 3.91 26.89
N ASP B 473 29.34 4.46 27.64
CA ASP B 473 29.33 4.27 29.08
C ASP B 473 29.01 2.84 29.47
N VAL B 474 28.39 2.10 28.56
CA VAL B 474 28.04 0.71 28.83
C VAL B 474 29.15 -0.23 28.42
N ILE B 475 29.66 -0.05 27.21
CA ILE B 475 30.70 -0.96 26.71
C ILE B 475 32.09 -0.68 27.30
N ALA B 476 32.33 0.54 27.78
CA ALA B 476 33.63 0.93 28.32
C ALA B 476 33.48 1.93 29.46
N PRO B 477 32.86 1.49 30.55
CA PRO B 477 32.57 2.36 31.68
C PRO B 477 33.82 2.93 32.36
N LEU B 478 34.92 2.21 32.24
CA LEU B 478 36.14 2.64 32.87
C LEU B 478 36.85 3.68 32.02
N ILE B 479 36.60 3.69 30.72
CA ILE B 479 37.32 4.59 29.80
C ILE B 479 36.65 5.96 29.68
N THR B 480 35.33 5.97 29.58
CA THR B 480 34.57 7.20 29.28
C THR B 480 34.77 8.34 30.32
N PRO B 481 34.96 8.01 31.60
CA PRO B 481 35.15 9.06 32.61
C PRO B 481 36.38 9.91 32.41
N GLN B 482 37.43 9.33 31.84
CA GLN B 482 38.68 10.06 31.64
C GLN B 482 38.50 11.31 30.76
N LYS B 483 37.63 11.22 29.77
CA LYS B 483 37.45 12.33 28.83
C LYS B 483 36.45 13.32 29.41
N LYS B 484 36.92 14.53 29.69
CA LYS B 484 36.11 15.55 30.38
C LYS B 484 34.98 16.05 29.49
N GLU B 485 35.32 16.23 28.21
CA GLU B 485 34.39 16.70 27.18
C GLU B 485 33.13 15.84 27.18
N TRP B 486 33.33 14.54 27.25
CA TRP B 486 32.25 13.59 27.22
C TRP B 486 31.36 13.67 28.48
N ASN B 487 31.99 13.96 29.62
CA ASN B 487 31.35 14.09 30.96
C ASN B 487 31.97 13.14 31.94
N ASP C 1 -7.72 31.87 -16.14
CA ASP C 1 -7.72 30.51 -15.55
C ASP C 1 -6.62 29.64 -16.19
N THR C 2 -6.01 28.80 -15.36
CA THR C 2 -5.13 27.73 -15.83
C THR C 2 -5.49 26.40 -15.13
N MET C 3 -4.90 25.35 -15.68
CA MET C 3 -5.15 23.99 -15.26
C MET C 3 -4.67 23.77 -13.80
N LYS C 4 -5.42 22.97 -13.06
CA LYS C 4 -5.16 22.75 -11.64
C LYS C 4 -4.70 21.32 -11.35
N VAL C 5 -3.81 21.16 -10.36
CA VAL C 5 -3.37 19.84 -9.95
C VAL C 5 -3.94 19.54 -8.59
N ILE C 6 -4.39 18.32 -8.40
CA ILE C 6 -4.92 17.97 -7.13
C ILE C 6 -4.40 16.61 -6.73
N ASN C 7 -4.09 16.44 -5.45
CA ASN C 7 -3.63 15.15 -4.95
C ASN C 7 -4.79 14.26 -4.40
N ASP C 8 -5.03 13.18 -5.13
CA ASP C 8 -6.00 12.18 -4.74
C ASP C 8 -5.26 10.96 -4.25
N PRO C 9 -5.65 10.40 -3.09
CA PRO C 9 -4.91 9.26 -2.55
C PRO C 9 -5.00 8.02 -3.43
N ILE C 10 -6.03 7.90 -4.24
CA ILE C 10 -6.18 6.74 -5.10
C ILE C 10 -5.37 6.89 -6.38
N HIS C 11 -5.44 8.05 -7.02
CA HIS C 11 -4.83 8.24 -8.34
C HIS C 11 -3.54 9.04 -8.30
N GLY C 12 -3.24 9.67 -7.17
CA GLY C 12 -2.09 10.55 -7.08
C GLY C 12 -2.44 11.91 -7.62
N HIS C 13 -1.48 12.55 -8.26
CA HIS C 13 -1.63 13.91 -8.72
C HIS C 13 -2.32 13.96 -10.06
N ILE C 14 -3.51 14.53 -10.10
CA ILE C 14 -4.25 14.59 -11.34
C ILE C 14 -4.44 16.03 -11.79
N GLU C 15 -4.42 16.24 -13.09
CA GLU C 15 -4.62 17.56 -13.65
C GLU C 15 -6.05 17.80 -14.00
N LEU C 16 -6.55 18.99 -13.72
CA LEU C 16 -7.93 19.35 -14.06
C LEU C 16 -7.98 20.59 -14.94
N HIS C 17 -8.65 20.46 -16.07
CA HIS C 17 -8.79 21.58 -16.99
C HIS C 17 -9.63 22.69 -16.34
N PRO C 18 -9.32 23.97 -16.66
CA PRO C 18 -9.98 25.10 -16.01
C PRO C 18 -11.50 25.04 -16.05
N LEU C 19 -12.03 24.63 -17.19
CA LEU C 19 -13.48 24.43 -17.32
C LEU C 19 -14.05 23.48 -16.27
N LEU C 20 -13.33 22.39 -16.02
CA LEU C 20 -13.75 21.42 -15.04
C LEU C 20 -13.69 22.03 -13.64
N VAL C 21 -12.66 22.83 -13.39
CA VAL C 21 -12.53 23.54 -12.11
C VAL C 21 -13.71 24.46 -11.89
N ARG C 22 -14.11 25.18 -12.94
CA ARG C 22 -15.25 26.08 -12.82
C ARG C 22 -16.54 25.33 -12.48
N ILE C 23 -16.71 24.14 -13.05
CA ILE C 23 -17.86 23.30 -12.76
C ILE C 23 -17.83 22.82 -11.31
N ILE C 24 -16.64 22.44 -10.86
CA ILE C 24 -16.44 21.93 -9.52
C ILE C 24 -16.69 22.98 -8.45
N ASP C 25 -16.31 24.22 -8.73
CA ASP C 25 -16.41 25.26 -7.72
C ASP C 25 -17.75 25.94 -7.71
N THR C 26 -18.80 25.14 -7.51
CA THR C 26 -20.20 25.57 -7.45
C THR C 26 -20.91 24.89 -6.30
N PRO C 27 -21.98 25.51 -5.78
CA PRO C 27 -22.74 24.87 -4.70
C PRO C 27 -23.32 23.52 -5.10
N GLN C 28 -23.62 23.35 -6.38
CA GLN C 28 -24.22 22.11 -6.83
C GLN C 28 -23.26 20.95 -6.78
N PHE C 29 -21.99 21.23 -7.04
CA PHE C 29 -20.94 20.21 -7.03
C PHE C 29 -20.38 20.01 -5.64
N GLN C 30 -20.18 21.10 -4.94
CA GLN C 30 -19.60 21.05 -3.62
C GLN C 30 -20.45 20.36 -2.60
N ARG C 31 -21.75 20.37 -2.88
CA ARG C 31 -22.74 19.62 -2.13
C ARG C 31 -22.35 18.17 -1.93
N LEU C 32 -21.72 17.57 -2.95
CA LEU C 32 -21.22 16.20 -2.84
C LEU C 32 -20.17 15.93 -1.75
N ARG C 33 -19.58 16.98 -1.19
CA ARG C 33 -18.74 16.81 0.01
C ARG C 33 -19.53 16.35 1.23
N TYR C 34 -20.85 16.55 1.22
CA TYR C 34 -21.66 16.31 2.38
C TYR C 34 -22.59 15.13 2.20
N ILE C 35 -22.20 14.24 1.29
CA ILE C 35 -22.95 13.01 1.10
C ILE C 35 -21.98 11.85 1.11
N LYS C 36 -22.10 10.98 2.11
CA LYS C 36 -21.27 9.78 2.22
C LYS C 36 -21.49 8.84 1.06
N GLN C 37 -20.39 8.32 0.54
CA GLN C 37 -20.41 7.39 -0.59
C GLN C 37 -21.22 6.13 -0.25
N LEU C 38 -20.99 5.60 0.95
CA LEU C 38 -21.57 4.36 1.36
C LEU C 38 -22.66 4.50 2.45
N GLY C 39 -23.14 5.72 2.69
CA GLY C 39 -24.23 5.96 3.65
C GLY C 39 -24.01 5.31 5.02
N GLY C 40 -24.91 4.40 5.40
CA GLY C 40 -24.82 3.72 6.69
C GLY C 40 -23.65 2.79 6.89
N GLY C 41 -22.97 2.46 5.81
CA GLY C 41 -21.71 1.69 5.87
C GLY C 41 -20.67 2.23 6.81
N TYR C 42 -20.61 3.55 6.94
CA TYR C 42 -19.65 4.20 7.82
C TYR C 42 -19.87 3.80 9.25
N TYR C 43 -21.11 3.50 9.57
CA TYR C 43 -21.48 3.08 10.91
C TYR C 43 -21.09 1.62 11.17
N VAL C 44 -20.56 0.94 10.14
CA VAL C 44 -20.00 -0.42 10.28
C VAL C 44 -18.51 -0.43 9.96
N PHE C 45 -18.10 0.28 8.92
CA PHE C 45 -16.66 0.41 8.54
C PHE C 45 -16.20 1.83 8.82
N PRO C 46 -15.46 2.02 9.89
CA PRO C 46 -15.15 3.38 10.30
C PRO C 46 -14.13 4.05 9.37
N GLY C 47 -13.50 3.30 8.48
CA GLY C 47 -12.69 3.89 7.41
C GLY C 47 -13.49 4.61 6.33
N ALA C 48 -14.77 4.26 6.18
CA ALA C 48 -15.61 4.69 5.05
C ALA C 48 -16.25 6.05 5.27
N SER C 49 -15.39 7.03 5.49
CA SER C 49 -15.77 8.41 5.73
C SER C 49 -15.94 9.16 4.41
N HIS C 50 -15.55 8.53 3.33
CA HIS C 50 -15.48 9.22 2.07
C HIS C 50 -16.83 9.61 1.51
N ASN C 51 -16.82 10.72 0.79
CA ASN C 51 -17.99 11.29 0.21
C ASN C 51 -17.99 11.24 -1.29
N ARG C 52 -19.14 11.53 -1.88
CA ARG C 52 -19.34 11.47 -3.31
C ARG C 52 -18.44 12.39 -4.07
N PHE C 53 -18.06 13.48 -3.43
CA PHE C 53 -17.18 14.51 -4.03
C PHE C 53 -15.88 13.95 -4.59
N GLU C 54 -15.10 13.31 -3.73
CA GLU C 54 -13.81 12.76 -4.13
C GLU C 54 -13.94 11.61 -5.13
N HIS C 55 -14.99 10.82 -4.99
CA HIS C 55 -15.26 9.76 -5.94
C HIS C 55 -15.51 10.37 -7.31
N SER C 56 -16.27 11.47 -7.34
CA SER C 56 -16.60 12.11 -8.60
C SER C 56 -15.34 12.59 -9.33
N LEU C 57 -14.42 13.19 -8.60
CA LEU C 57 -13.14 13.61 -9.20
C LEU C 57 -12.41 12.44 -9.82
N GLY C 58 -12.35 11.33 -9.09
CA GLY C 58 -11.75 10.12 -9.61
C GLY C 58 -12.39 9.61 -10.89
N VAL C 59 -13.74 9.61 -10.94
CA VAL C 59 -14.45 9.12 -12.13
C VAL C 59 -14.14 10.00 -13.33
N GLY C 60 -14.21 11.32 -13.13
CA GLY C 60 -13.88 12.27 -14.17
C GLY C 60 -12.44 12.11 -14.67
N TYR C 61 -11.52 11.87 -13.75
CA TYR C 61 -10.15 11.68 -14.14
C TYR C 61 -9.98 10.40 -14.95
N LEU C 62 -10.57 9.29 -14.50
CA LEU C 62 -10.43 8.02 -15.22
C LEU C 62 -11.09 8.09 -16.59
N ALA C 63 -12.20 8.80 -16.68
CA ALA C 63 -12.86 8.99 -17.97
C ALA C 63 -11.89 9.64 -18.94
N GLY C 64 -11.21 10.65 -18.46
CA GLY C 64 -10.15 11.32 -19.24
C GLY C 64 -9.00 10.40 -19.61
N CYS C 65 -8.54 9.61 -18.66
CA CYS C 65 -7.50 8.64 -18.94
C CYS C 65 -7.84 7.72 -20.10
N LEU C 66 -9.06 7.20 -20.09
CA LEU C 66 -9.44 6.21 -21.07
C LEU C 66 -9.57 6.85 -22.44
N VAL C 67 -10.26 7.97 -22.50
CA VAL C 67 -10.44 8.63 -23.78
C VAL C 67 -9.08 9.10 -24.32
N HIS C 68 -8.19 9.62 -23.48
CA HIS C 68 -6.82 10.02 -23.91
C HIS C 68 -6.06 8.85 -24.49
N ALA C 69 -6.08 7.73 -23.79
CA ALA C 69 -5.40 6.51 -24.23
C ALA C 69 -5.86 6.06 -25.60
N LEU C 70 -7.16 6.06 -25.82
CA LEU C 70 -7.70 5.65 -27.10
C LEU C 70 -7.27 6.57 -28.23
N GLY C 71 -7.29 7.87 -27.96
CA GLY C 71 -6.88 8.88 -28.92
C GLY C 71 -5.41 8.75 -29.32
N GLU C 72 -4.54 8.52 -28.34
CA GLU C 72 -3.11 8.34 -28.60
C GLU C 72 -2.85 7.08 -29.44
N LYS C 73 -3.51 5.98 -29.08
CA LYS C 73 -3.36 4.70 -29.77
C LYS C 73 -3.97 4.69 -31.16
N GLN C 74 -5.07 5.40 -31.34
CA GLN C 74 -5.79 5.36 -32.60
C GLN C 74 -6.23 6.76 -33.05
N PRO C 75 -5.28 7.51 -33.64
CA PRO C 75 -5.57 8.85 -34.14
C PRO C 75 -6.73 8.88 -35.13
N GLU C 76 -6.87 7.80 -35.88
CA GLU C 76 -7.92 7.69 -36.89
C GLU C 76 -9.33 7.86 -36.32
N LEU C 77 -9.48 7.64 -35.03
CA LEU C 77 -10.78 7.86 -34.38
C LEU C 77 -11.23 9.31 -34.42
N GLN C 78 -10.30 10.22 -34.68
CA GLN C 78 -10.61 11.65 -34.75
C GLN C 78 -11.14 12.19 -33.42
N ILE C 79 -10.62 11.67 -32.31
CA ILE C 79 -11.08 12.16 -31.01
C ILE C 79 -10.54 13.58 -30.82
N SER C 80 -11.41 14.53 -30.48
CA SER C 80 -11.02 15.92 -30.31
C SER C 80 -10.93 16.33 -28.84
N GLU C 81 -10.22 17.41 -28.56
CA GLU C 81 -10.11 17.88 -27.18
C GLU C 81 -11.51 18.21 -26.66
N ARG C 82 -12.34 18.72 -27.56
CA ARG C 82 -13.76 18.92 -27.26
C ARG C 82 -14.44 17.63 -26.74
N ASP C 83 -14.18 16.51 -27.43
CA ASP C 83 -14.68 15.21 -27.01
C ASP C 83 -14.19 14.83 -25.62
N VAL C 84 -12.89 15.03 -25.41
CA VAL C 84 -12.24 14.66 -24.14
C VAL C 84 -12.89 15.41 -22.97
N LEU C 85 -13.08 16.71 -23.14
CA LEU C 85 -13.68 17.51 -22.08
C LEU C 85 -15.11 17.11 -21.77
N CYS C 86 -15.87 16.81 -22.81
CA CYS C 86 -17.25 16.38 -22.62
C CYS C 86 -17.33 15.08 -21.83
N VAL C 87 -16.41 14.18 -22.11
CA VAL C 87 -16.40 12.90 -21.41
C VAL C 87 -16.00 13.10 -19.95
N GLN C 88 -15.01 13.92 -19.72
CA GLN C 88 -14.62 14.24 -18.35
C GLN C 88 -15.76 14.88 -17.55
N ILE C 89 -16.49 15.80 -18.18
CA ILE C 89 -17.58 16.46 -17.50
C ILE C 89 -18.70 15.47 -17.11
N ALA C 90 -19.04 14.59 -18.03
CA ALA C 90 -19.99 13.54 -17.76
C ALA C 90 -19.51 12.68 -16.58
N GLY C 91 -18.25 12.31 -16.59
CA GLY C 91 -17.68 11.52 -15.51
C GLY C 91 -17.81 12.21 -14.17
N LEU C 92 -17.45 13.50 -14.15
CA LEU C 92 -17.54 14.33 -12.93
C LEU C 92 -18.94 14.40 -12.38
N CYS C 93 -19.89 14.51 -13.31
CA CYS C 93 -21.23 14.92 -12.95
C CYS C 93 -22.24 13.78 -12.86
N ARG C 94 -21.80 12.56 -13.14
CA ARG C 94 -22.68 11.43 -13.06
C ARG C 94 -23.21 11.12 -11.65
N ASN C 95 -22.54 11.61 -10.63
CA ASN C 95 -22.98 11.42 -9.24
C ASN C 95 -23.71 12.64 -8.65
N LEU C 96 -23.96 13.66 -9.47
CA LEU C 96 -24.58 14.88 -8.96
C LEU C 96 -25.95 14.68 -8.34
N GLY C 97 -26.69 13.66 -8.80
CA GLY C 97 -28.08 13.47 -8.39
C GLY C 97 -28.32 12.69 -7.11
N HIS C 98 -27.24 12.18 -6.52
CA HIS C 98 -27.36 11.44 -5.28
C HIS C 98 -27.91 12.32 -4.14
N GLY C 99 -28.64 11.70 -3.24
CA GLY C 99 -29.22 12.39 -2.10
C GLY C 99 -28.59 11.91 -0.82
N PRO C 100 -29.07 12.41 0.33
CA PRO C 100 -28.57 12.00 1.62
C PRO C 100 -28.31 10.49 1.71
N PHE C 101 -27.14 10.13 2.15
CA PHE C 101 -26.73 8.74 2.31
C PHE C 101 -26.81 7.90 1.03
N SER C 102 -26.68 8.57 -0.12
CA SER C 102 -26.51 7.89 -1.40
C SER C 102 -27.63 6.90 -1.64
N HIS C 103 -27.33 5.62 -1.76
CA HIS C 103 -28.31 4.65 -2.28
C HIS C 103 -29.51 4.47 -1.37
N MET C 104 -29.34 4.78 -0.09
CA MET C 104 -30.44 4.80 0.86
C MET C 104 -31.57 5.67 0.35
N PHE C 105 -31.22 6.83 -0.20
CA PHE C 105 -32.20 7.83 -0.58
C PHE C 105 -33.06 7.37 -1.76
N ASP C 106 -32.35 6.97 -2.81
CA ASP C 106 -32.85 6.40 -4.05
C ASP C 106 -33.52 5.06 -3.83
N GLY C 107 -32.84 4.23 -3.06
CA GLY C 107 -33.20 2.84 -2.88
C GLY C 107 -34.25 2.54 -1.83
N ARG C 108 -34.29 3.32 -0.76
CA ARG C 108 -35.22 3.06 0.31
C ARG C 108 -36.23 4.19 0.52
N PHE C 109 -35.75 5.41 0.70
CA PHE C 109 -36.62 6.50 1.15
C PHE C 109 -37.67 6.94 0.13
N ILE C 110 -37.22 7.32 -1.05
CA ILE C 110 -38.11 7.85 -2.06
C ILE C 110 -39.15 6.85 -2.50
N PRO C 111 -38.78 5.58 -2.71
CA PRO C 111 -39.80 4.60 -3.09
C PRO C 111 -40.93 4.47 -2.07
N LEU C 112 -40.61 4.59 -0.78
CA LEU C 112 -41.62 4.57 0.26
C LEU C 112 -42.32 5.91 0.45
N ALA C 113 -41.61 7.01 0.38
CA ALA C 113 -42.22 8.34 0.54
C ALA C 113 -43.05 8.75 -0.65
N ARG C 114 -42.59 8.41 -1.86
CA ARG C 114 -43.29 8.78 -3.09
C ARG C 114 -43.35 7.63 -4.06
N PRO C 115 -44.24 6.65 -3.73
CA PRO C 115 -44.44 5.45 -4.54
C PRO C 115 -44.97 5.74 -5.95
N GLU C 116 -45.75 6.78 -6.11
CA GLU C 116 -46.30 7.15 -7.43
C GLU C 116 -45.22 7.51 -8.42
N VAL C 117 -44.23 8.26 -7.93
CA VAL C 117 -43.15 8.74 -8.80
C VAL C 117 -42.15 7.63 -9.05
N LYS C 118 -41.50 7.66 -10.21
CA LYS C 118 -40.28 6.86 -10.44
C LYS C 118 -39.06 7.80 -10.55
N TRP C 119 -38.10 7.63 -9.65
CA TRP C 119 -36.93 8.51 -9.56
C TRP C 119 -35.67 7.71 -9.42
N THR C 120 -34.60 8.22 -9.98
CA THR C 120 -33.29 7.58 -9.88
C THR C 120 -32.30 8.69 -9.71
N HIS C 121 -31.18 8.38 -9.05
CA HIS C 121 -30.09 9.35 -8.94
C HIS C 121 -29.61 9.81 -10.34
N GLU C 122 -29.64 8.93 -11.34
CA GLU C 122 -29.25 9.30 -12.71
C GLU C 122 -30.07 10.45 -13.26
N GLN C 123 -31.38 10.39 -13.06
CA GLN C 123 -32.27 11.46 -13.48
C GLN C 123 -31.92 12.71 -12.71
N GLY C 124 -31.66 12.55 -11.43
CA GLY C 124 -31.28 13.68 -10.59
C GLY C 124 -30.01 14.33 -11.07
N SER C 125 -29.05 13.52 -11.51
CA SER C 125 -27.76 14.02 -11.99
C SER C 125 -27.94 14.94 -13.21
N VAL C 126 -28.79 14.54 -14.14
CA VAL C 126 -29.08 15.35 -15.30
C VAL C 126 -29.78 16.67 -14.92
N MET C 127 -30.74 16.60 -14.02
CA MET C 127 -31.43 17.81 -13.61
C MET C 127 -30.50 18.74 -12.86
N MET C 128 -29.69 18.18 -11.98
CA MET C 128 -28.74 18.97 -11.21
C MET C 128 -27.74 19.62 -12.13
N PHE C 129 -27.30 18.87 -13.12
CA PHE C 129 -26.35 19.38 -14.09
C PHE C 129 -26.91 20.61 -14.81
N GLU C 130 -28.16 20.54 -15.22
CA GLU C 130 -28.83 21.63 -15.91
C GLU C 130 -28.87 22.84 -14.99
N HIS C 131 -29.24 22.61 -13.74
CA HIS C 131 -29.31 23.67 -12.76
C HIS C 131 -27.94 24.27 -12.52
N LEU C 132 -26.92 23.42 -12.45
CA LEU C 132 -25.54 23.89 -12.23
C LEU C 132 -25.12 24.80 -13.38
N ILE C 133 -25.36 24.36 -14.61
CA ILE C 133 -24.96 25.12 -15.77
C ILE C 133 -25.63 26.49 -15.79
N ASN C 134 -26.94 26.48 -15.57
CA ASN C 134 -27.73 27.70 -15.67
C ASN C 134 -27.48 28.65 -14.52
N SER C 135 -27.34 28.14 -13.30
CA SER C 135 -27.13 28.97 -12.12
C SER C 135 -25.80 29.67 -12.09
N ASN C 136 -24.81 29.12 -12.80
CA ASN C 136 -23.44 29.61 -12.65
C ASN C 136 -22.84 30.12 -13.96
N GLY C 137 -23.68 30.36 -14.97
CA GLY C 137 -23.21 30.93 -16.22
C GLY C 137 -22.12 30.14 -16.89
N ILE C 138 -22.24 28.82 -16.90
CA ILE C 138 -21.21 27.96 -17.47
C ILE C 138 -21.17 27.98 -19.01
N LYS C 139 -22.30 28.12 -19.67
CA LYS C 139 -22.33 28.02 -21.14
C LYS C 139 -21.35 28.94 -21.85
N PRO C 140 -21.30 30.22 -21.45
CA PRO C 140 -20.25 31.13 -21.99
C PRO C 140 -18.82 30.61 -21.81
N VAL C 141 -18.56 30.02 -20.66
CA VAL C 141 -17.23 29.46 -20.37
C VAL C 141 -16.97 28.24 -21.26
N MET C 142 -17.99 27.43 -21.50
CA MET C 142 -17.88 26.29 -22.43
C MET C 142 -17.49 26.74 -23.84
N GLU C 143 -18.14 27.80 -24.34
CA GLU C 143 -17.84 28.26 -25.71
C GLU C 143 -16.44 28.84 -25.72
N GLN C 144 -16.03 29.50 -24.64
CA GLN C 144 -14.65 30.01 -24.52
C GLN C 144 -13.61 28.92 -24.74
N TYR C 145 -13.89 27.70 -24.30
CA TYR C 145 -12.94 26.59 -24.46
C TYR C 145 -13.30 25.68 -25.64
N GLY C 146 -14.15 26.16 -26.53
CA GLY C 146 -14.40 25.51 -27.81
C GLY C 146 -15.54 24.50 -27.84
N LEU C 147 -16.29 24.40 -26.76
CA LEU C 147 -17.43 23.51 -26.75
C LEU C 147 -18.61 24.20 -27.41
N ILE C 148 -19.52 23.39 -27.93
CA ILE C 148 -20.76 23.87 -28.53
C ILE C 148 -21.91 23.43 -27.63
N PRO C 149 -22.37 24.32 -26.74
CA PRO C 149 -23.34 23.94 -25.71
C PRO C 149 -24.56 23.11 -26.16
N GLU C 150 -25.16 23.44 -27.29
CA GLU C 150 -26.36 22.73 -27.71
C GLU C 150 -26.07 21.24 -27.84
N GLU C 151 -25.08 20.92 -28.68
CA GLU C 151 -24.69 19.54 -28.94
C GLU C 151 -24.07 18.87 -27.73
N ASP C 152 -23.19 19.62 -27.07
CA ASP C 152 -22.34 19.04 -26.04
C ASP C 152 -23.07 18.82 -24.73
N ILE C 153 -24.00 19.71 -24.38
CA ILE C 153 -24.80 19.50 -23.17
C ILE C 153 -25.70 18.30 -23.39
N CYS C 154 -26.26 18.19 -24.58
CA CYS C 154 -27.01 16.98 -24.93
C CYS C 154 -26.14 15.73 -24.76
N PHE C 155 -24.93 15.78 -25.32
CA PHE C 155 -24.01 14.64 -25.27
C PHE C 155 -23.72 14.22 -23.83
N ILE C 156 -23.45 15.19 -22.99
CA ILE C 156 -23.11 14.93 -21.61
C ILE C 156 -24.25 14.28 -20.88
N LYS C 157 -25.45 14.81 -21.07
CA LYS C 157 -26.65 14.22 -20.43
C LYS C 157 -26.88 12.80 -20.91
N GLU C 158 -26.65 12.57 -22.20
CA GLU C 158 -26.84 11.24 -22.76
C GLU C 158 -25.86 10.23 -22.18
N GLN C 159 -24.62 10.65 -21.93
CA GLN C 159 -23.63 9.78 -21.32
C GLN C 159 -24.02 9.34 -19.93
N ILE C 160 -24.72 10.22 -19.21
CA ILE C 160 -25.14 9.93 -17.84
C ILE C 160 -26.40 9.07 -17.77
N VAL C 161 -27.37 9.38 -18.61
CA VAL C 161 -28.70 8.78 -18.45
C VAL C 161 -29.15 7.96 -19.65
N GLY C 162 -28.34 7.91 -20.71
CA GLY C 162 -28.72 7.23 -21.95
C GLY C 162 -29.52 8.15 -22.85
N PRO C 163 -30.12 7.61 -23.93
CA PRO C 163 -30.93 8.43 -24.82
C PRO C 163 -32.06 9.16 -24.10
N LEU C 164 -32.29 10.40 -24.51
CA LEU C 164 -33.34 11.24 -23.94
C LEU C 164 -34.65 11.01 -24.72
N LEU C 172 -32.04 2.03 -35.10
CA LEU C 172 -31.69 3.43 -35.39
C LEU C 172 -30.73 3.98 -34.33
N TRP C 173 -29.81 4.85 -34.72
CA TRP C 173 -28.88 5.46 -33.76
C TRP C 173 -29.72 6.43 -32.94
N PRO C 174 -29.86 6.18 -31.63
CA PRO C 174 -30.75 6.98 -30.78
C PRO C 174 -30.14 8.23 -30.13
N TYR C 175 -28.86 8.49 -30.38
CA TYR C 175 -28.16 9.56 -29.71
C TYR C 175 -28.07 10.75 -30.62
N LYS C 176 -28.20 11.93 -30.02
CA LYS C 176 -28.10 13.18 -30.74
C LYS C 176 -26.81 13.94 -30.46
N GLY C 177 -26.18 13.68 -29.32
CA GLY C 177 -25.00 14.43 -28.92
C GLY C 177 -23.79 14.14 -29.77
N ARG C 178 -23.69 12.90 -30.25
CA ARG C 178 -22.62 12.52 -31.16
C ARG C 178 -23.13 11.49 -32.15
N PRO C 179 -22.49 11.36 -33.33
CA PRO C 179 -22.89 10.38 -34.34
C PRO C 179 -22.30 8.98 -34.14
N GLU C 180 -22.74 8.04 -34.97
CA GLU C 180 -22.38 6.62 -34.85
C GLU C 180 -20.89 6.34 -34.83
N ASN C 181 -20.14 7.13 -35.60
CA ASN C 181 -18.67 6.98 -35.66
C ASN C 181 -17.99 7.27 -34.32
N LYS C 182 -18.64 8.05 -33.46
CA LYS C 182 -18.14 8.31 -32.10
C LYS C 182 -18.87 7.46 -31.03
N SER C 183 -19.50 6.37 -31.44
CA SER C 183 -20.29 5.51 -30.55
C SER C 183 -19.55 5.03 -29.30
N PHE C 184 -18.29 4.70 -29.48
CA PHE C 184 -17.44 4.22 -28.40
C PHE C 184 -17.38 5.18 -27.22
N LEU C 185 -17.57 6.47 -27.47
CA LEU C 185 -17.52 7.47 -26.38
C LEU C 185 -18.58 7.24 -25.34
N TYR C 186 -19.71 6.68 -25.75
CA TYR C 186 -20.80 6.43 -24.82
C TYR C 186 -20.58 5.21 -23.93
N GLU C 187 -19.46 4.50 -24.11
CA GLU C 187 -19.14 3.32 -23.30
C GLU C 187 -18.22 3.62 -22.13
N ILE C 188 -17.81 4.88 -21.97
CA ILE C 188 -16.79 5.20 -20.98
C ILE C 188 -17.32 5.50 -19.58
N VAL C 189 -18.27 6.43 -19.46
CA VAL C 189 -18.70 6.92 -18.15
C VAL C 189 -19.74 6.01 -17.53
N SER C 190 -20.72 5.64 -18.33
CA SER C 190 -21.81 4.81 -17.87
C SER C 190 -22.21 3.87 -18.99
N ASN C 191 -21.73 2.65 -18.87
CA ASN C 191 -21.81 1.69 -19.95
C ASN C 191 -23.06 0.88 -19.86
N LYS C 192 -24.04 1.23 -20.67
CA LYS C 192 -25.35 0.57 -20.60
C LYS C 192 -25.31 -0.84 -21.19
N ARG C 193 -24.35 -1.10 -22.06
CA ARG C 193 -24.25 -2.36 -22.78
C ARG C 193 -23.83 -3.50 -21.84
N ASN C 194 -22.82 -3.28 -21.01
CA ASN C 194 -22.32 -4.33 -20.13
C ASN C 194 -21.85 -3.89 -18.74
N GLY C 195 -21.98 -2.60 -18.43
CA GLY C 195 -21.62 -2.05 -17.12
C GLY C 195 -20.12 -1.89 -16.85
N ILE C 196 -19.29 -2.11 -17.84
CA ILE C 196 -17.87 -1.94 -17.65
C ILE C 196 -17.52 -0.50 -17.94
N ASP C 197 -17.35 0.28 -16.88
CA ASP C 197 -17.09 1.71 -17.02
C ASP C 197 -16.21 2.22 -15.91
N VAL C 198 -15.78 3.47 -16.06
CA VAL C 198 -14.83 4.07 -15.15
C VAL C 198 -15.38 4.37 -13.75
N ASP C 199 -16.70 4.42 -13.62
CA ASP C 199 -17.30 4.65 -12.31
C ASP C 199 -16.94 3.51 -11.35
N LYS C 200 -17.09 2.28 -11.82
CA LYS C 200 -16.73 1.09 -11.07
C LYS C 200 -15.27 1.11 -10.71
N TRP C 201 -14.45 1.46 -11.68
CA TRP C 201 -13.01 1.39 -11.51
C TRP C 201 -12.58 2.27 -10.38
N ASP C 202 -13.14 3.47 -10.32
CA ASP C 202 -12.82 4.32 -9.21
C ASP C 202 -13.35 3.78 -7.90
N TYR C 203 -14.64 3.40 -7.84
CA TYR C 203 -15.17 3.01 -6.53
C TYR C 203 -14.55 1.72 -5.98
N PHE C 204 -14.16 0.79 -6.84
CA PHE C 204 -13.44 -0.41 -6.37
C PHE C 204 -12.17 -0.05 -5.61
N ALA C 205 -11.31 0.76 -6.25
CA ALA C 205 -10.08 1.18 -5.63
C ALA C 205 -10.31 2.07 -4.42
N ARG C 206 -11.21 3.04 -4.57
CA ARG C 206 -11.45 3.99 -3.49
C ARG C 206 -12.09 3.33 -2.26
N ASP C 207 -13.18 2.57 -2.49
CA ASP C 207 -13.87 1.93 -1.37
C ASP C 207 -12.92 0.95 -0.66
N CYS C 208 -12.11 0.21 -1.40
CA CYS C 208 -11.20 -0.76 -0.79
C CYS C 208 -10.14 -0.10 0.06
N HIS C 209 -9.56 0.97 -0.45
CA HIS C 209 -8.68 1.82 0.33
C HIS C 209 -9.29 2.30 1.67
N HIS C 210 -10.54 2.76 1.64
CA HIS C 210 -11.19 3.27 2.84
C HIS C 210 -11.79 2.15 3.71
N LEU C 211 -12.30 1.10 3.10
CA LEU C 211 -12.92 0.02 3.86
C LEU C 211 -11.92 -0.80 4.61
N GLY C 212 -10.75 -0.94 4.00
CA GLY C 212 -9.72 -1.75 4.56
C GLY C 212 -9.77 -3.16 4.00
N ILE C 213 -10.10 -3.30 2.73
CA ILE C 213 -10.08 -4.61 2.09
C ILE C 213 -9.37 -4.57 0.75
N GLN C 214 -8.89 -5.74 0.37
CA GLN C 214 -8.29 -6.02 -0.93
C GLN C 214 -9.34 -6.38 -2.02
N ASN C 215 -8.81 -6.82 -3.16
CA ASN C 215 -9.65 -7.44 -4.19
C ASN C 215 -9.97 -6.46 -5.31
N ASN C 216 -9.30 -5.31 -5.33
CA ASN C 216 -9.51 -4.30 -6.39
C ASN C 216 -9.25 -4.81 -7.81
N PHE C 217 -9.67 -4.02 -8.80
CA PHE C 217 -9.56 -4.39 -10.22
C PHE C 217 -8.51 -3.51 -10.88
N ASP C 218 -7.65 -4.14 -11.66
CA ASP C 218 -6.60 -3.38 -12.32
C ASP C 218 -7.10 -2.71 -13.60
N TYR C 219 -7.52 -1.45 -13.47
CA TYR C 219 -8.03 -0.68 -14.58
C TYR C 219 -6.90 -0.18 -15.45
N LYS C 220 -5.75 0.14 -14.85
CA LYS C 220 -4.64 0.63 -15.62
C LYS C 220 -4.21 -0.36 -16.65
N ARG C 221 -4.16 -1.64 -16.25
CA ARG C 221 -3.83 -2.71 -17.16
C ARG C 221 -4.83 -2.77 -18.27
N PHE C 222 -6.10 -2.75 -17.88
CA PHE C 222 -7.15 -2.87 -18.83
C PHE C 222 -7.10 -1.74 -19.88
N ILE C 223 -6.88 -0.53 -19.42
CA ILE C 223 -6.81 0.62 -20.34
C ILE C 223 -5.70 0.40 -21.36
N LYS C 224 -4.55 -0.08 -20.93
CA LYS C 224 -3.49 -0.33 -21.88
C LYS C 224 -3.85 -1.33 -22.96
N PHE C 225 -4.73 -2.28 -22.68
CA PHE C 225 -5.11 -3.27 -23.71
C PHE C 225 -6.47 -2.99 -24.34
N ALA C 226 -7.03 -1.80 -24.11
CA ALA C 226 -8.30 -1.49 -24.74
C ALA C 226 -8.10 -0.92 -26.14
N ARG C 227 -9.03 -1.21 -27.04
CA ARG C 227 -8.98 -0.73 -28.43
C ARG C 227 -10.39 -0.47 -28.95
N VAL C 228 -10.52 0.33 -30.01
CA VAL C 228 -11.81 0.50 -30.68
C VAL C 228 -11.82 -0.30 -31.96
N CYS C 229 -12.86 -1.12 -32.14
CA CYS C 229 -13.08 -1.92 -33.36
C CYS C 229 -14.53 -1.78 -33.81
N GLU C 230 -14.79 -2.05 -35.08
CA GLU C 230 -16.15 -2.06 -35.61
C GLU C 230 -16.84 -3.36 -35.18
N VAL C 231 -18.02 -3.22 -34.61
CA VAL C 231 -18.85 -4.35 -34.25
C VAL C 231 -20.26 -4.02 -34.72
N ASP C 232 -20.81 -4.89 -35.56
CA ASP C 232 -22.17 -4.70 -36.09
C ASP C 232 -22.39 -3.26 -36.55
N ASN C 233 -21.49 -2.74 -37.38
CA ASN C 233 -21.58 -1.36 -37.87
C ASN C 233 -21.57 -0.24 -36.83
N GLU C 234 -20.99 -0.53 -35.67
CA GLU C 234 -20.79 0.46 -34.62
C GLU C 234 -19.34 0.38 -34.19
N LEU C 235 -18.76 1.53 -33.87
CA LEU C 235 -17.41 1.55 -33.28
C LEU C 235 -17.50 1.38 -31.79
N ARG C 236 -16.91 0.30 -31.28
CA ARG C 236 -16.99 -0.03 -29.87
C ARG C 236 -15.64 -0.27 -29.27
N ILE C 237 -15.57 -0.09 -27.96
CA ILE C 237 -14.39 -0.41 -27.22
C ILE C 237 -14.30 -1.93 -27.07
N CYS C 238 -13.14 -2.48 -27.43
CA CYS C 238 -12.88 -3.90 -27.31
C CYS C 238 -11.72 -4.17 -26.40
N ALA C 239 -11.78 -5.28 -25.69
CA ALA C 239 -10.72 -5.70 -24.80
C ALA C 239 -9.91 -6.77 -25.46
N ARG C 240 -8.66 -6.83 -25.11
CA ARG C 240 -7.82 -7.88 -25.59
C ARG C 240 -8.32 -9.22 -25.04
N ASP C 241 -8.29 -10.26 -25.86
CA ASP C 241 -8.77 -11.59 -25.45
C ASP C 241 -8.27 -12.07 -24.08
N LYS C 242 -6.98 -11.90 -23.83
CA LYS C 242 -6.37 -12.39 -22.59
C LYS C 242 -6.96 -11.73 -21.33
N GLU C 243 -7.64 -10.60 -21.50
CA GLU C 243 -8.23 -9.91 -20.35
C GLU C 243 -9.56 -10.47 -19.88
N VAL C 244 -10.05 -11.51 -20.55
CA VAL C 244 -11.38 -12.04 -20.26
C VAL C 244 -11.49 -12.56 -18.81
N GLY C 245 -10.45 -13.25 -18.35
CA GLY C 245 -10.41 -13.75 -16.99
C GLY C 245 -10.46 -12.62 -15.99
N ASN C 246 -9.74 -11.55 -16.26
CA ASN C 246 -9.77 -10.38 -15.41
C ASN C 246 -11.14 -9.74 -15.34
N LEU C 247 -11.87 -9.75 -16.45
CA LEU C 247 -13.22 -9.20 -16.46
C LEU C 247 -14.19 -10.02 -15.59
N TYR C 248 -14.09 -11.34 -15.66
CA TYR C 248 -14.90 -12.20 -14.80
C TYR C 248 -14.56 -11.92 -13.35
N ASP C 249 -13.27 -11.78 -13.08
CA ASP C 249 -12.76 -11.41 -11.75
C ASP C 249 -13.30 -10.05 -11.29
N MET C 250 -13.38 -9.09 -12.21
CA MET C 250 -13.91 -7.77 -11.88
C MET C 250 -15.30 -7.88 -11.29
N PHE C 251 -16.17 -8.67 -11.93
CA PHE C 251 -17.52 -8.78 -11.45
C PHE C 251 -17.62 -9.62 -10.20
N HIS C 252 -16.71 -10.57 -10.06
CA HIS C 252 -16.62 -11.30 -8.80
C HIS C 252 -16.28 -10.36 -7.66
N THR C 253 -15.36 -9.47 -7.90
CA THR C 253 -14.96 -8.47 -6.90
C THR C 253 -16.14 -7.61 -6.52
N ARG C 254 -16.87 -7.14 -7.53
CA ARG C 254 -18.08 -6.34 -7.27
C ARG C 254 -19.04 -7.09 -6.36
N ASN C 255 -19.26 -8.37 -6.65
CA ASN C 255 -20.16 -9.16 -5.84
C ASN C 255 -19.67 -9.32 -4.40
N SER C 256 -18.36 -9.49 -4.25
CA SER C 256 -17.72 -9.60 -2.95
C SER C 256 -17.90 -8.37 -2.12
N LEU C 257 -17.70 -7.22 -2.77
CA LEU C 257 -17.85 -5.93 -2.12
C LEU C 257 -19.30 -5.70 -1.68
N HIS C 258 -20.25 -6.09 -2.52
CA HIS C 258 -21.63 -5.96 -2.13
C HIS C 258 -21.99 -6.86 -0.95
N ARG C 259 -21.55 -8.12 -0.99
CA ARG C 259 -21.81 -9.05 0.12
C ARG C 259 -21.23 -8.57 1.43
N ARG C 260 -19.95 -8.22 1.40
CA ARG C 260 -19.23 -7.85 2.63
C ARG C 260 -19.49 -6.44 3.13
N ALA C 261 -19.71 -5.50 2.21
CA ALA C 261 -19.79 -4.10 2.63
C ALA C 261 -21.09 -3.41 2.26
N TYR C 262 -21.37 -3.28 0.98
CA TYR C 262 -22.52 -2.47 0.57
C TYR C 262 -23.89 -3.02 1.03
N GLN C 263 -23.99 -4.34 1.20
CA GLN C 263 -25.18 -4.98 1.75
C GLN C 263 -24.94 -5.59 3.11
N HIS C 264 -23.98 -5.07 3.83
CA HIS C 264 -23.73 -5.57 5.18
C HIS C 264 -25.05 -5.51 5.97
N LYS C 265 -25.36 -6.59 6.67
CA LYS C 265 -26.62 -6.73 7.38
C LYS C 265 -26.92 -5.54 8.29
N VAL C 266 -25.90 -5.06 9.01
CA VAL C 266 -26.07 -3.97 9.96
C VAL C 266 -26.08 -2.63 9.25
N GLY C 267 -25.28 -2.49 8.21
CA GLY C 267 -25.25 -1.24 7.46
C GLY C 267 -26.60 -0.98 6.88
N ASN C 268 -27.21 -2.04 6.37
CA ASN C 268 -28.57 -1.97 5.82
C ASN C 268 -29.61 -1.62 6.87
N ILE C 269 -29.50 -2.18 8.06
CA ILE C 269 -30.45 -1.90 9.06
C ILE C 269 -30.38 -0.46 9.55
N ILE C 270 -29.21 0.07 9.57
CA ILE C 270 -29.02 1.45 9.94
C ILE C 270 -29.64 2.35 8.89
N ASP C 271 -29.41 2.02 7.63
CA ASP C 271 -30.03 2.76 6.53
C ASP C 271 -31.54 2.69 6.66
N THR C 272 -32.05 1.54 7.06
CA THR C 272 -33.46 1.37 7.23
C THR C 272 -33.97 2.27 8.32
N MET C 273 -33.27 2.31 9.44
CA MET C 273 -33.72 3.14 10.56
C MET C 273 -33.72 4.61 10.19
N ILE C 274 -32.73 5.01 9.45
CA ILE C 274 -32.58 6.40 9.06
C ILE C 274 -33.77 6.73 8.16
N THR C 275 -34.06 5.82 7.24
CA THR C 275 -35.14 6.04 6.31
C THR C 275 -36.48 6.19 7.07
N ASP C 276 -36.66 5.36 8.09
CA ASP C 276 -37.80 5.45 8.94
C ASP C 276 -37.93 6.79 9.63
N ALA C 277 -36.81 7.27 10.15
CA ALA C 277 -36.75 8.57 10.81
C ALA C 277 -37.11 9.69 9.82
N PHE C 278 -36.61 9.58 8.60
CA PHE C 278 -36.87 10.58 7.57
C PHE C 278 -38.33 10.62 7.24
N LEU C 279 -38.96 9.44 7.17
CA LEU C 279 -40.40 9.38 6.91
C LEU C 279 -41.17 10.06 8.00
N LYS C 280 -40.77 9.83 9.24
CA LYS C 280 -41.43 10.47 10.38
C LYS C 280 -41.23 11.98 10.43
N ALA C 281 -40.12 12.45 9.92
CA ALA C 281 -39.83 13.88 9.92
C ALA C 281 -40.36 14.60 8.66
N ASP C 282 -40.85 13.84 7.67
CA ASP C 282 -41.06 14.41 6.33
C ASP C 282 -42.05 15.57 6.32
N ASP C 283 -43.04 15.46 7.17
CA ASP C 283 -44.05 16.49 7.30
C ASP C 283 -43.52 17.77 7.91
N TYR C 284 -42.58 17.66 8.83
CA TYR C 284 -42.23 18.79 9.66
C TYR C 284 -40.96 19.52 9.26
N ILE C 285 -40.17 18.95 8.35
CA ILE C 285 -39.00 19.62 7.83
C ILE C 285 -39.36 20.42 6.57
N GLU C 286 -38.87 21.65 6.49
CA GLU C 286 -39.07 22.49 5.33
C GLU C 286 -37.75 22.89 4.74
N ILE C 287 -37.66 22.77 3.41
CA ILE C 287 -36.49 23.15 2.66
C ILE C 287 -36.92 24.17 1.63
N THR C 288 -36.27 25.33 1.65
CA THR C 288 -36.66 26.44 0.80
C THR C 288 -36.01 26.28 -0.57
N GLY C 289 -36.83 26.38 -1.61
CA GLY C 289 -36.36 26.24 -2.98
C GLY C 289 -36.51 27.52 -3.76
N ALA C 290 -36.67 27.39 -5.06
CA ALA C 290 -36.81 28.54 -5.95
C ALA C 290 -38.03 29.38 -5.59
N GLY C 291 -37.82 30.70 -5.55
CA GLY C 291 -38.87 31.65 -5.25
C GLY C 291 -39.28 31.67 -3.80
N GLY C 292 -38.45 31.13 -2.89
CA GLY C 292 -38.80 31.07 -1.47
C GLY C 292 -39.85 30.00 -1.13
N LYS C 293 -40.22 29.19 -2.11
CA LYS C 293 -41.28 28.17 -1.95
C LYS C 293 -40.70 27.05 -1.07
N LYS C 294 -41.55 26.42 -0.26
CA LYS C 294 -41.07 25.40 0.69
C LYS C 294 -41.37 23.98 0.20
N TYR C 295 -40.41 23.09 0.44
CA TYR C 295 -40.52 21.69 0.04
C TYR C 295 -40.22 20.77 1.21
N ARG C 296 -40.51 19.50 1.04
CA ARG C 296 -40.22 18.47 2.03
C ARG C 296 -39.10 17.57 1.54
N ILE C 297 -38.49 16.86 2.47
CA ILE C 297 -37.41 15.94 2.11
C ILE C 297 -37.83 15.19 0.86
N SER C 298 -39.07 14.71 0.86
CA SER C 298 -39.57 13.90 -0.22
C SER C 298 -39.92 14.67 -1.51
N THR C 299 -40.09 15.99 -1.42
CA THR C 299 -40.42 16.78 -2.62
C THR C 299 -39.28 17.69 -3.11
N ALA C 300 -38.17 17.74 -2.39
CA ALA C 300 -37.02 18.55 -2.80
C ALA C 300 -36.46 18.10 -4.14
N ILE C 301 -36.66 16.82 -4.48
CA ILE C 301 -36.27 16.33 -5.81
C ILE C 301 -37.01 17.02 -6.97
N ASP C 302 -38.10 17.70 -6.67
CA ASP C 302 -38.82 18.46 -7.69
C ASP C 302 -38.18 19.79 -8.00
N ASP C 303 -37.45 20.37 -7.05
CA ASP C 303 -36.78 21.65 -7.25
C ASP C 303 -35.29 21.58 -6.93
N MET C 304 -34.46 21.80 -7.94
CA MET C 304 -33.01 21.63 -7.80
C MET C 304 -32.40 22.62 -6.82
N GLU C 305 -32.93 23.82 -6.75
CA GLU C 305 -32.47 24.77 -5.75
C GLU C 305 -32.66 24.23 -4.33
N ALA C 306 -33.80 23.57 -4.08
CA ALA C 306 -34.04 22.91 -2.79
C ALA C 306 -33.20 21.66 -2.64
N TYR C 307 -33.06 20.88 -3.71
CA TYR C 307 -32.28 19.65 -3.66
C TYR C 307 -30.77 19.92 -3.41
N THR C 308 -30.30 21.07 -3.89
CA THR C 308 -28.96 21.53 -3.61
C THR C 308 -28.68 21.58 -2.12
N LYS C 309 -29.72 21.89 -1.33
CA LYS C 309 -29.57 22.01 0.13
C LYS C 309 -29.84 20.74 0.88
N LEU C 310 -29.98 19.62 0.16
CA LEU C 310 -30.42 18.37 0.77
C LEU C 310 -29.30 17.37 0.80
N THR C 311 -28.72 17.20 1.99
CA THR C 311 -27.52 16.39 2.20
C THR C 311 -27.63 15.62 3.51
N ASP C 312 -26.53 14.99 3.92
CA ASP C 312 -26.50 14.20 5.15
C ASP C 312 -26.78 15.09 6.37
N ASN C 313 -26.58 16.39 6.21
CA ASN C 313 -26.99 17.37 7.21
C ASN C 313 -28.37 17.11 7.82
N ILE C 314 -29.34 16.67 7.00
CA ILE C 314 -30.71 16.52 7.53
C ILE C 314 -30.77 15.52 8.66
N PHE C 315 -29.91 14.52 8.59
CA PHE C 315 -29.74 13.58 9.69
C PHE C 315 -29.49 14.33 11.00
N LEU C 316 -28.54 15.25 10.97
CA LEU C 316 -28.19 16.00 12.17
C LEU C 316 -29.22 17.07 12.54
N GLU C 317 -29.86 17.68 11.55
CA GLU C 317 -30.98 18.59 11.81
C GLU C 317 -32.01 17.88 12.68
N ILE C 318 -32.35 16.65 12.31
CA ILE C 318 -33.37 15.89 13.05
C ILE C 318 -32.82 15.50 14.42
N LEU C 319 -31.57 15.02 14.46
CA LEU C 319 -30.99 14.59 15.72
C LEU C 319 -30.91 15.71 16.74
N TYR C 320 -30.55 16.89 16.28
CA TYR C 320 -30.39 18.02 17.16
C TYR C 320 -31.67 18.82 17.38
N SER C 321 -32.76 18.46 16.71
CA SER C 321 -34.03 19.20 16.83
C SER C 321 -34.61 19.14 18.24
N THR C 322 -35.38 20.16 18.59
CA THR C 322 -36.07 20.20 19.86
C THR C 322 -37.58 20.23 19.66
N ASP C 323 -38.04 20.49 18.45
CA ASP C 323 -39.48 20.51 18.20
C ASP C 323 -40.08 19.15 18.55
N PRO C 324 -41.16 19.16 19.35
CA PRO C 324 -41.85 17.92 19.73
C PRO C 324 -42.44 17.14 18.56
N LYS C 325 -42.79 17.79 17.47
CA LYS C 325 -43.29 17.07 16.31
C LYS C 325 -42.26 16.11 15.73
N LEU C 326 -40.98 16.46 15.93
CA LEU C 326 -39.85 15.65 15.45
C LEU C 326 -39.37 14.63 16.49
N LYS C 327 -40.08 14.52 17.60
CA LYS C 327 -39.67 13.64 18.68
C LYS C 327 -39.50 12.21 18.20
N ASP C 328 -40.47 11.70 17.44
CA ASP C 328 -40.46 10.29 17.00
C ASP C 328 -39.28 10.01 16.08
N ALA C 329 -39.04 10.94 15.17
CA ALA C 329 -37.93 10.83 14.25
C ALA C 329 -36.59 10.89 15.00
N ARG C 330 -36.49 11.89 15.87
CA ARG C 330 -35.32 12.12 16.68
C ARG C 330 -35.01 10.91 17.55
N GLU C 331 -36.05 10.28 18.10
CA GLU C 331 -35.86 9.12 18.97
C GLU C 331 -35.22 7.96 18.25
N ILE C 332 -35.55 7.79 16.97
CA ILE C 332 -35.01 6.69 16.21
C ILE C 332 -33.53 6.92 16.01
N LEU C 333 -33.15 8.14 15.66
CA LEU C 333 -31.75 8.47 15.46
C LEU C 333 -30.99 8.35 16.76
N LYS C 334 -31.61 8.70 17.87
CA LYS C 334 -30.97 8.52 19.15
C LYS C 334 -30.67 7.05 19.42
N GLN C 335 -31.56 6.17 19.01
CA GLN C 335 -31.36 4.74 19.24
C GLN C 335 -30.20 4.23 18.43
N ILE C 336 -30.02 4.80 17.25
CA ILE C 336 -28.82 4.52 16.48
C ILE C 336 -27.54 4.88 17.25
N GLU C 337 -27.49 6.06 17.85
CA GLU C 337 -26.30 6.48 18.63
C GLU C 337 -26.00 5.57 19.81
N TYR C 338 -27.06 5.07 20.45
CA TYR C 338 -26.88 4.16 21.56
C TYR C 338 -26.63 2.76 21.07
N ARG C 339 -26.70 2.55 19.75
CA ARG C 339 -26.51 1.22 19.17
C ARG C 339 -27.65 0.28 19.61
N ASN C 340 -28.83 0.82 19.85
CA ASN C 340 -30.02 0.00 20.10
C ASN C 340 -30.76 -0.19 18.79
N LEU C 341 -30.17 -1.03 17.95
CA LEU C 341 -30.65 -1.23 16.58
C LEU C 341 -31.65 -2.35 16.56
N PHE C 342 -32.47 -2.36 15.51
CA PHE C 342 -33.36 -3.53 15.26
C PHE C 342 -32.46 -4.73 15.13
N LYS C 343 -32.88 -5.88 15.62
CA LYS C 343 -32.00 -7.04 15.63
C LYS C 343 -32.13 -7.91 14.41
N TYR C 344 -31.00 -8.30 13.90
CA TYR C 344 -30.88 -9.26 12.81
C TYR C 344 -31.33 -10.62 13.31
N VAL C 345 -32.29 -11.20 12.63
CA VAL C 345 -32.72 -12.53 12.96
C VAL C 345 -31.93 -13.54 12.13
N GLY C 346 -31.89 -13.31 10.83
CA GLY C 346 -31.31 -14.29 9.93
C GLY C 346 -31.47 -13.96 8.44
N GLU C 347 -30.90 -14.83 7.61
CA GLU C 347 -30.87 -14.66 6.15
C GLU C 347 -31.20 -15.99 5.49
N THR C 348 -31.95 -15.93 4.39
CA THR C 348 -32.26 -17.13 3.61
C THR C 348 -32.37 -16.73 2.14
N GLN C 349 -32.56 -17.72 1.26
CA GLN C 349 -32.74 -17.48 -0.18
C GLN C 349 -33.85 -18.33 -0.77
N PRO C 350 -34.51 -17.81 -1.83
CA PRO C 350 -35.48 -18.63 -2.58
C PRO C 350 -34.83 -19.80 -3.28
N THR C 351 -35.54 -20.90 -3.34
CA THR C 351 -35.03 -22.12 -3.94
C THR C 351 -35.53 -22.13 -5.34
N GLY C 352 -34.68 -22.56 -6.27
CA GLY C 352 -35.12 -22.84 -7.66
C GLY C 352 -35.69 -21.67 -8.42
N GLN C 353 -36.90 -21.85 -8.96
CA GLN C 353 -37.44 -20.89 -9.92
C GLN C 353 -38.11 -19.70 -9.23
N ILE C 354 -38.33 -19.81 -7.92
CA ILE C 354 -39.08 -18.75 -7.22
C ILE C 354 -38.31 -17.45 -7.27
N LYS C 355 -38.99 -16.35 -7.59
CA LYS C 355 -38.43 -15.00 -7.48
C LYS C 355 -39.42 -14.12 -6.73
N ILE C 356 -38.96 -13.12 -6.00
CA ILE C 356 -39.86 -12.26 -5.26
C ILE C 356 -40.02 -10.91 -5.91
N LYS C 357 -41.28 -10.56 -6.18
CA LYS C 357 -41.59 -9.32 -6.88
C LYS C 357 -41.64 -8.19 -5.87
N ARG C 358 -41.35 -7.00 -6.35
CA ARG C 358 -41.33 -5.81 -5.52
C ARG C 358 -42.70 -5.54 -4.89
N GLU C 359 -43.75 -5.81 -5.63
CA GLU C 359 -45.13 -5.66 -5.09
C GLU C 359 -45.40 -6.60 -3.92
N ASP C 360 -44.77 -7.76 -3.93
CA ASP C 360 -44.90 -8.73 -2.84
C ASP C 360 -44.20 -8.29 -1.54
N TYR C 361 -43.31 -7.31 -1.60
CA TYR C 361 -42.47 -6.96 -0.44
C TYR C 361 -43.27 -6.57 0.81
N GLU C 362 -44.33 -5.81 0.61
CA GLU C 362 -45.15 -5.33 1.74
C GLU C 362 -45.85 -6.47 2.51
N SER C 363 -46.20 -7.53 1.81
CA SER C 363 -46.80 -8.68 2.46
C SER C 363 -45.87 -9.50 3.36
N LEU C 364 -44.57 -9.46 3.09
CA LEU C 364 -43.61 -10.40 3.70
C LEU C 364 -43.51 -10.40 5.23
N PRO C 365 -43.49 -9.21 5.86
CA PRO C 365 -43.58 -9.22 7.31
C PRO C 365 -44.84 -9.92 7.86
N LYS C 366 -45.98 -9.70 7.20
CA LYS C 366 -47.23 -10.40 7.54
C LYS C 366 -47.01 -11.90 7.48
N GLU C 367 -46.36 -12.38 6.41
CA GLU C 367 -46.17 -13.83 6.25
C GLU C 367 -45.40 -14.41 7.40
N VAL C 368 -44.36 -13.70 7.84
CA VAL C 368 -43.48 -14.23 8.88
C VAL C 368 -44.28 -14.31 10.19
N ALA C 369 -45.06 -13.29 10.48
CA ALA C 369 -45.88 -13.26 11.69
C ALA C 369 -46.99 -14.36 11.65
N SER C 370 -47.43 -14.72 10.45
CA SER C 370 -48.42 -15.77 10.23
C SER C 370 -47.89 -17.19 10.40
N ALA C 371 -46.58 -17.38 10.44
CA ALA C 371 -46.00 -18.71 10.54
C ALA C 371 -46.42 -19.22 11.92
N LYS C 372 -46.64 -20.52 12.02
CA LYS C 372 -47.02 -21.14 13.28
C LYS C 372 -46.00 -22.17 13.67
N PRO C 373 -44.90 -21.72 14.31
CA PRO C 373 -43.89 -22.70 14.72
C PRO C 373 -44.44 -23.53 15.86
N LYS C 374 -44.14 -24.82 15.85
CA LYS C 374 -44.70 -25.72 16.86
C LYS C 374 -43.77 -25.72 18.07
N VAL C 375 -43.68 -24.58 18.74
CA VAL C 375 -42.84 -24.42 19.93
C VAL C 375 -43.57 -23.50 20.90
N LEU C 376 -43.40 -23.74 22.20
CA LEU C 376 -44.00 -22.88 23.19
C LEU C 376 -43.30 -21.53 23.29
N LEU C 377 -44.07 -20.45 23.20
CA LEU C 377 -43.54 -19.09 23.23
C LEU C 377 -44.15 -18.26 24.35
N ASP C 378 -43.30 -17.58 25.09
CA ASP C 378 -43.69 -16.61 26.09
C ASP C 378 -44.42 -15.41 25.48
N VAL C 379 -43.90 -14.90 24.37
CA VAL C 379 -44.41 -13.69 23.71
C VAL C 379 -44.87 -13.99 22.28
N LYS C 380 -45.79 -13.18 21.77
CA LYS C 380 -46.33 -13.37 20.42
C LYS C 380 -46.05 -12.11 19.63
N LEU C 381 -45.52 -12.28 18.42
CA LEU C 381 -45.07 -11.14 17.63
C LEU C 381 -46.01 -10.86 16.49
N LYS C 382 -46.02 -9.61 16.04
CA LYS C 382 -46.92 -9.14 15.00
C LYS C 382 -46.17 -8.68 13.76
N ALA C 383 -46.87 -8.54 12.64
CA ALA C 383 -46.26 -8.12 11.40
C ALA C 383 -45.39 -6.88 11.57
N GLU C 384 -45.91 -5.88 12.28
CA GLU C 384 -45.22 -4.61 12.51
C GLU C 384 -43.88 -4.74 13.25
N ASP C 385 -43.68 -5.86 13.95
CA ASP C 385 -42.46 -6.15 14.68
C ASP C 385 -41.33 -6.67 13.77
N PHE C 386 -41.67 -7.02 12.53
CA PHE C 386 -40.69 -7.58 11.59
C PHE C 386 -40.33 -6.63 10.48
N ILE C 387 -39.07 -6.73 10.05
CA ILE C 387 -38.58 -6.06 8.86
C ILE C 387 -38.05 -7.15 7.95
N VAL C 388 -38.45 -7.12 6.68
CA VAL C 388 -37.92 -8.04 5.68
C VAL C 388 -37.23 -7.28 4.54
N ASP C 389 -35.96 -7.54 4.33
CA ASP C 389 -35.15 -6.80 3.37
C ASP C 389 -34.78 -7.78 2.26
N VAL C 390 -35.21 -7.50 1.03
CA VAL C 390 -34.96 -8.37 -0.11
C VAL C 390 -33.91 -7.72 -0.95
N ILE C 391 -32.81 -8.43 -1.19
CA ILE C 391 -31.68 -7.88 -1.91
C ILE C 391 -31.47 -8.68 -3.18
N ASN C 392 -31.52 -7.99 -4.31
CA ASN C 392 -31.18 -8.60 -5.59
C ASN C 392 -29.66 -8.48 -5.82
N MET C 393 -28.98 -9.61 -5.82
CA MET C 393 -27.56 -9.67 -6.14
C MET C 393 -27.35 -10.20 -7.55
N ASP C 394 -26.70 -9.43 -8.42
CA ASP C 394 -26.39 -9.89 -9.77
C ASP C 394 -25.09 -9.30 -10.33
N TYR C 395 -24.74 -9.64 -11.58
CA TYR C 395 -23.52 -9.09 -12.24
C TYR C 395 -23.83 -7.83 -13.07
N GLY C 396 -24.87 -7.10 -12.66
CA GLY C 396 -25.29 -5.87 -13.33
C GLY C 396 -26.29 -5.98 -14.46
N MET C 397 -26.63 -7.20 -14.85
CA MET C 397 -27.47 -7.40 -16.03
C MET C 397 -28.58 -8.40 -15.74
N GLN C 398 -29.20 -8.30 -14.56
CA GLN C 398 -30.17 -9.29 -14.11
C GLN C 398 -29.62 -10.71 -14.32
N GLU C 399 -30.32 -11.55 -15.08
N GLU C 399 -30.32 -11.55 -15.08
CA GLU C 399 -29.96 -12.95 -15.26
CA GLU C 399 -29.96 -12.95 -15.26
C GLU C 399 -28.78 -13.13 -16.21
C GLU C 399 -28.78 -13.13 -16.21
N LYS C 400 -28.52 -12.12 -17.03
CA LYS C 400 -27.50 -12.20 -18.08
C LYS C 400 -26.07 -12.07 -17.58
N ASN C 401 -25.18 -12.67 -18.38
CA ASN C 401 -23.76 -12.63 -18.17
C ASN C 401 -23.23 -11.45 -18.96
N PRO C 402 -22.70 -10.42 -18.26
CA PRO C 402 -22.20 -9.23 -18.96
C PRO C 402 -21.07 -9.50 -19.95
N ILE C 403 -20.30 -10.56 -19.71
CA ILE C 403 -19.16 -10.88 -20.56
C ILE C 403 -19.62 -11.33 -21.95
N ASP C 404 -20.83 -11.85 -22.04
CA ASP C 404 -21.41 -12.17 -23.34
C ASP C 404 -21.66 -10.92 -24.16
N HIS C 405 -21.65 -9.76 -23.53
CA HIS C 405 -21.86 -8.50 -24.21
C HIS C 405 -20.59 -7.66 -24.27
N VAL C 406 -19.44 -8.31 -24.18
CA VAL C 406 -18.15 -7.68 -24.38
C VAL C 406 -17.51 -8.17 -25.67
N SER C 407 -16.86 -7.25 -26.36
CA SER C 407 -16.16 -7.55 -27.60
C SER C 407 -14.67 -7.60 -27.35
N PHE C 408 -14.01 -8.58 -27.92
CA PHE C 408 -12.58 -8.76 -27.74
C PHE C 408 -11.84 -8.69 -29.05
N TYR C 409 -10.52 -8.58 -28.97
CA TYR C 409 -9.66 -8.68 -30.14
C TYR C 409 -8.45 -9.49 -29.75
N CYS C 410 -7.78 -10.03 -30.76
N CYS C 410 -7.78 -10.02 -30.77
CA CYS C 410 -6.60 -10.85 -30.51
CA CYS C 410 -6.59 -10.83 -30.56
C CYS C 410 -5.35 -10.20 -31.12
C CYS C 410 -5.34 -10.17 -31.13
N LYS C 411 -4.20 -10.60 -30.60
CA LYS C 411 -2.92 -10.03 -30.95
C LYS C 411 -2.62 -10.07 -32.43
N THR C 412 -2.98 -11.19 -33.05
CA THR C 412 -2.72 -11.40 -34.47
C THR C 412 -3.64 -10.62 -35.41
N ALA C 413 -4.78 -10.10 -34.92
CA ALA C 413 -5.66 -9.28 -35.76
C ALA C 413 -6.39 -8.23 -34.94
N PRO C 414 -5.67 -7.17 -34.56
CA PRO C 414 -6.17 -6.15 -33.64
C PRO C 414 -7.44 -5.44 -34.08
N ASN C 415 -7.71 -5.43 -35.37
CA ASN C 415 -8.90 -4.75 -35.86
C ASN C 415 -10.12 -5.63 -35.95
N ARG C 416 -9.95 -6.93 -35.74
CA ARG C 416 -11.05 -7.87 -35.87
C ARG C 416 -11.67 -8.22 -34.53
N ALA C 417 -12.90 -7.74 -34.32
CA ALA C 417 -13.63 -8.00 -33.06
C ALA C 417 -14.12 -9.43 -32.99
N ILE C 418 -14.11 -10.01 -31.78
CA ILE C 418 -14.64 -11.36 -31.55
C ILE C 418 -15.44 -11.47 -30.25
N ARG C 419 -16.12 -12.59 -30.10
CA ARG C 419 -16.85 -12.90 -28.89
C ARG C 419 -16.16 -14.07 -28.23
N ILE C 420 -16.28 -14.16 -26.91
CA ILE C 420 -15.71 -15.27 -26.15
C ILE C 420 -16.77 -15.74 -25.16
N THR C 421 -17.09 -17.02 -25.25
CA THR C 421 -18.15 -17.61 -24.44
C THR C 421 -17.55 -18.08 -23.12
N LYS C 422 -18.42 -18.28 -22.12
CA LYS C 422 -18.00 -18.74 -20.79
C LYS C 422 -17.28 -20.10 -20.85
N ASN C 423 -17.77 -21.01 -21.69
CA ASN C 423 -17.18 -22.35 -21.85
C ASN C 423 -15.77 -22.27 -22.37
N GLN C 424 -15.47 -21.28 -23.21
CA GLN C 424 -14.10 -21.05 -23.70
C GLN C 424 -13.13 -20.58 -22.61
N VAL C 425 -13.65 -20.03 -21.51
CA VAL C 425 -12.82 -19.53 -20.43
C VAL C 425 -12.59 -20.54 -19.30
N SER C 426 -13.64 -21.04 -18.67
CA SER C 426 -13.47 -21.88 -17.47
C SER C 426 -14.80 -22.52 -16.99
N GLN C 427 -14.69 -23.72 -16.42
CA GLN C 427 -15.80 -24.38 -15.78
C GLN C 427 -15.90 -23.99 -14.32
N LEU C 428 -14.95 -23.22 -13.81
CA LEU C 428 -15.01 -22.75 -12.41
C LEU C 428 -15.80 -21.46 -12.27
N LEU C 429 -16.35 -20.96 -13.36
CA LEU C 429 -17.13 -19.74 -13.33
C LEU C 429 -18.57 -20.03 -12.87
N PRO C 430 -19.30 -18.98 -12.45
CA PRO C 430 -20.67 -19.17 -11.97
C PRO C 430 -21.59 -19.71 -13.05
N GLU C 431 -22.59 -20.53 -12.69
CA GLU C 431 -23.60 -20.99 -13.66
C GLU C 431 -24.81 -20.08 -13.69
N LYS C 432 -25.01 -19.30 -12.64
CA LYS C 432 -26.03 -18.26 -12.62
C LYS C 432 -25.37 -16.92 -12.29
N PHE C 433 -26.03 -15.83 -12.69
CA PHE C 433 -25.51 -14.47 -12.52
C PHE C 433 -26.44 -13.52 -11.77
N ALA C 434 -27.49 -14.08 -11.16
CA ALA C 434 -28.46 -13.35 -10.34
C ALA C 434 -29.03 -14.25 -9.23
N GLU C 435 -29.31 -13.64 -8.09
CA GLU C 435 -29.88 -14.33 -6.94
C GLU C 435 -30.49 -13.32 -5.99
N GLN C 436 -31.25 -13.79 -5.00
CA GLN C 436 -31.93 -12.93 -4.03
C GLN C 436 -31.57 -13.36 -2.63
N LEU C 437 -31.31 -12.38 -1.77
CA LEU C 437 -31.04 -12.60 -0.36
C LEU C 437 -32.18 -11.99 0.40
N ILE C 438 -32.63 -12.68 1.44
CA ILE C 438 -33.72 -12.21 2.26
C ILE C 438 -33.22 -12.14 3.70
N ARG C 439 -33.16 -10.92 4.25
CA ARG C 439 -32.77 -10.71 5.63
C ARG C 439 -33.93 -10.29 6.44
N VAL C 440 -34.01 -10.81 7.66
CA VAL C 440 -35.16 -10.57 8.52
C VAL C 440 -34.62 -10.01 9.81
N TYR C 441 -35.27 -8.95 10.25
CA TYR C 441 -34.92 -8.31 11.48
C TYR C 441 -36.17 -8.18 12.36
N CYS C 442 -35.94 -8.02 13.66
CA CYS C 442 -37.01 -7.80 14.61
C CYS C 442 -36.86 -6.45 15.32
N LYS C 443 -37.93 -5.68 15.40
CA LYS C 443 -37.96 -4.42 16.13
C LYS C 443 -37.96 -4.58 17.66
N LYS C 444 -38.40 -5.73 18.16
CA LYS C 444 -38.38 -6.00 19.60
C LYS C 444 -37.03 -6.67 19.88
N VAL C 445 -36.24 -6.06 20.74
CA VAL C 445 -34.83 -6.47 20.89
C VAL C 445 -34.58 -7.37 22.10
N ASP C 446 -35.59 -7.57 22.95
CA ASP C 446 -35.40 -8.34 24.19
C ASP C 446 -35.14 -9.81 23.91
N ARG C 447 -34.53 -10.50 24.86
CA ARG C 447 -34.12 -11.88 24.66
C ARG C 447 -35.25 -12.82 24.27
N LYS C 448 -36.35 -12.71 24.97
CA LYS C 448 -37.51 -13.58 24.71
C LYS C 448 -38.15 -13.27 23.37
N SER C 449 -38.26 -12.00 23.03
CA SER C 449 -38.75 -11.60 21.71
C SER C 449 -37.87 -12.14 20.61
N LEU C 450 -36.55 -12.02 20.81
CA LEU C 450 -35.58 -12.44 19.81
C LEU C 450 -35.64 -13.95 19.55
N TYR C 451 -35.78 -14.72 20.63
CA TYR C 451 -35.96 -16.18 20.55
C TYR C 451 -37.19 -16.51 19.73
N ALA C 452 -38.27 -15.80 20.00
CA ALA C 452 -39.52 -16.04 19.31
C ALA C 452 -39.37 -15.73 17.83
N ALA C 453 -38.73 -14.59 17.53
CA ALA C 453 -38.53 -14.15 16.15
C ALA C 453 -37.77 -15.20 15.33
N ARG C 454 -36.87 -15.89 15.97
CA ARG C 454 -36.08 -16.92 15.30
C ARG C 454 -36.90 -18.09 14.93
N GLN C 455 -37.83 -18.42 15.80
CA GLN C 455 -38.79 -19.55 15.54
C GLN C 455 -39.73 -19.22 14.39
N TYR C 456 -40.29 -18.02 14.39
CA TYR C 456 -41.08 -17.57 13.26
C TYR C 456 -40.33 -17.62 11.96
N PHE C 457 -39.08 -17.10 12.00
CA PHE C 457 -38.22 -16.94 10.82
C PHE C 457 -37.89 -18.26 10.17
N VAL C 458 -37.38 -19.17 10.99
CA VAL C 458 -36.99 -20.46 10.48
C VAL C 458 -38.18 -21.24 9.99
N GLN C 459 -39.33 -21.17 10.73
CA GLN C 459 -40.52 -21.85 10.34
C GLN C 459 -40.92 -21.32 8.99
N TRP C 460 -40.92 -20.00 8.86
CA TRP C 460 -41.32 -19.37 7.61
C TRP C 460 -40.47 -19.86 6.43
N CYS C 461 -39.13 -19.97 6.65
CA CYS C 461 -38.22 -20.48 5.61
C CYS C 461 -38.62 -21.87 5.18
N ALA C 462 -38.85 -22.72 6.16
CA ALA C 462 -39.35 -24.07 5.92
C ALA C 462 -40.71 -24.08 5.19
N ASP C 463 -41.64 -23.30 5.69
CA ASP C 463 -42.96 -23.21 5.04
C ASP C 463 -42.84 -22.82 3.58
N ARG C 464 -41.86 -21.98 3.26
CA ARG C 464 -41.75 -21.49 1.89
C ARG C 464 -40.70 -22.21 1.07
N ASN C 465 -40.09 -23.21 1.67
CA ASN C 465 -39.11 -24.00 0.99
C ASN C 465 -37.90 -23.14 0.56
N PHE C 466 -37.56 -22.16 1.40
CA PHE C 466 -36.39 -21.38 1.21
C PHE C 466 -35.20 -22.17 1.75
N THR C 467 -33.97 -21.67 1.52
CA THR C 467 -32.77 -22.40 1.93
C THR C 467 -32.64 -22.40 3.44
N LYS C 468 -32.07 -23.47 3.99
CA LYS C 468 -31.90 -23.55 5.42
C LYS C 468 -30.88 -22.50 5.89
N PRO C 469 -31.29 -21.59 6.80
CA PRO C 469 -30.32 -20.63 7.33
C PRO C 469 -29.11 -21.32 7.94
N GLN C 470 -27.97 -20.67 7.83
CA GLN C 470 -26.71 -21.30 8.18
C GLN C 470 -26.66 -21.71 9.66
N ASP C 471 -27.28 -20.90 10.51
CA ASP C 471 -27.30 -21.16 11.95
C ASP C 471 -28.59 -21.79 12.42
N GLY C 472 -29.37 -22.30 11.45
CA GLY C 472 -30.73 -22.79 11.73
C GLY C 472 -30.83 -23.81 12.86
N ASP C 473 -29.93 -24.77 12.88
CA ASP C 473 -29.94 -25.81 13.89
C ASP C 473 -29.66 -25.29 15.28
N VAL C 474 -29.04 -24.15 15.36
CA VAL C 474 -28.70 -23.54 16.63
C VAL C 474 -29.82 -22.63 17.11
N ILE C 475 -30.29 -21.76 16.23
CA ILE C 475 -31.29 -20.78 16.64
C ILE C 475 -32.68 -21.40 16.75
N ALA C 476 -32.93 -22.51 16.06
CA ALA C 476 -34.26 -23.15 16.02
C ALA C 476 -34.12 -24.66 15.89
N PRO C 477 -33.54 -25.29 16.91
CA PRO C 477 -33.27 -26.72 16.88
C PRO C 477 -34.53 -27.59 16.80
N LEU C 478 -35.65 -27.05 17.29
CA LEU C 478 -36.88 -27.80 17.28
C LEU C 478 -37.56 -27.70 15.94
N ILE C 479 -37.28 -26.65 15.16
CA ILE C 479 -37.96 -26.44 13.87
C ILE C 479 -37.27 -27.18 12.72
N THR C 480 -35.96 -27.15 12.69
CA THR C 480 -35.19 -27.64 11.54
C THR C 480 -35.43 -29.13 11.24
N PRO C 481 -35.63 -29.98 12.27
CA PRO C 481 -35.80 -31.40 12.01
C PRO C 481 -37.03 -31.72 11.17
N GLN C 482 -38.08 -30.93 11.28
CA GLN C 482 -39.32 -31.15 10.53
C GLN C 482 -39.10 -31.19 9.01
N LYS C 483 -38.18 -30.36 8.50
CA LYS C 483 -37.97 -30.24 7.05
C LYS C 483 -37.00 -31.34 6.62
N LYS C 484 -37.52 -32.26 5.81
CA LYS C 484 -36.80 -33.48 5.42
C LYS C 484 -35.60 -33.10 4.52
N GLU C 485 -35.84 -32.14 3.61
CA GLU C 485 -34.85 -31.65 2.67
C GLU C 485 -33.59 -31.18 3.41
N TRP C 486 -33.80 -30.43 4.47
CA TRP C 486 -32.73 -29.83 5.23
C TRP C 486 -31.84 -30.89 5.87
N ASN C 487 -32.40 -32.04 6.21
CA ASN C 487 -31.53 -33.18 6.57
C ASN C 487 -32.32 -34.44 6.72
N THR D 2 18.37 -14.60 23.33
CA THR D 2 17.45 -13.42 23.16
C THR D 2 16.62 -13.45 21.86
N MET D 3 15.45 -12.82 21.89
CA MET D 3 14.59 -12.70 20.70
C MET D 3 15.27 -11.89 19.62
N LYS D 4 15.16 -12.29 18.35
CA LYS D 4 15.61 -11.46 17.26
C LYS D 4 14.45 -10.84 16.54
N VAL D 5 14.60 -9.61 16.08
CA VAL D 5 13.52 -8.93 15.34
C VAL D 5 13.95 -8.80 13.88
N ILE D 6 13.04 -9.06 12.96
CA ILE D 6 13.34 -8.90 11.53
C ILE D 6 12.27 -8.08 10.89
N ASN D 7 12.65 -7.18 9.98
CA ASN D 7 11.64 -6.44 9.22
C ASN D 7 11.30 -7.13 7.92
N ASP D 8 10.07 -7.65 7.88
CA ASP D 8 9.53 -8.30 6.70
C ASP D 8 8.53 -7.36 6.08
N PRO D 9 8.62 -7.12 4.76
CA PRO D 9 7.77 -6.13 4.15
C PRO D 9 6.29 -6.54 4.19
N ILE D 10 6.00 -7.85 4.29
CA ILE D 10 4.65 -8.30 4.34
C ILE D 10 4.07 -8.18 5.75
N HIS D 11 4.81 -8.64 6.75
CA HIS D 11 4.29 -8.73 8.10
C HIS D 11 4.81 -7.62 9.03
N GLY D 12 5.81 -6.87 8.58
CA GLY D 12 6.41 -5.84 9.43
C GLY D 12 7.43 -6.47 10.33
N HIS D 13 7.54 -5.95 11.54
CA HIS D 13 8.57 -6.40 12.47
C HIS D 13 8.17 -7.62 13.26
N ILE D 14 8.83 -8.74 13.01
CA ILE D 14 8.52 -10.03 13.55
C ILE D 14 9.55 -10.41 14.57
N GLU D 15 9.18 -10.97 15.71
CA GLU D 15 10.13 -11.52 16.67
C GLU D 15 10.39 -12.98 16.37
N LEU D 16 11.64 -13.39 16.48
CA LEU D 16 11.99 -14.80 16.35
C LEU D 16 12.67 -15.34 17.59
N HIS D 17 12.18 -16.46 18.09
CA HIS D 17 12.77 -17.11 19.26
C HIS D 17 14.16 -17.63 18.92
N PRO D 18 15.10 -17.58 19.89
CA PRO D 18 16.50 -17.93 19.63
C PRO D 18 16.70 -19.29 18.99
N LEU D 19 15.91 -20.27 19.40
CA LEU D 19 15.92 -21.58 18.76
C LEU D 19 15.65 -21.49 17.27
N LEU D 20 14.69 -20.67 16.89
CA LEU D 20 14.35 -20.53 15.49
C LEU D 20 15.47 -19.89 14.73
N VAL D 21 16.12 -18.93 15.38
CA VAL D 21 17.30 -18.26 14.79
C VAL D 21 18.40 -19.28 14.54
N ARG D 22 18.63 -20.16 15.50
CA ARG D 22 19.65 -21.17 15.33
C ARG D 22 19.37 -22.09 14.15
N ILE D 23 18.11 -22.43 13.95
CA ILE D 23 17.72 -23.26 12.82
C ILE D 23 17.97 -22.52 11.50
N ILE D 24 17.63 -21.24 11.51
CA ILE D 24 17.72 -20.40 10.34
C ILE D 24 19.16 -20.20 9.92
N ASP D 25 20.05 -20.07 10.89
CA ASP D 25 21.45 -19.74 10.57
C ASP D 25 22.29 -20.99 10.27
N THR D 26 21.85 -21.74 9.26
CA THR D 26 22.50 -22.97 8.84
C THR D 26 22.53 -23.02 7.32
N PRO D 27 23.47 -23.77 6.76
CA PRO D 27 23.53 -23.86 5.31
C PRO D 27 22.28 -24.43 4.72
N GLN D 28 21.62 -25.32 5.45
CA GLN D 28 20.43 -25.99 4.94
C GLN D 28 19.26 -25.02 4.78
N PHE D 29 19.16 -24.06 5.68
CA PHE D 29 18.09 -23.09 5.62
C PHE D 29 18.46 -21.93 4.70
N GLN D 30 19.72 -21.48 4.79
CA GLN D 30 20.20 -20.32 4.05
C GLN D 30 20.23 -20.56 2.56
N ARG D 31 20.32 -21.83 2.20
CA ARG D 31 20.11 -22.29 0.85
C ARG D 31 18.84 -21.75 0.18
N LEU D 32 17.77 -21.63 0.96
CA LEU D 32 16.52 -21.07 0.43
C LEU D 32 16.62 -19.63 -0.09
N ARG D 33 17.69 -18.93 0.24
CA ARG D 33 17.96 -17.61 -0.36
C ARG D 33 18.22 -17.69 -1.85
N TYR D 34 18.57 -18.88 -2.34
CA TYR D 34 19.01 -19.03 -3.71
C TYR D 34 18.07 -19.83 -4.53
N ILE D 35 16.81 -19.85 -4.10
CA ILE D 35 15.77 -20.52 -4.85
C ILE D 35 14.59 -19.61 -4.99
N LYS D 36 14.30 -19.19 -6.22
CA LYS D 36 13.15 -18.32 -6.52
C LYS D 36 11.84 -19.00 -6.16
N GLN D 37 10.98 -18.22 -5.52
CA GLN D 37 9.67 -18.72 -5.10
C GLN D 37 8.87 -19.19 -6.30
N LEU D 38 8.88 -18.38 -7.36
CA LEU D 38 8.06 -18.65 -8.53
C LEU D 38 8.86 -19.12 -9.76
N GLY D 39 10.12 -19.48 -9.57
CA GLY D 39 10.98 -19.97 -10.68
C GLY D 39 11.00 -19.09 -11.91
N GLY D 40 10.57 -19.63 -13.04
CA GLY D 40 10.52 -18.91 -14.30
C GLY D 40 9.59 -17.71 -14.34
N GLY D 41 8.68 -17.60 -13.36
CA GLY D 41 7.80 -16.45 -13.25
C GLY D 41 8.51 -15.10 -13.22
N TYR D 42 9.73 -15.08 -12.66
CA TYR D 42 10.50 -13.86 -12.58
C TYR D 42 10.84 -13.37 -13.97
N TYR D 43 10.94 -14.30 -14.92
CA TYR D 43 11.23 -13.96 -16.30
C TYR D 43 10.01 -13.40 -17.02
N VAL D 44 8.85 -13.38 -16.34
CA VAL D 44 7.62 -12.73 -16.83
C VAL D 44 7.20 -11.55 -15.94
N PHE D 45 7.30 -11.72 -14.62
CA PHE D 45 6.99 -10.65 -13.66
C PHE D 45 8.29 -10.24 -13.01
N PRO D 46 8.83 -9.10 -13.42
CA PRO D 46 10.09 -8.69 -12.90
C PRO D 46 10.08 -8.30 -11.42
N GLY D 47 8.90 -8.14 -10.82
CA GLY D 47 8.80 -7.92 -9.38
C GLY D 47 9.10 -9.18 -8.58
N ALA D 48 8.99 -10.35 -9.23
CA ALA D 48 9.00 -11.64 -8.52
C ALA D 48 10.39 -12.21 -8.34
N SER D 49 11.19 -11.40 -7.67
CA SER D 49 12.57 -11.70 -7.34
C SER D 49 12.66 -12.51 -6.05
N HIS D 50 11.52 -12.65 -5.35
CA HIS D 50 11.56 -13.22 -4.02
C HIS D 50 11.89 -14.71 -4.04
N ASN D 51 12.54 -15.12 -2.96
CA ASN D 51 13.00 -16.47 -2.80
C ASN D 51 12.30 -17.17 -1.68
N ARG D 52 12.49 -18.48 -1.63
CA ARG D 52 11.86 -19.31 -0.65
C ARG D 52 12.17 -18.92 0.80
N PHE D 53 13.34 -18.37 1.01
CA PHE D 53 13.83 -17.97 2.32
C PHE D 53 12.87 -17.04 3.06
N GLU D 54 12.53 -15.92 2.44
CA GLU D 54 11.66 -14.92 3.07
C GLU D 54 10.20 -15.46 3.22
N HIS D 55 9.74 -16.26 2.26
CA HIS D 55 8.45 -16.86 2.37
C HIS D 55 8.46 -17.76 3.59
N SER D 56 9.54 -18.50 3.80
CA SER D 56 9.58 -19.43 4.93
C SER D 56 9.46 -18.71 6.27
N LEU D 57 10.14 -17.59 6.41
CA LEU D 57 10.01 -16.78 7.62
C LEU D 57 8.58 -16.36 7.84
N GLY D 58 7.92 -15.93 6.78
CA GLY D 58 6.51 -15.56 6.87
C GLY D 58 5.58 -16.68 7.32
N VAL D 59 5.81 -17.88 6.80
CA VAL D 59 4.97 -19.04 7.15
C VAL D 59 5.15 -19.39 8.62
N GLY D 60 6.41 -19.41 9.06
CA GLY D 60 6.72 -19.65 10.45
C GLY D 60 6.05 -18.63 11.36
N TYR D 61 6.09 -17.36 10.95
CA TYR D 61 5.54 -16.33 11.78
C TYR D 61 4.03 -16.46 11.89
N LEU D 62 3.36 -16.70 10.76
CA LEU D 62 1.91 -16.86 10.77
C LEU D 62 1.48 -18.08 11.55
N ALA D 63 2.24 -19.16 11.45
CA ALA D 63 1.93 -20.35 12.24
C ALA D 63 1.90 -20.01 13.71
N GLY D 64 2.87 -19.23 14.14
CA GLY D 64 2.91 -18.73 15.51
C GLY D 64 1.75 -17.83 15.87
N CYS D 65 1.39 -16.92 14.97
CA CYS D 65 0.26 -16.06 15.21
C CYS D 65 -1.01 -16.87 15.49
N LEU D 66 -1.25 -17.91 14.69
CA LEU D 66 -2.48 -18.65 14.80
C LEU D 66 -2.50 -19.43 16.09
N VAL D 67 -1.44 -20.15 16.37
CA VAL D 67 -1.42 -20.95 17.57
C VAL D 67 -1.48 -20.05 18.81
N HIS D 68 -0.80 -18.90 18.81
CA HIS D 68 -0.88 -17.94 19.94
C HIS D 68 -2.31 -17.49 20.16
N ALA D 69 -2.97 -17.11 19.07
CA ALA D 69 -4.37 -16.61 19.15
C ALA D 69 -5.29 -17.64 19.76
N LEU D 70 -5.16 -18.88 19.33
CA LEU D 70 -5.97 -19.95 19.87
C LEU D 70 -5.74 -20.18 21.35
N GLY D 71 -4.48 -20.14 21.77
CA GLY D 71 -4.10 -20.29 23.17
C GLY D 71 -4.66 -19.20 24.06
N GLU D 72 -4.61 -17.95 23.59
CA GLU D 72 -5.10 -16.82 24.36
C GLU D 72 -6.59 -16.90 24.53
N LYS D 73 -7.28 -17.22 23.44
CA LYS D 73 -8.74 -17.34 23.42
C LYS D 73 -9.28 -18.52 24.20
N GLN D 74 -8.54 -19.64 24.18
CA GLN D 74 -9.03 -20.88 24.79
C GLN D 74 -7.93 -21.56 25.60
N PRO D 75 -7.69 -21.04 26.82
CA PRO D 75 -6.69 -21.61 27.72
C PRO D 75 -6.90 -23.11 27.97
N GLU D 76 -8.16 -23.53 27.95
CA GLU D 76 -8.52 -24.92 28.18
C GLU D 76 -7.88 -25.90 27.19
N LEU D 77 -7.46 -25.41 26.04
CA LEU D 77 -6.75 -26.25 25.08
C LEU D 77 -5.38 -26.73 25.61
N GLN D 78 -4.85 -26.09 26.64
CA GLN D 78 -3.58 -26.48 27.24
C GLN D 78 -2.41 -26.33 26.27
N ILE D 79 -2.47 -25.33 25.40
CA ILE D 79 -1.39 -25.17 24.45
C ILE D 79 -0.16 -24.69 25.22
N SER D 80 0.98 -25.34 25.03
CA SER D 80 2.22 -24.99 25.74
C SER D 80 3.20 -24.23 24.86
N GLU D 81 4.14 -23.53 25.49
CA GLU D 81 5.15 -22.84 24.70
C GLU D 81 5.92 -23.84 23.83
N ARG D 82 6.12 -25.03 24.38
CA ARG D 82 6.69 -26.14 23.62
C ARG D 82 5.91 -26.41 22.32
N ASP D 83 4.57 -26.46 22.44
CA ASP D 83 3.69 -26.62 21.27
C ASP D 83 3.87 -25.49 20.24
N VAL D 84 3.91 -24.26 20.74
CA VAL D 84 4.05 -23.06 19.89
C VAL D 84 5.36 -23.11 19.08
N LEU D 85 6.47 -23.43 19.75
CA LEU D 85 7.74 -23.53 19.05
C LEU D 85 7.76 -24.62 17.99
N CYS D 86 7.15 -25.76 18.29
CA CYS D 86 7.12 -26.87 17.32
C CYS D 86 6.35 -26.49 16.06
N VAL D 87 5.29 -25.72 16.25
CA VAL D 87 4.48 -25.32 15.13
C VAL D 87 5.23 -24.31 14.31
N GLN D 88 5.88 -23.38 14.97
CA GLN D 88 6.72 -22.40 14.25
C GLN D 88 7.86 -23.03 13.45
N ILE D 89 8.50 -24.04 14.04
CA ILE D 89 9.55 -24.74 13.33
C ILE D 89 9.03 -25.45 12.08
N ALA D 90 7.90 -26.12 12.21
CA ALA D 90 7.28 -26.79 11.07
C ALA D 90 6.96 -25.76 9.99
N GLY D 91 6.41 -24.64 10.39
CA GLY D 91 6.11 -23.57 9.45
C GLY D 91 7.35 -23.07 8.70
N LEU D 92 8.42 -22.83 9.45
CA LEU D 92 9.71 -22.41 8.87
C LEU D 92 10.29 -23.39 7.88
N CYS D 93 10.15 -24.66 8.22
CA CYS D 93 10.86 -25.70 7.52
C CYS D 93 10.07 -26.45 6.46
N ARG D 94 8.78 -26.13 6.28
CA ARG D 94 7.99 -26.85 5.30
C ARG D 94 8.44 -26.60 3.84
N ASN D 95 9.21 -25.55 3.61
CA ASN D 95 9.75 -25.29 2.27
C ASN D 95 11.22 -25.75 2.06
N LEU D 96 11.80 -26.42 3.05
CA LEU D 96 13.20 -26.82 2.98
C LEU D 96 13.53 -27.72 1.80
N GLY D 97 12.57 -28.50 1.35
CA GLY D 97 12.81 -29.52 0.33
C GLY D 97 12.73 -29.06 -1.11
N HIS D 98 12.37 -27.80 -1.33
CA HIS D 98 12.29 -27.28 -2.67
C HIS D 98 13.67 -27.27 -3.36
N GLY D 99 13.65 -27.46 -4.67
CA GLY D 99 14.83 -27.53 -5.48
C GLY D 99 14.86 -26.36 -6.42
N PRO D 100 15.90 -26.30 -7.29
CA PRO D 100 16.08 -25.18 -8.22
C PRO D 100 14.70 -24.80 -8.86
N PHE D 101 14.36 -23.53 -8.82
CA PHE D 101 13.19 -22.97 -9.44
C PHE D 101 11.90 -23.54 -8.87
N SER D 102 11.95 -23.99 -7.63
CA SER D 102 10.74 -24.46 -6.93
C SER D 102 9.96 -25.53 -7.70
N HIS D 103 8.73 -25.23 -8.09
CA HIS D 103 7.82 -26.26 -8.59
C HIS D 103 8.30 -26.88 -9.90
N MET D 104 9.14 -26.16 -10.63
CA MET D 104 9.74 -26.71 -11.83
C MET D 104 10.44 -28.01 -11.54
N PHE D 105 11.14 -28.03 -10.41
CA PHE D 105 12.03 -29.14 -10.10
C PHE D 105 11.27 -30.42 -9.78
N ASP D 106 10.34 -30.31 -8.84
CA ASP D 106 9.44 -31.46 -8.52
C ASP D 106 8.32 -31.70 -9.56
N GLY D 107 7.82 -30.63 -10.17
CA GLY D 107 6.80 -30.73 -11.16
C GLY D 107 7.22 -31.16 -12.55
N ARG D 108 8.39 -30.77 -13.01
CA ARG D 108 8.82 -31.06 -14.39
C ARG D 108 10.08 -31.91 -14.47
N PHE D 109 11.15 -31.48 -13.80
CA PHE D 109 12.47 -32.09 -14.00
C PHE D 109 12.58 -33.52 -13.48
N ILE D 110 12.30 -33.71 -12.20
CA ILE D 110 12.48 -35.02 -11.58
C ILE D 110 11.58 -36.09 -12.23
N PRO D 111 10.29 -35.78 -12.48
CA PRO D 111 9.46 -36.76 -13.13
C PRO D 111 10.03 -37.26 -14.45
N LEU D 112 10.66 -36.37 -15.21
CA LEU D 112 11.27 -36.76 -16.47
C LEU D 112 12.63 -37.40 -16.30
N ALA D 113 13.43 -36.87 -15.39
CA ALA D 113 14.77 -37.42 -15.16
C ALA D 113 14.74 -38.77 -14.47
N ARG D 114 13.83 -38.92 -13.50
CA ARG D 114 13.72 -40.14 -12.71
C ARG D 114 12.27 -40.56 -12.55
N PRO D 115 11.71 -41.08 -13.65
CA PRO D 115 10.30 -41.50 -13.71
C PRO D 115 9.91 -42.60 -12.72
N GLU D 116 10.81 -43.54 -12.47
CA GLU D 116 10.50 -44.65 -11.56
C GLU D 116 10.27 -44.14 -10.13
N VAL D 117 11.04 -43.14 -9.73
CA VAL D 117 10.98 -42.60 -8.39
C VAL D 117 9.76 -41.74 -8.28
N LYS D 118 9.14 -41.74 -7.11
CA LYS D 118 8.15 -40.72 -6.80
C LYS D 118 8.73 -39.82 -5.73
N TRP D 119 8.86 -38.53 -6.03
CA TRP D 119 9.51 -37.59 -5.11
C TRP D 119 8.74 -36.29 -5.03
N THR D 120 8.74 -35.65 -3.87
CA THR D 120 7.98 -34.42 -3.67
C THR D 120 8.78 -33.52 -2.80
N HIS D 121 8.59 -32.21 -2.95
CA HIS D 121 9.27 -31.28 -2.10
C HIS D 121 8.97 -31.53 -0.61
N GLU D 122 7.77 -31.97 -0.30
CA GLU D 122 7.42 -32.26 1.09
C GLU D 122 8.35 -33.33 1.69
N GLN D 123 8.62 -34.38 0.92
CA GLN D 123 9.50 -35.43 1.39
C GLN D 123 10.86 -34.87 1.58
N GLY D 124 11.26 -34.04 0.62
CA GLY D 124 12.55 -33.39 0.70
C GLY D 124 12.68 -32.53 1.94
N SER D 125 11.59 -31.84 2.31
CA SER D 125 11.60 -30.97 3.47
C SER D 125 11.90 -31.76 4.75
N VAL D 126 11.30 -32.92 4.87
CA VAL D 126 11.54 -33.79 6.02
C VAL D 126 12.98 -34.30 6.06
N MET D 127 13.49 -34.74 4.93
CA MET D 127 14.84 -35.24 4.88
C MET D 127 15.84 -34.12 5.16
N MET D 128 15.60 -32.94 4.57
CA MET D 128 16.46 -31.81 4.80
C MET D 128 16.45 -31.41 6.24
N PHE D 129 15.28 -31.41 6.83
CA PHE D 129 15.14 -31.05 8.22
C PHE D 129 15.99 -31.97 9.11
N GLU D 130 15.97 -33.27 8.82
CA GLU D 130 16.74 -34.26 9.57
C GLU D 130 18.21 -33.95 9.43
N HIS D 131 18.61 -33.68 8.20
CA HIS D 131 20.00 -33.36 7.94
C HIS D 131 20.40 -32.07 8.64
N LEU D 132 19.53 -31.08 8.63
CA LEU D 132 19.79 -29.81 9.30
C LEU D 132 20.01 -30.02 10.79
N ILE D 133 19.13 -30.77 11.42
CA ILE D 133 19.21 -31.02 12.85
C ILE D 133 20.52 -31.73 13.20
N ASN D 134 20.82 -32.78 12.46
CA ASN D 134 21.98 -33.60 12.76
C ASN D 134 23.31 -32.93 12.44
N SER D 135 23.37 -32.22 11.32
CA SER D 135 24.58 -31.53 10.91
C SER D 135 24.96 -30.38 11.82
N ASN D 136 24.00 -29.79 12.53
CA ASN D 136 24.26 -28.56 13.26
C ASN D 136 24.03 -28.66 14.77
N GLY D 137 23.93 -29.88 15.29
CA GLY D 137 23.81 -30.10 16.73
C GLY D 137 22.61 -29.40 17.37
N ILE D 138 21.47 -29.44 16.69
CA ILE D 138 20.29 -28.71 17.16
C ILE D 138 19.62 -29.38 18.36
N LYS D 139 19.64 -30.71 18.43
CA LYS D 139 18.88 -31.42 19.48
C LYS D 139 19.21 -30.93 20.89
N PRO D 140 20.51 -30.75 21.22
CA PRO D 140 20.89 -30.16 22.51
C PRO D 140 20.26 -28.80 22.74
N VAL D 141 20.22 -27.99 21.69
CA VAL D 141 19.64 -26.66 21.80
C VAL D 141 18.11 -26.76 22.01
N MET D 142 17.47 -27.72 21.35
CA MET D 142 16.04 -27.97 21.58
C MET D 142 15.75 -28.29 23.03
N GLU D 143 16.58 -29.14 23.60
CA GLU D 143 16.38 -29.57 24.96
C GLU D 143 16.59 -28.40 25.90
N GLN D 144 17.58 -27.57 25.59
CA GLN D 144 17.83 -26.36 26.36
C GLN D 144 16.59 -25.47 26.47
N TYR D 145 15.76 -25.44 25.43
CA TYR D 145 14.55 -24.63 25.47
C TYR D 145 13.29 -25.43 25.79
N GLY D 146 13.47 -26.64 26.31
CA GLY D 146 12.37 -27.43 26.85
C GLY D 146 11.66 -28.36 25.89
N LEU D 147 12.18 -28.50 24.70
CA LEU D 147 11.59 -29.44 23.77
C LEU D 147 12.12 -30.83 24.06
N ILE D 148 11.34 -31.83 23.65
CA ILE D 148 11.72 -33.23 23.79
C ILE D 148 11.91 -33.79 22.40
N PRO D 149 13.16 -33.84 21.94
CA PRO D 149 13.45 -34.18 20.55
C PRO D 149 12.72 -35.40 19.96
N GLU D 150 12.63 -36.49 20.70
CA GLU D 150 12.03 -37.69 20.12
C GLU D 150 10.61 -37.40 19.67
N GLU D 151 9.80 -36.90 20.59
CA GLU D 151 8.40 -36.60 20.32
C GLU D 151 8.25 -35.43 19.36
N ASP D 152 9.05 -34.41 19.59
CA ASP D 152 8.83 -33.14 18.91
C ASP D 152 9.35 -33.13 17.49
N ILE D 153 10.44 -33.85 17.23
CA ILE D 153 10.93 -33.97 15.87
C ILE D 153 9.93 -34.78 15.07
N CYS D 154 9.39 -35.82 15.67
CA CYS D 154 8.30 -36.57 15.03
C CYS D 154 7.10 -35.67 14.69
N PHE D 155 6.68 -34.88 15.67
CA PHE D 155 5.58 -33.94 15.53
C PHE D 155 5.80 -32.98 14.37
N ILE D 156 6.99 -32.41 14.30
CA ILE D 156 7.33 -31.44 13.27
C ILE D 156 7.29 -32.08 11.89
N LYS D 157 7.86 -33.26 11.75
CA LYS D 157 7.84 -33.95 10.47
C LYS D 157 6.42 -34.32 10.05
N GLU D 158 5.60 -34.72 11.02
CA GLU D 158 4.22 -35.06 10.74
C GLU D 158 3.43 -33.86 10.25
N GLN D 159 3.71 -32.69 10.81
CA GLN D 159 3.03 -31.47 10.37
C GLN D 159 3.32 -31.16 8.91
N ILE D 160 4.54 -31.49 8.46
CA ILE D 160 4.99 -31.17 7.11
C ILE D 160 4.51 -32.17 6.10
N VAL D 161 4.57 -33.46 6.45
CA VAL D 161 4.34 -34.50 5.46
C VAL D 161 3.13 -35.43 5.78
N GLY D 162 2.49 -35.21 6.92
CA GLY D 162 1.43 -36.09 7.37
C GLY D 162 1.98 -37.28 8.11
N PRO D 163 1.12 -38.28 8.39
CA PRO D 163 1.58 -39.46 9.14
C PRO D 163 2.76 -40.12 8.45
N LEU D 164 3.72 -40.57 9.26
CA LEU D 164 4.88 -41.26 8.73
C LEU D 164 4.49 -42.73 8.42
N GLU D 165 3.50 -43.30 9.11
CA GLU D 165 2.81 -44.49 8.53
C GLU D 165 2.29 -44.11 7.14
N LEU D 172 -8.47 -44.82 13.43
CA LEU D 172 -7.40 -44.74 14.44
C LEU D 172 -6.63 -43.42 14.33
N TRP D 173 -6.21 -42.88 15.47
CA TRP D 173 -5.41 -41.64 15.46
C TRP D 173 -4.03 -42.05 14.91
N PRO D 174 -3.63 -41.55 13.73
CA PRO D 174 -2.41 -42.01 13.06
C PRO D 174 -1.13 -41.23 13.43
N TYR D 175 -1.25 -40.24 14.32
CA TYR D 175 -0.13 -39.38 14.64
C TYR D 175 0.50 -39.80 15.95
N LYS D 176 1.83 -39.71 16.00
CA LYS D 176 2.60 -40.05 17.18
C LYS D 176 3.17 -38.83 17.88
N GLY D 177 3.32 -37.72 17.17
CA GLY D 177 3.95 -36.55 17.74
C GLY D 177 3.12 -35.87 18.80
N ARG D 178 1.79 -35.92 18.63
CA ARG D 178 0.87 -35.37 19.61
C ARG D 178 -0.37 -36.23 19.64
N PRO D 179 -1.09 -36.22 20.77
CA PRO D 179 -2.35 -36.99 20.89
C PRO D 179 -3.59 -36.28 20.33
N GLU D 180 -4.72 -37.00 20.31
CA GLU D 180 -5.97 -36.54 19.71
C GLU D 180 -6.47 -35.21 20.23
N ASN D 181 -6.26 -34.96 21.52
CA ASN D 181 -6.68 -33.71 22.14
C ASN D 181 -5.97 -32.49 21.53
N LYS D 182 -4.78 -32.70 20.97
CA LYS D 182 -4.05 -31.63 20.30
C LYS D 182 -4.19 -31.71 18.77
N SER D 183 -5.22 -32.39 18.27
CA SER D 183 -5.35 -32.63 16.81
C SER D 183 -5.39 -31.36 15.98
N PHE D 184 -6.00 -30.32 16.53
CA PHE D 184 -6.10 -29.01 15.86
C PHE D 184 -4.73 -28.45 15.44
N LEU D 185 -3.67 -28.80 16.17
CA LEU D 185 -2.33 -28.31 15.83
C LEU D 185 -1.88 -28.76 14.45
N TYR D 186 -2.37 -29.92 13.99
CA TYR D 186 -2.01 -30.43 12.68
C TYR D 186 -2.72 -29.74 11.53
N GLU D 187 -3.58 -28.79 11.82
CA GLU D 187 -4.31 -28.06 10.79
C GLU D 187 -3.69 -26.73 10.46
N ILE D 188 -2.59 -26.37 11.10
CA ILE D 188 -2.04 -25.01 10.97
C ILE D 188 -1.08 -24.85 9.80
N VAL D 189 -0.06 -25.69 9.74
CA VAL D 189 1.07 -25.45 8.80
C VAL D 189 0.76 -26.03 7.43
N SER D 190 0.24 -27.25 7.44
CA SER D 190 -0.10 -27.93 6.23
C SER D 190 -1.36 -28.75 6.44
N ASN D 191 -2.46 -28.18 5.98
CA ASN D 191 -3.78 -28.71 6.30
C ASN D 191 -4.23 -29.74 5.28
N LYS D 192 -4.11 -31.01 5.61
CA LYS D 192 -4.43 -32.08 4.67
C LYS D 192 -5.97 -32.26 4.47
N ARG D 193 -6.76 -31.80 5.43
CA ARG D 193 -8.21 -31.95 5.40
C ARG D 193 -8.89 -31.06 4.35
N ASN D 194 -8.48 -29.79 4.26
CA ASN D 194 -9.11 -28.86 3.32
C ASN D 194 -8.15 -27.81 2.70
N GLY D 195 -6.87 -27.88 3.02
CA GLY D 195 -5.85 -26.97 2.44
C GLY D 195 -5.84 -25.55 2.99
N ILE D 196 -6.62 -25.27 4.02
CA ILE D 196 -6.64 -23.92 4.58
C ILE D 196 -5.57 -23.87 5.65
N ASP D 197 -4.44 -23.26 5.30
CA ASP D 197 -3.28 -23.18 6.20
C ASP D 197 -2.50 -21.92 5.98
N VAL D 198 -1.55 -21.69 6.87
CA VAL D 198 -0.78 -20.45 6.89
C VAL D 198 0.20 -20.31 5.72
N ASP D 199 0.54 -21.41 5.05
CA ASP D 199 1.44 -21.33 3.90
C ASP D 199 0.81 -20.48 2.81
N LYS D 200 -0.46 -20.77 2.53
CA LYS D 200 -1.25 -20.01 1.56
C LYS D 200 -1.37 -18.56 1.96
N TRP D 201 -1.62 -18.32 3.23
CA TRP D 201 -1.83 -16.97 3.69
C TRP D 201 -0.60 -16.09 3.45
N ASP D 202 0.60 -16.62 3.73
CA ASP D 202 1.76 -15.89 3.41
C ASP D 202 1.91 -15.71 1.91
N TYR D 203 1.81 -16.79 1.12
CA TYR D 203 2.17 -16.62 -0.30
C TYR D 203 1.21 -15.73 -1.07
N PHE D 204 -0.05 -15.72 -0.66
CA PHE D 204 -1.01 -14.78 -1.26
C PHE D 204 -0.55 -13.35 -1.11
N ALA D 205 -0.27 -12.97 0.12
CA ALA D 205 0.17 -11.61 0.40
C ALA D 205 1.56 -11.33 -0.22
N ARG D 206 2.48 -12.27 -0.07
CA ARG D 206 3.85 -12.03 -0.55
C ARG D 206 3.93 -11.96 -2.07
N ASP D 207 3.33 -12.94 -2.73
CA ASP D 207 3.40 -12.98 -4.19
C ASP D 207 2.71 -11.74 -4.76
N CYS D 208 1.60 -11.31 -4.16
CA CYS D 208 0.87 -10.15 -4.69
C CYS D 208 1.63 -8.89 -4.58
N HIS D 209 2.24 -8.71 -3.42
CA HIS D 209 3.20 -7.60 -3.20
C HIS D 209 4.28 -7.54 -4.28
N HIS D 210 4.86 -8.69 -4.61
CA HIS D 210 5.96 -8.74 -5.57
C HIS D 210 5.48 -8.76 -7.02
N LEU D 211 4.39 -9.43 -7.28
CA LEU D 211 3.87 -9.56 -8.64
C LEU D 211 3.30 -8.25 -9.15
N GLY D 212 2.70 -7.50 -8.25
CA GLY D 212 2.06 -6.24 -8.60
C GLY D 212 0.58 -6.45 -8.84
N ILE D 213 -0.02 -7.35 -8.06
CA ILE D 213 -1.42 -7.65 -8.16
C ILE D 213 -2.00 -7.35 -6.81
N GLN D 214 -3.05 -6.52 -6.81
CA GLN D 214 -3.83 -6.24 -5.61
C GLN D 214 -4.88 -7.32 -5.49
N ASN D 215 -4.48 -8.48 -4.98
CA ASN D 215 -5.41 -9.37 -4.36
C ASN D 215 -4.76 -10.04 -3.21
N ASN D 216 -5.47 -10.21 -2.12
CA ASN D 216 -5.07 -11.16 -1.13
C ASN D 216 -6.27 -11.52 -0.27
N PHE D 217 -5.97 -12.41 0.67
CA PHE D 217 -6.93 -12.94 1.61
C PHE D 217 -6.60 -12.38 3.00
N ASP D 218 -7.63 -11.91 3.69
CA ASP D 218 -7.42 -11.28 4.99
C ASP D 218 -7.30 -12.33 6.08
N TYR D 219 -6.10 -12.82 6.27
CA TYR D 219 -5.88 -13.88 7.23
C TYR D 219 -6.02 -13.33 8.64
N LYS D 220 -5.65 -12.07 8.84
CA LYS D 220 -5.75 -11.49 10.19
C LYS D 220 -7.16 -11.52 10.69
N ARG D 221 -8.11 -11.18 9.81
CA ARG D 221 -9.57 -11.27 10.16
C ARG D 221 -9.93 -12.67 10.51
N PHE D 222 -9.52 -13.59 9.66
CA PHE D 222 -9.85 -14.98 9.84
C PHE D 222 -9.35 -15.51 11.18
N ILE D 223 -8.11 -15.16 11.53
CA ILE D 223 -7.54 -15.61 12.80
C ILE D 223 -8.40 -15.14 13.96
N LYS D 224 -8.85 -13.91 13.92
CA LYS D 224 -9.65 -13.40 15.02
C LYS D 224 -10.91 -14.19 15.19
N PHE D 225 -11.48 -14.75 14.13
CA PHE D 225 -12.74 -15.51 14.28
C PHE D 225 -12.55 -17.01 14.28
N ALA D 226 -11.32 -17.47 14.40
CA ALA D 226 -11.09 -18.91 14.44
C ALA D 226 -11.26 -19.44 15.88
N ARG D 227 -11.75 -20.67 16.02
CA ARG D 227 -11.96 -21.32 17.32
C ARG D 227 -11.72 -22.80 17.20
N VAL D 228 -11.45 -23.47 18.31
CA VAL D 228 -11.38 -24.93 18.31
C VAL D 228 -12.65 -25.50 18.91
N CYS D 229 -13.26 -26.45 18.20
CA CYS D 229 -14.44 -27.17 18.67
C CYS D 229 -14.27 -28.65 18.43
N GLU D 230 -15.05 -29.46 19.16
CA GLU D 230 -15.07 -30.90 18.95
C GLU D 230 -15.90 -31.24 17.72
N VAL D 231 -15.31 -32.02 16.83
CA VAL D 231 -15.99 -32.50 15.64
C VAL D 231 -15.65 -33.98 15.56
N ASP D 232 -16.67 -34.82 15.49
CA ASP D 232 -16.48 -36.26 15.35
C ASP D 232 -15.44 -36.74 16.35
N ASN D 233 -15.56 -36.33 17.60
CA ASN D 233 -14.61 -36.74 18.62
C ASN D 233 -13.14 -36.33 18.33
N GLU D 234 -12.98 -35.23 17.61
CA GLU D 234 -11.67 -34.67 17.39
C GLU D 234 -11.77 -33.18 17.61
N LEU D 235 -10.70 -32.59 18.14
CA LEU D 235 -10.65 -31.14 18.30
C LEU D 235 -10.14 -30.51 17.04
N ARG D 236 -10.96 -29.70 16.39
CA ARG D 236 -10.61 -29.07 15.12
C ARG D 236 -10.83 -27.59 15.14
N ILE D 237 -10.09 -26.92 14.27
CA ILE D 237 -10.22 -25.49 14.12
C ILE D 237 -11.52 -25.26 13.35
N CYS D 238 -12.36 -24.37 13.87
CA CYS D 238 -13.58 -23.98 13.21
C CYS D 238 -13.60 -22.51 12.93
N ALA D 239 -14.25 -22.16 11.83
CA ALA D 239 -14.41 -20.77 11.42
C ALA D 239 -15.79 -20.32 11.77
N ARG D 240 -15.90 -19.04 12.05
CA ARG D 240 -17.19 -18.46 12.30
C ARG D 240 -18.04 -18.53 11.02
N ASP D 241 -19.32 -18.84 11.17
CA ASP D 241 -20.21 -18.99 10.01
C ASP D 241 -20.12 -17.88 8.96
N LYS D 242 -20.09 -16.63 9.43
CA LYS D 242 -20.04 -15.48 8.53
C LYS D 242 -18.78 -15.44 7.64
N GLU D 243 -17.74 -16.19 7.99
CA GLU D 243 -16.54 -16.21 7.18
C GLU D 243 -16.59 -17.13 5.97
N VAL D 244 -17.70 -17.81 5.77
CA VAL D 244 -17.80 -18.80 4.70
C VAL D 244 -17.58 -18.17 3.32
N GLY D 245 -18.16 -17.00 3.12
CA GLY D 245 -18.01 -16.28 1.86
C GLY D 245 -16.57 -15.92 1.60
N ASN D 246 -15.87 -15.51 2.66
CA ASN D 246 -14.44 -15.20 2.54
C ASN D 246 -13.61 -16.41 2.20
N LEU D 247 -13.99 -17.57 2.69
CA LEU D 247 -13.29 -18.79 2.33
C LEU D 247 -13.45 -19.16 0.87
N TYR D 248 -14.62 -18.99 0.36
CA TYR D 248 -14.84 -19.26 -1.06
C TYR D 248 -14.00 -18.30 -1.87
N ASP D 249 -14.01 -17.05 -1.44
CA ASP D 249 -13.21 -16.00 -2.06
C ASP D 249 -11.66 -16.33 -2.03
N MET D 250 -11.21 -16.90 -0.91
CA MET D 250 -9.87 -17.31 -0.76
C MET D 250 -9.47 -18.25 -1.89
N PHE D 251 -10.31 -19.24 -2.17
CA PHE D 251 -9.96 -20.21 -3.21
C PHE D 251 -10.11 -19.65 -4.60
N HIS D 252 -11.03 -18.70 -4.74
CA HIS D 252 -11.11 -17.97 -5.98
C HIS D 252 -9.83 -17.19 -6.23
N THR D 253 -9.32 -16.54 -5.20
CA THR D 253 -8.06 -15.81 -5.33
C THR D 253 -6.92 -16.72 -5.73
N ARG D 254 -6.80 -17.87 -5.06
CA ARG D 254 -5.81 -18.87 -5.44
C ARG D 254 -5.89 -19.24 -6.92
N ASN D 255 -7.08 -19.47 -7.41
CA ASN D 255 -7.26 -19.82 -8.80
C ASN D 255 -6.82 -18.68 -9.74
N SER D 256 -7.14 -17.45 -9.36
CA SER D 256 -6.78 -16.26 -10.13
C SER D 256 -5.27 -16.13 -10.26
N LEU D 257 -4.59 -16.36 -9.14
CA LEU D 257 -3.17 -16.28 -9.08
C LEU D 257 -2.51 -17.36 -9.93
N HIS D 258 -3.06 -18.57 -9.91
CA HIS D 258 -2.52 -19.60 -10.77
C HIS D 258 -2.73 -19.29 -12.25
N ARG D 259 -3.89 -18.81 -12.61
CA ARG D 259 -4.17 -18.47 -14.01
C ARG D 259 -3.26 -17.38 -14.51
N ARG D 260 -3.21 -16.28 -13.78
CA ARG D 260 -2.48 -15.12 -14.24
C ARG D 260 -0.95 -15.25 -14.08
N ALA D 261 -0.49 -15.93 -13.03
CA ALA D 261 0.93 -15.89 -12.70
C ALA D 261 1.56 -17.26 -12.67
N TYR D 262 1.12 -18.14 -11.78
CA TYR D 262 1.85 -19.38 -11.58
C TYR D 262 1.83 -20.31 -12.79
N GLN D 263 0.76 -20.22 -13.59
CA GLN D 263 0.65 -20.98 -14.83
C GLN D 263 0.70 -20.07 -16.04
N HIS D 264 1.32 -18.92 -15.92
CA HIS D 264 1.46 -18.05 -17.06
C HIS D 264 2.12 -18.81 -18.21
N LYS D 265 1.53 -18.68 -19.40
CA LYS D 265 1.94 -19.46 -20.57
C LYS D 265 3.42 -19.38 -20.85
N VAL D 266 3.98 -18.18 -20.70
CA VAL D 266 5.42 -17.95 -20.95
C VAL D 266 6.27 -18.37 -19.77
N GLY D 267 5.79 -18.16 -18.56
CA GLY D 267 6.52 -18.60 -17.37
C GLY D 267 6.72 -20.09 -17.42
N ASN D 268 5.69 -20.80 -17.82
CA ASN D 268 5.74 -22.24 -17.96
C ASN D 268 6.72 -22.68 -19.04
N ILE D 269 6.73 -22.00 -20.17
CA ILE D 269 7.55 -22.44 -21.25
C ILE D 269 9.03 -22.21 -20.91
N ILE D 270 9.28 -21.17 -20.12
CA ILE D 270 10.61 -20.91 -19.64
C ILE D 270 11.05 -22.00 -18.69
N ASP D 271 10.19 -22.36 -17.79
CA ASP D 271 10.48 -23.50 -16.91
C ASP D 271 10.75 -24.77 -17.73
N THR D 272 9.98 -24.95 -18.81
CA THR D 272 10.13 -26.11 -19.65
C THR D 272 11.47 -26.14 -20.32
N MET D 273 11.90 -24.98 -20.80
CA MET D 273 13.22 -24.87 -21.45
C MET D 273 14.34 -25.13 -20.45
N ILE D 274 14.18 -24.62 -19.25
CA ILE D 274 15.20 -24.78 -18.23
C ILE D 274 15.31 -26.25 -17.87
N THR D 275 14.18 -26.90 -17.74
CA THR D 275 14.15 -28.32 -17.49
C THR D 275 14.89 -29.10 -18.59
N ASP D 276 14.64 -28.73 -19.84
CA ASP D 276 15.25 -29.37 -20.99
C ASP D 276 16.76 -29.23 -20.93
N ALA D 277 17.22 -28.04 -20.57
CA ALA D 277 18.66 -27.77 -20.41
C ALA D 277 19.26 -28.61 -19.28
N PHE D 278 18.54 -28.73 -18.18
CA PHE D 278 19.00 -29.54 -17.05
C PHE D 278 19.17 -30.99 -17.46
N LEU D 279 18.20 -31.50 -18.21
CA LEU D 279 18.28 -32.87 -18.68
C LEU D 279 19.52 -33.09 -19.52
N LYS D 280 19.78 -32.13 -20.39
CA LYS D 280 20.97 -32.22 -21.25
C LYS D 280 22.32 -32.11 -20.49
N ALA D 281 22.31 -31.39 -19.37
CA ALA D 281 23.49 -31.22 -18.57
C ALA D 281 23.65 -32.32 -17.51
N ASP D 282 22.64 -33.17 -17.34
CA ASP D 282 22.58 -34.02 -16.14
C ASP D 282 23.79 -34.96 -16.03
N ASP D 283 24.25 -35.45 -17.17
CA ASP D 283 25.37 -36.37 -17.22
C ASP D 283 26.71 -35.72 -16.85
N TYR D 284 26.83 -34.42 -17.12
CA TYR D 284 28.11 -33.78 -17.02
C TYR D 284 28.31 -32.92 -15.79
N ILE D 285 27.26 -32.57 -15.07
CA ILE D 285 27.43 -31.82 -13.86
C ILE D 285 27.63 -32.81 -12.73
N GLU D 286 28.57 -32.52 -11.86
CA GLU D 286 28.74 -33.34 -10.65
C GLU D 286 28.64 -32.48 -9.40
N ILE D 287 27.92 -33.02 -8.42
CA ILE D 287 27.69 -32.36 -7.14
C ILE D 287 28.18 -33.29 -6.05
N THR D 288 29.07 -32.77 -5.22
CA THR D 288 29.73 -33.58 -4.21
C THR D 288 28.85 -33.65 -2.99
N GLY D 289 28.61 -34.87 -2.53
CA GLY D 289 27.83 -35.11 -1.34
C GLY D 289 28.65 -35.72 -0.22
N ALA D 290 27.98 -36.49 0.62
CA ALA D 290 28.60 -37.12 1.78
C ALA D 290 29.68 -38.10 1.34
N GLY D 291 30.83 -38.01 2.02
CA GLY D 291 31.97 -38.86 1.72
C GLY D 291 32.69 -38.49 0.43
N GLY D 292 32.50 -37.27 -0.07
CA GLY D 292 33.24 -36.76 -1.27
C GLY D 292 32.77 -37.22 -2.63
N LYS D 293 31.52 -37.57 -2.62
CA LYS D 293 31.02 -38.54 -3.45
C LYS D 293 30.19 -37.78 -4.44
N LYS D 294 30.12 -38.26 -5.65
CA LYS D 294 29.55 -37.40 -6.63
C LYS D 294 28.14 -37.79 -7.06
N TYR D 295 27.29 -36.80 -7.24
CA TYR D 295 25.92 -37.01 -7.64
C TYR D 295 25.60 -36.12 -8.82
N ARG D 296 24.46 -36.41 -9.45
CA ARG D 296 23.98 -35.64 -10.57
C ARG D 296 22.76 -34.82 -10.14
N ILE D 297 22.45 -33.79 -10.90
CA ILE D 297 21.30 -32.96 -10.60
C ILE D 297 20.14 -33.86 -10.19
N SER D 298 19.95 -34.93 -10.96
CA SER D 298 18.82 -35.85 -10.75
C SER D 298 18.98 -36.81 -9.56
N THR D 299 20.21 -36.99 -9.06
CA THR D 299 20.42 -37.89 -7.93
C THR D 299 20.79 -37.20 -6.62
N ALA D 300 20.96 -35.88 -6.66
CA ALA D 300 21.29 -35.12 -5.44
C ALA D 300 20.23 -35.24 -4.39
N ILE D 301 19.01 -35.50 -4.84
CA ILE D 301 17.88 -35.80 -3.98
C ILE D 301 18.12 -37.00 -3.04
N ASP D 302 19.05 -37.87 -3.42
CA ASP D 302 19.36 -39.02 -2.61
C ASP D 302 20.27 -38.68 -1.44
N ASP D 303 21.10 -37.63 -1.57
CA ASP D 303 22.00 -37.24 -0.49
C ASP D 303 21.81 -35.77 -0.11
N MET D 304 21.42 -35.52 1.14
CA MET D 304 21.06 -34.16 1.59
C MET D 304 22.25 -33.22 1.59
N GLU D 305 23.43 -33.74 1.87
CA GLU D 305 24.64 -32.93 1.77
C GLU D 305 24.83 -32.39 0.34
N ALA D 306 24.58 -33.21 -0.67
CA ALA D 306 24.61 -32.77 -2.05
C ALA D 306 23.43 -31.85 -2.37
N TYR D 307 22.25 -32.20 -1.88
CA TYR D 307 21.06 -31.43 -2.16
C TYR D 307 21.15 -30.02 -1.57
N THR D 308 21.85 -29.91 -0.45
CA THR D 308 22.16 -28.62 0.14
C THR D 308 22.82 -27.68 -0.83
N LYS D 309 23.62 -28.24 -1.75
CA LYS D 309 24.35 -27.42 -2.73
C LYS D 309 23.64 -27.28 -4.06
N LEU D 310 22.37 -27.66 -4.09
CA LEU D 310 21.60 -27.65 -5.34
C LEU D 310 20.55 -26.55 -5.34
N THR D 311 20.84 -25.46 -6.07
CA THR D 311 20.02 -24.27 -6.09
C THR D 311 19.96 -23.68 -7.50
N ASP D 312 19.42 -22.47 -7.62
CA ASP D 312 19.26 -21.82 -8.92
C ASP D 312 20.61 -21.55 -9.54
N ASN D 313 21.66 -21.53 -8.72
CA ASN D 313 23.03 -21.49 -9.18
C ASN D 313 23.34 -22.39 -10.36
N ILE D 314 22.77 -23.60 -10.39
CA ILE D 314 23.07 -24.54 -11.46
C ILE D 314 22.73 -23.98 -12.82
N PHE D 315 21.68 -23.18 -12.86
CA PHE D 315 21.31 -22.47 -14.07
C PHE D 315 22.50 -21.69 -14.59
N LEU D 316 23.13 -20.94 -13.70
CA LEU D 316 24.27 -20.09 -14.12
C LEU D 316 25.52 -20.89 -14.37
N GLU D 317 25.73 -21.95 -13.59
CA GLU D 317 26.84 -22.86 -13.84
C GLU D 317 26.82 -23.35 -15.29
N ILE D 318 25.67 -23.77 -15.75
CA ILE D 318 25.49 -24.21 -17.13
C ILE D 318 25.71 -23.04 -18.09
N LEU D 319 25.08 -21.89 -17.81
CA LEU D 319 25.12 -20.78 -18.72
C LEU D 319 26.52 -20.30 -18.94
N TYR D 320 27.30 -20.28 -17.86
CA TYR D 320 28.65 -19.77 -17.92
C TYR D 320 29.67 -20.83 -18.28
N SER D 321 29.25 -22.07 -18.43
CA SER D 321 30.19 -23.16 -18.73
C SER D 321 30.86 -22.96 -20.08
N THR D 322 32.07 -23.53 -20.21
CA THR D 322 32.76 -23.57 -21.50
C THR D 322 32.99 -25.00 -21.99
N ASP D 323 32.78 -26.01 -21.14
CA ASP D 323 32.93 -27.37 -21.59
C ASP D 323 31.98 -27.69 -22.75
N PRO D 324 32.53 -28.25 -23.84
CA PRO D 324 31.74 -28.63 -25.01
C PRO D 324 30.66 -29.67 -24.76
N LYS D 325 30.82 -30.53 -23.75
CA LYS D 325 29.75 -31.47 -23.39
C LYS D 325 28.49 -30.75 -22.95
N LEU D 326 28.65 -29.55 -22.40
CA LEU D 326 27.52 -28.74 -21.94
C LEU D 326 26.99 -27.77 -22.99
N LYS D 327 27.48 -27.89 -24.21
CA LYS D 327 27.10 -26.98 -25.28
C LYS D 327 25.62 -26.95 -25.52
N ASP D 328 24.99 -28.13 -25.59
CA ASP D 328 23.55 -28.22 -25.92
C ASP D 328 22.70 -27.62 -24.84
N ALA D 329 23.06 -27.91 -23.61
CA ALA D 329 22.37 -27.35 -22.48
C ALA D 329 22.53 -25.82 -22.45
N ARG D 330 23.78 -25.38 -22.58
CA ARG D 330 24.14 -23.98 -22.56
C ARG D 330 23.42 -23.21 -23.65
N GLU D 331 23.30 -23.83 -24.83
CA GLU D 331 22.61 -23.18 -25.96
C GLU D 331 21.16 -22.90 -25.68
N ILE D 332 20.51 -23.79 -24.97
CA ILE D 332 19.10 -23.60 -24.65
C ILE D 332 18.96 -22.39 -23.73
N LEU D 333 19.81 -22.32 -22.70
CA LEU D 333 19.77 -21.18 -21.77
C LEU D 333 20.09 -19.87 -22.47
N LYS D 334 20.99 -19.93 -23.44
CA LYS D 334 21.30 -18.74 -24.20
C LYS D 334 20.07 -18.27 -24.96
N GLN D 335 19.28 -19.21 -25.47
CA GLN D 335 18.09 -18.84 -26.22
C GLN D 335 17.10 -18.14 -25.32
N ILE D 336 17.05 -18.57 -24.07
CA ILE D 336 16.25 -17.86 -23.11
C ILE D 336 16.67 -16.40 -22.98
N GLU D 337 17.97 -16.14 -22.85
CA GLU D 337 18.47 -14.76 -22.72
C GLU D 337 18.14 -13.88 -23.91
N TYR D 338 18.17 -14.47 -25.10
CA TYR D 338 17.83 -13.75 -26.30
C TYR D 338 16.33 -13.70 -26.51
N ARG D 339 15.58 -14.36 -25.62
CA ARG D 339 14.12 -14.37 -25.69
C ARG D 339 13.70 -15.08 -26.95
N ASN D 340 14.50 -16.03 -27.40
CA ASN D 340 14.11 -16.87 -28.50
C ASN D 340 13.49 -18.15 -27.89
N LEU D 341 12.27 -17.99 -27.41
CA LEU D 341 11.57 -19.06 -26.70
C LEU D 341 10.79 -19.91 -27.68
N PHE D 342 10.44 -21.12 -27.26
CA PHE D 342 9.44 -21.93 -27.99
C PHE D 342 8.17 -21.12 -28.04
N LYS D 343 7.46 -21.18 -29.16
CA LYS D 343 6.31 -20.28 -29.36
C LYS D 343 4.99 -20.88 -28.92
N TYR D 344 4.23 -20.07 -28.19
CA TYR D 344 2.88 -20.42 -27.77
C TYR D 344 1.99 -20.48 -28.98
N VAL D 345 1.33 -21.62 -29.17
CA VAL D 345 0.40 -21.76 -30.28
C VAL D 345 -1.03 -21.46 -29.83
N GLY D 346 -1.43 -22.04 -28.70
CA GLY D 346 -2.75 -21.78 -28.18
C GLY D 346 -3.10 -22.62 -26.96
N GLU D 347 -4.33 -22.43 -26.48
CA GLU D 347 -4.86 -23.12 -25.31
C GLU D 347 -6.26 -23.62 -25.60
N THR D 348 -6.60 -24.81 -25.10
CA THR D 348 -7.95 -25.36 -25.22
C THR D 348 -8.25 -26.17 -23.97
N GLN D 349 -9.49 -26.67 -23.85
CA GLN D 349 -9.91 -27.53 -22.74
C GLN D 349 -10.72 -28.73 -23.21
N PRO D 350 -10.62 -29.86 -22.48
CA PRO D 350 -11.53 -30.98 -22.72
C PRO D 350 -13.00 -30.64 -22.48
N THR D 351 -13.89 -31.22 -23.28
CA THR D 351 -15.32 -30.94 -23.19
C THR D 351 -15.97 -31.99 -22.35
N GLY D 352 -16.94 -31.55 -21.55
CA GLY D 352 -17.73 -32.44 -20.74
C GLY D 352 -16.85 -33.06 -19.68
N GLN D 353 -16.96 -34.39 -19.54
CA GLN D 353 -16.32 -35.12 -18.46
C GLN D 353 -15.11 -35.91 -18.92
N ILE D 354 -14.47 -35.47 -20.01
CA ILE D 354 -13.33 -36.13 -20.58
C ILE D 354 -12.22 -35.63 -19.70
N LYS D 355 -11.31 -36.51 -19.29
CA LYS D 355 -10.12 -36.10 -18.52
C LYS D 355 -8.87 -36.72 -19.14
N ILE D 356 -7.73 -36.05 -19.01
CA ILE D 356 -6.49 -36.59 -19.58
C ILE D 356 -5.55 -37.14 -18.52
N LYS D 357 -5.17 -38.40 -18.72
CA LYS D 357 -4.38 -39.14 -17.76
C LYS D 357 -2.91 -38.81 -17.97
N ARG D 358 -2.14 -38.93 -16.91
CA ARG D 358 -0.72 -38.62 -16.95
C ARG D 358 0.05 -39.50 -17.92
N GLU D 359 -0.34 -40.77 -18.00
CA GLU D 359 0.28 -41.70 -18.95
C GLU D 359 0.05 -41.28 -20.41
N ASP D 360 -1.08 -40.63 -20.66
CA ASP D 360 -1.40 -40.16 -22.02
C ASP D 360 -0.55 -38.96 -22.49
N TYR D 361 0.11 -38.28 -21.57
CA TYR D 361 0.77 -37.02 -21.90
C TYR D 361 1.80 -37.19 -23.01
N GLU D 362 2.55 -38.29 -23.00
CA GLU D 362 3.61 -38.44 -24.01
C GLU D 362 3.07 -38.59 -25.41
N SER D 363 1.89 -39.18 -25.55
CA SER D 363 1.28 -39.37 -26.87
C SER D 363 0.74 -38.09 -27.52
N LEU D 364 0.50 -37.05 -26.73
CA LEU D 364 -0.21 -35.85 -27.21
C LEU D 364 0.47 -35.06 -28.32
N PRO D 365 1.80 -34.86 -28.23
CA PRO D 365 2.48 -34.22 -29.38
C PRO D 365 2.34 -34.98 -30.70
N LYS D 366 2.42 -36.31 -30.62
CA LYS D 366 2.14 -37.16 -31.76
C LYS D 366 0.74 -36.90 -32.32
N GLU D 367 -0.27 -36.82 -31.46
CA GLU D 367 -1.65 -36.60 -31.92
C GLU D 367 -1.85 -35.27 -32.66
N VAL D 368 -1.22 -34.22 -32.15
CA VAL D 368 -1.29 -32.94 -32.82
C VAL D 368 -0.60 -33.00 -34.22
N ALA D 369 0.56 -33.64 -34.31
CA ALA D 369 1.26 -33.78 -35.60
C ALA D 369 0.47 -34.63 -36.60
N SER D 370 -0.35 -35.55 -36.08
CA SER D 370 -1.23 -36.41 -36.90
C SER D 370 -2.50 -35.75 -37.49
N ALA D 371 -2.84 -34.55 -37.04
CA ALA D 371 -4.12 -33.90 -37.40
C ALA D 371 -4.68 -33.69 -38.82
N LYS D 372 -3.88 -33.35 -39.81
CA LYS D 372 -4.39 -33.25 -41.21
C LYS D 372 -5.44 -32.12 -41.44
N PRO D 373 -5.03 -30.87 -41.19
CA PRO D 373 -5.84 -29.71 -41.53
C PRO D 373 -5.94 -29.55 -43.03
N LYS D 374 -7.12 -29.18 -43.52
CA LYS D 374 -7.36 -29.12 -44.97
C LYS D 374 -6.95 -27.73 -45.44
N VAL D 375 -5.66 -27.42 -45.35
CA VAL D 375 -5.12 -26.14 -45.78
C VAL D 375 -3.75 -26.37 -46.40
N LEU D 376 -3.39 -25.57 -47.39
CA LEU D 376 -2.09 -25.71 -48.02
C LEU D 376 -0.97 -25.19 -47.11
N LEU D 377 0.04 -26.03 -46.88
CA LEU D 377 1.16 -25.69 -46.02
C LEU D 377 2.50 -25.83 -46.74
N ASP D 378 3.33 -24.81 -46.61
CA ASP D 378 4.71 -24.82 -47.10
C ASP D 378 5.56 -25.84 -46.35
N VAL D 379 5.37 -25.92 -45.03
CA VAL D 379 6.21 -26.78 -44.18
C VAL D 379 5.35 -27.82 -43.47
N LYS D 380 5.94 -28.97 -43.16
CA LYS D 380 5.24 -30.05 -42.47
C LYS D 380 5.94 -30.30 -41.15
N LEU D 381 5.18 -30.33 -40.06
CA LEU D 381 5.74 -30.44 -38.72
C LEU D 381 5.61 -31.84 -38.15
N LYS D 382 6.50 -32.16 -37.22
CA LYS D 382 6.59 -33.49 -36.62
C LYS D 382 6.34 -33.46 -35.13
N ALA D 383 6.08 -34.62 -34.53
CA ALA D 383 5.78 -34.70 -33.11
C ALA D 383 6.78 -33.97 -32.25
N GLU D 384 8.06 -34.17 -32.55
CA GLU D 384 9.16 -33.58 -31.81
C GLU D 384 9.16 -32.04 -31.83
N ASP D 385 8.47 -31.44 -32.80
CA ASP D 385 8.35 -29.99 -32.92
C ASP D 385 7.30 -29.41 -31.98
N PHE D 386 6.48 -30.26 -31.37
CA PHE D 386 5.41 -29.79 -30.48
C PHE D 386 5.70 -30.06 -29.02
N ILE D 387 5.23 -29.15 -28.17
CA ILE D 387 5.16 -29.34 -26.73
C ILE D 387 3.70 -29.20 -26.31
N VAL D 388 3.21 -30.15 -25.52
CA VAL D 388 1.85 -30.10 -25.00
C VAL D 388 1.90 -30.10 -23.47
N ASP D 389 1.34 -29.07 -22.85
CA ASP D 389 1.46 -28.87 -21.41
C ASP D 389 0.07 -28.99 -20.88
N VAL D 390 -0.18 -29.96 -19.99
CA VAL D 390 -1.53 -30.20 -19.43
C VAL D 390 -1.54 -29.72 -18.00
N ILE D 391 -2.46 -28.82 -17.67
CA ILE D 391 -2.48 -28.21 -16.35
C ILE D 391 -3.77 -28.53 -15.69
N ASN D 392 -3.68 -29.14 -14.52
CA ASN D 392 -4.84 -29.41 -13.69
C ASN D 392 -5.10 -28.22 -12.78
N MET D 393 -6.20 -27.53 -13.03
CA MET D 393 -6.65 -26.44 -12.17
C MET D 393 -7.79 -26.92 -11.26
N ASP D 394 -7.64 -26.80 -9.94
CA ASP D 394 -8.69 -27.13 -8.99
C ASP D 394 -8.67 -26.28 -7.72
N TYR D 395 -9.59 -26.52 -6.77
CA TYR D 395 -9.60 -25.84 -5.47
C TYR D 395 -8.80 -26.60 -4.36
N GLY D 396 -7.80 -27.37 -4.80
CA GLY D 396 -6.95 -28.13 -3.89
C GLY D 396 -7.39 -29.53 -3.50
N MET D 397 -8.56 -29.94 -3.96
CA MET D 397 -9.15 -31.22 -3.54
C MET D 397 -9.73 -31.96 -4.71
N GLN D 398 -9.02 -31.95 -5.84
CA GLN D 398 -9.50 -32.52 -7.09
C GLN D 398 -10.91 -32.02 -7.36
N GLU D 399 -11.88 -32.95 -7.51
CA GLU D 399 -13.26 -32.62 -7.85
C GLU D 399 -14.02 -32.01 -6.68
N LYS D 400 -13.56 -32.26 -5.47
CA LYS D 400 -14.27 -31.86 -4.27
C LYS D 400 -14.19 -30.36 -3.96
N ASN D 401 -15.20 -29.92 -3.22
CA ASN D 401 -15.30 -28.57 -2.71
C ASN D 401 -14.71 -28.56 -1.29
N PRO D 402 -13.59 -27.82 -1.09
CA PRO D 402 -12.93 -27.85 0.21
C PRO D 402 -13.82 -27.33 1.33
N ILE D 403 -14.77 -26.46 0.99
CA ILE D 403 -15.60 -25.84 2.01
C ILE D 403 -16.57 -26.86 2.63
N ASP D 404 -16.86 -27.94 1.90
CA ASP D 404 -17.59 -29.05 2.48
C ASP D 404 -16.79 -29.76 3.58
N HIS D 405 -15.49 -29.52 3.63
CA HIS D 405 -14.63 -30.08 4.66
C HIS D 405 -14.09 -29.06 5.66
N VAL D 406 -14.84 -27.97 5.81
CA VAL D 406 -14.63 -26.98 6.85
C VAL D 406 -15.79 -27.03 7.88
N SER D 407 -15.43 -26.83 9.14
CA SER D 407 -16.31 -26.77 10.24
C SER D 407 -16.52 -25.33 10.67
N PHE D 408 -17.76 -24.95 10.93
CA PHE D 408 -18.09 -23.60 11.36
C PHE D 408 -18.74 -23.58 12.71
N TYR D 409 -18.85 -22.40 13.29
CA TYR D 409 -19.61 -22.20 14.51
C TYR D 409 -20.36 -20.89 14.40
N CYS D 410 -21.37 -20.73 15.22
CA CYS D 410 -22.20 -19.54 15.20
C CYS D 410 -22.08 -18.77 16.50
N LYS D 411 -22.44 -17.50 16.43
CA LYS D 411 -22.36 -16.55 17.54
C LYS D 411 -23.13 -17.04 18.76
N THR D 412 -24.31 -17.58 18.53
CA THR D 412 -25.17 -18.04 19.62
C THR D 412 -24.75 -19.35 20.28
N ALA D 413 -23.88 -20.15 19.65
CA ALA D 413 -23.37 -21.38 20.27
C ALA D 413 -21.94 -21.68 19.83
N PRO D 414 -20.96 -20.94 20.39
CA PRO D 414 -19.56 -21.01 19.96
C PRO D 414 -18.90 -22.37 20.08
N ASN D 415 -19.42 -23.25 20.94
CA ASN D 415 -18.86 -24.58 21.10
C ASN D 415 -19.47 -25.65 20.23
N ARG D 416 -20.49 -25.28 19.48
CA ARG D 416 -21.17 -26.23 18.63
C ARG D 416 -20.77 -26.09 17.15
N ALA D 417 -20.03 -27.09 16.68
CA ALA D 417 -19.58 -27.11 15.29
C ALA D 417 -20.70 -27.42 14.33
N ILE D 418 -20.70 -26.81 13.15
CA ILE D 418 -21.67 -27.07 12.09
C ILE D 418 -21.05 -27.16 10.72
N ARG D 419 -21.84 -27.60 9.76
CA ARG D 419 -21.48 -27.64 8.36
C ARG D 419 -22.33 -26.64 7.63
N ILE D 420 -21.85 -26.12 6.52
CA ILE D 420 -22.59 -25.19 5.69
C ILE D 420 -22.37 -25.63 4.25
N THR D 421 -23.47 -25.86 3.55
CA THR D 421 -23.46 -26.34 2.19
C THR D 421 -23.39 -25.14 1.25
N LYS D 422 -22.93 -25.41 0.02
CA LYS D 422 -22.80 -24.38 -1.01
C LYS D 422 -24.14 -23.68 -1.26
N ASN D 423 -25.21 -24.46 -1.26
CA ASN D 423 -26.58 -23.93 -1.50
C ASN D 423 -27.11 -22.96 -0.45
N GLN D 424 -26.71 -23.18 0.79
CA GLN D 424 -26.93 -22.21 1.84
C GLN D 424 -26.16 -20.88 1.64
N VAL D 425 -25.03 -20.85 0.89
CA VAL D 425 -24.28 -19.65 0.69
C VAL D 425 -24.73 -18.84 -0.55
N SER D 426 -24.69 -19.42 -1.74
CA SER D 426 -24.93 -18.65 -2.98
C SER D 426 -24.98 -19.51 -4.23
N GLN D 427 -25.74 -19.05 -5.21
CA GLN D 427 -25.81 -19.71 -6.53
C GLN D 427 -24.79 -19.11 -7.49
N LEU D 428 -24.11 -18.06 -7.07
CA LEU D 428 -23.07 -17.44 -7.90
C LEU D 428 -21.74 -18.14 -7.74
N LEU D 429 -21.68 -19.19 -6.93
CA LEU D 429 -20.48 -19.96 -6.74
C LEU D 429 -20.28 -20.97 -7.87
N PRO D 430 -19.05 -21.49 -8.02
CA PRO D 430 -18.76 -22.44 -9.09
C PRO D 430 -19.55 -23.75 -8.95
N GLU D 431 -19.93 -24.37 -10.06
CA GLU D 431 -20.61 -25.69 -10.01
C GLU D 431 -19.65 -26.84 -10.09
N LYS D 432 -18.45 -26.59 -10.61
CA LYS D 432 -17.37 -27.57 -10.61
C LYS D 432 -16.18 -26.94 -9.90
N PHE D 433 -15.29 -27.77 -9.39
CA PHE D 433 -14.10 -27.31 -8.66
C PHE D 433 -12.77 -27.83 -9.20
N ALA D 434 -12.80 -28.40 -10.42
CA ALA D 434 -11.62 -28.92 -11.13
C ALA D 434 -11.83 -28.83 -12.64
N GLU D 435 -10.73 -28.61 -13.37
CA GLU D 435 -10.71 -28.57 -14.84
C GLU D 435 -9.27 -28.70 -15.35
N GLN D 436 -9.11 -28.83 -16.67
CA GLN D 436 -7.80 -29.01 -17.27
C GLN D 436 -7.61 -27.99 -18.37
N LEU D 437 -6.39 -27.44 -18.43
CA LEU D 437 -5.99 -26.52 -19.48
C LEU D 437 -4.91 -27.18 -20.29
N ILE D 438 -4.97 -27.02 -21.60
CA ILE D 438 -4.01 -27.65 -22.49
C ILE D 438 -3.41 -26.55 -23.32
N ARG D 439 -2.09 -26.34 -23.13
CA ARG D 439 -1.34 -25.37 -23.91
C ARG D 439 -0.48 -26.12 -24.87
N VAL D 440 -0.39 -25.57 -26.07
CA VAL D 440 0.45 -26.15 -27.09
C VAL D 440 1.48 -25.10 -27.51
N TYR D 441 2.74 -25.54 -27.63
CA TYR D 441 3.81 -24.71 -28.11
C TYR D 441 4.50 -25.39 -29.28
N CYS D 442 5.20 -24.58 -30.08
CA CYS D 442 6.00 -25.11 -31.18
C CYS D 442 7.47 -24.77 -31.01
N LYS D 443 8.34 -25.74 -31.20
CA LYS D 443 9.79 -25.52 -31.15
C LYS D 443 10.37 -24.80 -32.37
N LYS D 444 9.68 -24.84 -33.51
CA LYS D 444 10.11 -24.12 -34.71
C LYS D 444 9.44 -22.75 -34.63
N VAL D 445 10.25 -21.70 -34.62
CA VAL D 445 9.73 -20.36 -34.29
C VAL D 445 9.47 -19.48 -35.52
N ASP D 446 9.84 -19.94 -36.72
CA ASP D 446 9.71 -19.12 -37.92
C ASP D 446 8.26 -18.90 -38.29
N ARG D 447 7.99 -17.83 -39.04
CA ARG D 447 6.62 -17.43 -39.37
C ARG D 447 5.81 -18.53 -40.04
N LYS D 448 6.41 -19.18 -41.03
CA LYS D 448 5.71 -20.23 -41.75
C LYS D 448 5.46 -21.45 -40.87
N SER D 449 6.42 -21.84 -40.05
CA SER D 449 6.24 -22.93 -39.11
C SER D 449 5.13 -22.62 -38.12
N LEU D 450 5.13 -21.40 -37.62
CA LEU D 450 4.14 -20.98 -36.64
C LEU D 450 2.71 -21.03 -37.20
N TYR D 451 2.54 -20.55 -38.44
CA TYR D 451 1.27 -20.61 -39.14
C TYR D 451 0.78 -22.04 -39.26
N ALA D 452 1.70 -22.93 -39.62
CA ALA D 452 1.37 -24.34 -39.78
C ALA D 452 0.95 -24.93 -38.44
N ALA D 453 1.69 -24.61 -37.40
CA ALA D 453 1.42 -25.14 -36.07
C ALA D 453 0.03 -24.76 -35.59
N ARG D 454 -0.41 -23.56 -35.94
CA ARG D 454 -1.76 -23.12 -35.59
C ARG D 454 -2.83 -23.96 -36.27
N GLN D 455 -2.58 -24.36 -37.51
CA GLN D 455 -3.54 -25.15 -38.25
C GLN D 455 -3.65 -26.54 -37.65
N TYR D 456 -2.50 -27.16 -37.37
CA TYR D 456 -2.50 -28.46 -36.71
C TYR D 456 -3.25 -28.40 -35.39
N PHE D 457 -2.97 -27.35 -34.63
CA PHE D 457 -3.51 -27.20 -33.29
C PHE D 457 -5.03 -27.13 -33.31
N VAL D 458 -5.54 -26.21 -34.12
CA VAL D 458 -6.97 -25.95 -34.14
C VAL D 458 -7.70 -27.16 -34.69
N GLN D 459 -7.10 -27.80 -35.70
CA GLN D 459 -7.67 -29.00 -36.28
C GLN D 459 -7.76 -30.06 -35.23
N TRP D 460 -6.66 -30.21 -34.48
CA TRP D 460 -6.57 -31.19 -33.41
C TRP D 460 -7.57 -30.94 -32.29
N CYS D 461 -7.92 -29.68 -32.01
CA CYS D 461 -9.00 -29.35 -31.06
C CYS D 461 -10.36 -29.78 -31.57
N ALA D 462 -10.63 -29.45 -32.84
CA ALA D 462 -11.85 -29.86 -33.51
C ALA D 462 -11.98 -31.38 -33.56
N ASP D 463 -10.93 -32.05 -34.02
CA ASP D 463 -10.92 -33.51 -34.08
C ASP D 463 -11.25 -34.12 -32.74
N ARG D 464 -10.81 -33.51 -31.65
CA ARG D 464 -11.03 -34.09 -30.34
C ARG D 464 -12.17 -33.47 -29.58
N ASN D 465 -12.88 -32.55 -30.23
CA ASN D 465 -14.07 -31.95 -29.64
C ASN D 465 -13.72 -31.17 -28.36
N PHE D 466 -12.53 -30.60 -28.36
CA PHE D 466 -12.11 -29.72 -27.28
C PHE D 466 -12.76 -28.37 -27.53
N THR D 467 -12.63 -27.47 -26.57
CA THR D 467 -13.24 -26.15 -26.70
C THR D 467 -12.56 -25.31 -27.78
N LYS D 468 -13.31 -24.43 -28.41
CA LYS D 468 -12.75 -23.57 -29.44
C LYS D 468 -11.79 -22.56 -28.83
N PRO D 469 -10.52 -22.56 -29.27
CA PRO D 469 -9.57 -21.56 -28.79
C PRO D 469 -10.07 -20.15 -29.02
N GLN D 470 -9.73 -19.27 -28.09
CA GLN D 470 -10.27 -17.93 -28.05
C GLN D 470 -9.99 -17.14 -29.33
N ASP D 471 -8.81 -17.34 -29.89
CA ASP D 471 -8.40 -16.65 -31.11
C ASP D 471 -8.55 -17.51 -32.36
N GLY D 472 -9.32 -18.59 -32.25
CA GLY D 472 -9.40 -19.61 -33.30
C GLY D 472 -9.75 -19.10 -34.69
N ASP D 473 -10.71 -18.19 -34.74
CA ASP D 473 -11.17 -17.64 -36.01
C ASP D 473 -10.13 -16.76 -36.66
N VAL D 474 -9.20 -16.26 -35.86
CA VAL D 474 -8.14 -15.42 -36.38
C VAL D 474 -6.94 -16.27 -36.82
N ILE D 475 -6.50 -17.17 -35.96
CA ILE D 475 -5.31 -17.97 -36.27
C ILE D 475 -5.57 -19.09 -37.27
N ALA D 476 -6.83 -19.54 -37.39
CA ALA D 476 -7.18 -20.64 -38.28
C ALA D 476 -8.58 -20.44 -38.87
N PRO D 477 -8.74 -19.38 -39.67
CA PRO D 477 -10.06 -19.03 -40.23
C PRO D 477 -10.65 -20.11 -41.15
N LEU D 478 -9.78 -20.91 -41.76
CA LEU D 478 -10.23 -21.93 -42.68
C LEU D 478 -10.66 -23.18 -41.94
N ILE D 479 -10.17 -23.39 -40.72
CA ILE D 479 -10.47 -24.60 -39.96
C ILE D 479 -11.75 -24.47 -39.12
N THR D 480 -11.94 -23.32 -38.47
CA THR D 480 -13.02 -23.15 -37.49
C THR D 480 -14.44 -23.31 -38.07
N PRO D 481 -14.67 -22.91 -39.34
CA PRO D 481 -15.99 -23.11 -39.94
C PRO D 481 -16.46 -24.57 -40.02
N GLN D 482 -15.54 -25.52 -40.19
CA GLN D 482 -15.90 -26.93 -40.31
C GLN D 482 -16.67 -27.46 -39.10
N LYS D 483 -16.31 -26.98 -37.91
CA LYS D 483 -16.92 -27.47 -36.68
C LYS D 483 -18.21 -26.69 -36.43
N LYS D 484 -19.35 -27.41 -36.48
CA LYS D 484 -20.67 -26.78 -36.39
C LYS D 484 -20.92 -26.21 -34.99
N GLU D 485 -20.48 -26.99 -34.00
CA GLU D 485 -20.63 -26.66 -32.57
C GLU D 485 -20.08 -25.27 -32.30
N TRP D 486 -18.91 -25.03 -32.86
CA TRP D 486 -18.22 -23.76 -32.67
C TRP D 486 -18.95 -22.59 -33.34
N ASN D 487 -19.59 -22.86 -34.49
CA ASN D 487 -20.36 -21.91 -35.32
C ASN D 487 -19.80 -21.90 -36.73
#